data_8VWO
# 
_entry.id   8VWO 
# 
_audit_conform.dict_name       mmcif_pdbx.dic 
_audit_conform.dict_version    5.404 
_audit_conform.dict_location   http://mmcif.pdb.org/dictionaries/ascii/mmcif_pdbx.dic 
# 
loop_
_database_2.database_id 
_database_2.database_code 
_database_2.pdbx_database_accession 
_database_2.pdbx_DOI 
PDB   8VWO         pdb_00008vwo 10.2210/pdb8vwo/pdb 
WWPDB D_1000281335 ?            ?                   
# 
loop_
_pdbx_audit_revision_history.ordinal 
_pdbx_audit_revision_history.data_content_type 
_pdbx_audit_revision_history.major_revision 
_pdbx_audit_revision_history.minor_revision 
_pdbx_audit_revision_history.revision_date 
_pdbx_audit_revision_history.part_number 
1 'Structure model' 1 0 2025-07-09 ? 
2 'Structure model' 1 1 2025-07-16 ? 
# 
_pdbx_audit_revision_details.ordinal             1 
_pdbx_audit_revision_details.revision_ordinal    1 
_pdbx_audit_revision_details.data_content_type   'Structure model' 
_pdbx_audit_revision_details.provider            repository 
_pdbx_audit_revision_details.type                'Initial release' 
_pdbx_audit_revision_details.description         ? 
_pdbx_audit_revision_details.details             ? 
# 
_pdbx_audit_revision_group.ordinal             1 
_pdbx_audit_revision_group.revision_ordinal    2 
_pdbx_audit_revision_group.data_content_type   'Structure model' 
_pdbx_audit_revision_group.group               'Database references' 
# 
_pdbx_audit_revision_category.ordinal             1 
_pdbx_audit_revision_category.revision_ordinal    2 
_pdbx_audit_revision_category.data_content_type   'Structure model' 
_pdbx_audit_revision_category.category            citation 
# 
loop_
_pdbx_audit_revision_item.ordinal 
_pdbx_audit_revision_item.revision_ordinal 
_pdbx_audit_revision_item.data_content_type 
_pdbx_audit_revision_item.item 
1 2 'Structure model' '_citation.page_last'               
2 2 'Structure model' '_citation.pdbx_database_id_PubMed' 
3 2 'Structure model' '_citation.title'                   
# 
_pdbx_database_status.status_code                     REL 
_pdbx_database_status.status_code_sf                  REL 
_pdbx_database_status.status_code_mr                  ? 
_pdbx_database_status.entry_id                        8VWO 
_pdbx_database_status.recvd_initial_deposition_date   2024-02-01 
_pdbx_database_status.SG_entry                        N 
_pdbx_database_status.deposit_site                    RCSB 
_pdbx_database_status.process_site                    RCSB 
_pdbx_database_status.status_code_cs                  ? 
_pdbx_database_status.status_code_nmr_data            ? 
_pdbx_database_status.methods_development_category    ? 
_pdbx_database_status.pdb_format_compatible           Y 
# 
_pdbx_contact_author.id                 2 
_pdbx_contact_author.email              kylie.walters@nih.gov 
_pdbx_contact_author.name_first         Kylie 
_pdbx_contact_author.name_last          Walters 
_pdbx_contact_author.name_mi            J 
_pdbx_contact_author.role               'principal investigator/group leader' 
_pdbx_contact_author.identifier_ORCID   0000-0001-7590-2891 
# 
loop_
_audit_author.name 
_audit_author.pdbx_ordinal 
_audit_author.identifier_ORCID 
'Chandravanshi, M.' 1 0000-0003-3049-4649 
'Walters, K.J.'     2 0000-0001-7590-2891 
# 
_citation.abstract                  ? 
_citation.abstract_id_CAS           ? 
_citation.book_id_ISBN              ? 
_citation.book_publisher            ? 
_citation.book_publisher_city       ? 
_citation.book_title                ? 
_citation.coordinate_linkage        ? 
_citation.country                   UK 
_citation.database_id_Medline       ? 
_citation.details                   ? 
_citation.id                        primary 
_citation.journal_abbrev            'Nat Commun' 
_citation.journal_id_ASTM           ? 
_citation.journal_id_CSD            ? 
_citation.journal_id_ISSN           2041-1723 
_citation.journal_full              ? 
_citation.journal_issue             ? 
_citation.journal_volume            16 
_citation.language                  ? 
_citation.page_first                5669 
_citation.page_last                 5669 
_citation.title                     'An adaptive peptide-binding site in ubiquitin receptor hRpn13 revealed by structural studies.' 
_citation.year                      2025 
_citation.database_id_CSD           ? 
_citation.pdbx_database_id_DOI      10.1038/s41467-025-60843-w 
_citation.pdbx_database_id_PubMed   40595513 
_citation.pdbx_database_id_patent   ? 
_citation.unpublished_flag          ? 
# 
loop_
_citation_author.citation_id 
_citation_author.name 
_citation_author.ordinal 
_citation_author.identifier_ORCID 
primary 'Hassan, B.'        1 ? 
primary 'Chandravanshi, M.' 2 ? 
primary 'Ng, M.Y.'          3 ? 
primary 'Negi, H.'          4 ? 
primary 'Wilson, B.A.P.'    5 ? 
primary 'Walters, K.J.'     6 ? 
# 
loop_
_entity.id 
_entity.type 
_entity.src_method 
_entity.pdbx_description 
_entity.formula_weight 
_entity.pdbx_number_of_molecules 
_entity.pdbx_ec 
_entity.pdbx_mutation 
_entity.pdbx_fragment 
_entity.details 
1 polymer     man 'Proteasomal ubiquitin receptor ADRM1' 16742.045 1  ? None ? ? 
2 polymer     man GLY-PRO-GLY-SER-MET-THR-THR            649.715   1  ? None ? ? 
3 non-polymer syn 'ACETATE ION'                          59.044    1  ? ?    ? ? 
4 non-polymer syn 1,2-ETHANEDIOL                         62.068    1  ? ?    ? ? 
5 water       nat water                                  18.015    61 ? ?    ? ? 
# 
_entity_name_com.entity_id   1 
_entity_name_com.name        
;110 kDa cell membrane glycoprotein,Gp110,Adhesion-regulating molecule 1,ARM-1,Proteasome regulatory particle non-ATPase 13,hRpn13,Rpn13 homolog
;
# 
loop_
_entity_poly.entity_id 
_entity_poly.type 
_entity_poly.nstd_linkage 
_entity_poly.nstd_monomer 
_entity_poly.pdbx_seq_one_letter_code 
_entity_poly.pdbx_seq_one_letter_code_can 
_entity_poly.pdbx_strand_id 
_entity_poly.pdbx_target_identifier 
1 'polypeptide(L)' no no 
;MTTSGALFPSLVPGSRGASNKYLVEFRAGKMSLKGTTVTPDKRKGLVYIQQTDDSLIHFCWKDRTSGNVEDDLIIFPDDC
EFKRVPQCPSGRVYVLKFKAGSKRLFFWMQEPKTDQDEEHCRKVNEYLNNPPMPGALGASGSSGHELSAL
;
;MTTSGALFPSLVPGSRGASNKYLVEFRAGKMSLKGTTVTPDKRKGLVYIQQTDDSLIHFCWKDRTSGNVEDDLIIFPDDC
EFKRVPQCPSGRVYVLKFKAGSKRLFFWMQEPKTDQDEEHCRKVNEYLNNPPMPGALGASGSSGHELSAL
;
A ? 
2 'polypeptide(L)' no no GPGSMTT GPGSMTT B ? 
# 
loop_
_pdbx_entity_nonpoly.entity_id 
_pdbx_entity_nonpoly.name 
_pdbx_entity_nonpoly.comp_id 
3 'ACETATE ION'  ACT 
4 1,2-ETHANEDIOL EDO 
5 water          HOH 
# 
loop_
_entity_poly_seq.entity_id 
_entity_poly_seq.num 
_entity_poly_seq.mon_id 
_entity_poly_seq.hetero 
1 1   MET n 
1 2   THR n 
1 3   THR n 
1 4   SER n 
1 5   GLY n 
1 6   ALA n 
1 7   LEU n 
1 8   PHE n 
1 9   PRO n 
1 10  SER n 
1 11  LEU n 
1 12  VAL n 
1 13  PRO n 
1 14  GLY n 
1 15  SER n 
1 16  ARG n 
1 17  GLY n 
1 18  ALA n 
1 19  SER n 
1 20  ASN n 
1 21  LYS n 
1 22  TYR n 
1 23  LEU n 
1 24  VAL n 
1 25  GLU n 
1 26  PHE n 
1 27  ARG n 
1 28  ALA n 
1 29  GLY n 
1 30  LYS n 
1 31  MET n 
1 32  SER n 
1 33  LEU n 
1 34  LYS n 
1 35  GLY n 
1 36  THR n 
1 37  THR n 
1 38  VAL n 
1 39  THR n 
1 40  PRO n 
1 41  ASP n 
1 42  LYS n 
1 43  ARG n 
1 44  LYS n 
1 45  GLY n 
1 46  LEU n 
1 47  VAL n 
1 48  TYR n 
1 49  ILE n 
1 50  GLN n 
1 51  GLN n 
1 52  THR n 
1 53  ASP n 
1 54  ASP n 
1 55  SER n 
1 56  LEU n 
1 57  ILE n 
1 58  HIS n 
1 59  PHE n 
1 60  CYS n 
1 61  TRP n 
1 62  LYS n 
1 63  ASP n 
1 64  ARG n 
1 65  THR n 
1 66  SER n 
1 67  GLY n 
1 68  ASN n 
1 69  VAL n 
1 70  GLU n 
1 71  ASP n 
1 72  ASP n 
1 73  LEU n 
1 74  ILE n 
1 75  ILE n 
1 76  PHE n 
1 77  PRO n 
1 78  ASP n 
1 79  ASP n 
1 80  CYS n 
1 81  GLU n 
1 82  PHE n 
1 83  LYS n 
1 84  ARG n 
1 85  VAL n 
1 86  PRO n 
1 87  GLN n 
1 88  CYS n 
1 89  PRO n 
1 90  SER n 
1 91  GLY n 
1 92  ARG n 
1 93  VAL n 
1 94  TYR n 
1 95  VAL n 
1 96  LEU n 
1 97  LYS n 
1 98  PHE n 
1 99  LYS n 
1 100 ALA n 
1 101 GLY n 
1 102 SER n 
1 103 LYS n 
1 104 ARG n 
1 105 LEU n 
1 106 PHE n 
1 107 PHE n 
1 108 TRP n 
1 109 MET n 
1 110 GLN n 
1 111 GLU n 
1 112 PRO n 
1 113 LYS n 
1 114 THR n 
1 115 ASP n 
1 116 GLN n 
1 117 ASP n 
1 118 GLU n 
1 119 GLU n 
1 120 HIS n 
1 121 CYS n 
1 122 ARG n 
1 123 LYS n 
1 124 VAL n 
1 125 ASN n 
1 126 GLU n 
1 127 TYR n 
1 128 LEU n 
1 129 ASN n 
1 130 ASN n 
1 131 PRO n 
1 132 PRO n 
1 133 MET n 
1 134 PRO n 
1 135 GLY n 
1 136 ALA n 
1 137 LEU n 
1 138 GLY n 
1 139 ALA n 
1 140 SER n 
1 141 GLY n 
1 142 SER n 
1 143 SER n 
1 144 GLY n 
1 145 HIS n 
1 146 GLU n 
1 147 LEU n 
1 148 SER n 
1 149 ALA n 
1 150 LEU n 
2 1   GLY n 
2 2   PRO n 
2 3   GLY n 
2 4   SER n 
2 5   MET n 
2 6   THR n 
2 7   THR n 
# 
loop_
_entity_src_gen.entity_id 
_entity_src_gen.pdbx_src_id 
_entity_src_gen.pdbx_alt_source_flag 
_entity_src_gen.pdbx_seq_type 
_entity_src_gen.pdbx_beg_seq_num 
_entity_src_gen.pdbx_end_seq_num 
_entity_src_gen.gene_src_common_name 
_entity_src_gen.gene_src_genus 
_entity_src_gen.pdbx_gene_src_gene 
_entity_src_gen.gene_src_species 
_entity_src_gen.gene_src_strain 
_entity_src_gen.gene_src_tissue 
_entity_src_gen.gene_src_tissue_fraction 
_entity_src_gen.gene_src_details 
_entity_src_gen.pdbx_gene_src_fragment 
_entity_src_gen.pdbx_gene_src_scientific_name 
_entity_src_gen.pdbx_gene_src_ncbi_taxonomy_id 
_entity_src_gen.pdbx_gene_src_variant 
_entity_src_gen.pdbx_gene_src_cell_line 
_entity_src_gen.pdbx_gene_src_atcc 
_entity_src_gen.pdbx_gene_src_organ 
_entity_src_gen.pdbx_gene_src_organelle 
_entity_src_gen.pdbx_gene_src_cell 
_entity_src_gen.pdbx_gene_src_cellular_location 
_entity_src_gen.host_org_common_name 
_entity_src_gen.pdbx_host_org_scientific_name 
_entity_src_gen.pdbx_host_org_ncbi_taxonomy_id 
_entity_src_gen.host_org_genus 
_entity_src_gen.pdbx_host_org_gene 
_entity_src_gen.pdbx_host_org_organ 
_entity_src_gen.host_org_species 
_entity_src_gen.pdbx_host_org_tissue 
_entity_src_gen.pdbx_host_org_tissue_fraction 
_entity_src_gen.pdbx_host_org_strain 
_entity_src_gen.pdbx_host_org_variant 
_entity_src_gen.pdbx_host_org_cell_line 
_entity_src_gen.pdbx_host_org_atcc 
_entity_src_gen.pdbx_host_org_culture_collection 
_entity_src_gen.pdbx_host_org_cell 
_entity_src_gen.pdbx_host_org_organelle 
_entity_src_gen.pdbx_host_org_cellular_location 
_entity_src_gen.pdbx_host_org_vector_type 
_entity_src_gen.pdbx_host_org_vector 
_entity_src_gen.host_org_details 
_entity_src_gen.expression_system_id 
_entity_src_gen.plasmid_name 
_entity_src_gen.plasmid_details 
_entity_src_gen.pdbx_description 
1 1 sample 'Biological sequence' 1 150 human ? 'ADRM1, GP110' ? ? ? ? ? ? 'Homo sapiens' 9606 ? ? ? ? ? ? ? ? 
'Escherichia coli BL21(DE3)' 469008 ? ? ? ? ? ? ? pLysS ? ? ? ? ? ? 'Plasmid (pRSET)' ? ?                 ? ? ? ? 
2 1 sample 'Biological sequence' 1 7   ?     ? ADRM1          ? ? ? ? ? ? 'Homo sapiens' 9606 ? ? ? ? ? ? ? ? 
'Escherichia coli BL21(DE3)' 469008 ? ? ? ? ? ? ? pLysS ? ? ? ? ? ? ?                 ? 'Plasmid (pRSET)' ? ? ? ? 
# 
loop_
_chem_comp.id 
_chem_comp.type 
_chem_comp.mon_nstd_flag 
_chem_comp.name 
_chem_comp.pdbx_synonyms 
_chem_comp.formula 
_chem_comp.formula_weight 
ACT non-polymer         . 'ACETATE ION'   ?                 'C2 H3 O2 -1'    59.044  
ALA 'L-peptide linking' y ALANINE         ?                 'C3 H7 N O2'     89.093  
ARG 'L-peptide linking' y ARGININE        ?                 'C6 H15 N4 O2 1' 175.209 
ASN 'L-peptide linking' y ASPARAGINE      ?                 'C4 H8 N2 O3'    132.118 
ASP 'L-peptide linking' y 'ASPARTIC ACID' ?                 'C4 H7 N O4'     133.103 
CYS 'L-peptide linking' y CYSTEINE        ?                 'C3 H7 N O2 S'   121.158 
EDO non-polymer         . 1,2-ETHANEDIOL  'ETHYLENE GLYCOL' 'C2 H6 O2'       62.068  
GLN 'L-peptide linking' y GLUTAMINE       ?                 'C5 H10 N2 O3'   146.144 
GLU 'L-peptide linking' y 'GLUTAMIC ACID' ?                 'C5 H9 N O4'     147.129 
GLY 'peptide linking'   y GLYCINE         ?                 'C2 H5 N O2'     75.067  
HIS 'L-peptide linking' y HISTIDINE       ?                 'C6 H10 N3 O2 1' 156.162 
HOH non-polymer         . WATER           ?                 'H2 O'           18.015  
ILE 'L-peptide linking' y ISOLEUCINE      ?                 'C6 H13 N O2'    131.173 
LEU 'L-peptide linking' y LEUCINE         ?                 'C6 H13 N O2'    131.173 
LYS 'L-peptide linking' y LYSINE          ?                 'C6 H15 N2 O2 1' 147.195 
MET 'L-peptide linking' y METHIONINE      ?                 'C5 H11 N O2 S'  149.211 
PHE 'L-peptide linking' y PHENYLALANINE   ?                 'C9 H11 N O2'    165.189 
PRO 'L-peptide linking' y PROLINE         ?                 'C5 H9 N O2'     115.130 
SER 'L-peptide linking' y SERINE          ?                 'C3 H7 N O3'     105.093 
THR 'L-peptide linking' y THREONINE       ?                 'C4 H9 N O3'     119.119 
TRP 'L-peptide linking' y TRYPTOPHAN      ?                 'C11 H12 N2 O2'  204.225 
TYR 'L-peptide linking' y TYROSINE        ?                 'C9 H11 N O3'    181.189 
VAL 'L-peptide linking' y VALINE          ?                 'C5 H11 N O2'    117.146 
# 
loop_
_pdbx_poly_seq_scheme.asym_id 
_pdbx_poly_seq_scheme.entity_id 
_pdbx_poly_seq_scheme.seq_id 
_pdbx_poly_seq_scheme.mon_id 
_pdbx_poly_seq_scheme.ndb_seq_num 
_pdbx_poly_seq_scheme.pdb_seq_num 
_pdbx_poly_seq_scheme.auth_seq_num 
_pdbx_poly_seq_scheme.pdb_mon_id 
_pdbx_poly_seq_scheme.auth_mon_id 
_pdbx_poly_seq_scheme.pdb_strand_id 
_pdbx_poly_seq_scheme.pdb_ins_code 
_pdbx_poly_seq_scheme.hetero 
A 1 1   MET 1   1   ?   ?   ?   A . n 
A 1 2   THR 2   2   ?   ?   ?   A . n 
A 1 3   THR 3   3   ?   ?   ?   A . n 
A 1 4   SER 4   4   ?   ?   ?   A . n 
A 1 5   GLY 5   5   ?   ?   ?   A . n 
A 1 6   ALA 6   6   ?   ?   ?   A . n 
A 1 7   LEU 7   7   ?   ?   ?   A . n 
A 1 8   PHE 8   8   ?   ?   ?   A . n 
A 1 9   PRO 9   9   ?   ?   ?   A . n 
A 1 10  SER 10  10  ?   ?   ?   A . n 
A 1 11  LEU 11  11  ?   ?   ?   A . n 
A 1 12  VAL 12  12  ?   ?   ?   A . n 
A 1 13  PRO 13  13  ?   ?   ?   A . n 
A 1 14  GLY 14  14  ?   ?   ?   A . n 
A 1 15  SER 15  15  ?   ?   ?   A . n 
A 1 16  ARG 16  16  ?   ?   ?   A . n 
A 1 17  GLY 17  17  ?   ?   ?   A . n 
A 1 18  ALA 18  18  ?   ?   ?   A . n 
A 1 19  SER 19  19  ?   ?   ?   A . n 
A 1 20  ASN 20  20  ?   ?   ?   A . n 
A 1 21  LYS 21  21  21  LYS LYS A . n 
A 1 22  TYR 22  22  22  TYR TYR A . n 
A 1 23  LEU 23  23  23  LEU LEU A . n 
A 1 24  VAL 24  24  24  VAL VAL A . n 
A 1 25  GLU 25  25  25  GLU GLU A . n 
A 1 26  PHE 26  26  26  PHE PHE A . n 
A 1 27  ARG 27  27  27  ARG ARG A . n 
A 1 28  ALA 28  28  28  ALA ALA A . n 
A 1 29  GLY 29  29  29  GLY GLY A . n 
A 1 30  LYS 30  30  30  LYS LYS A . n 
A 1 31  MET 31  31  31  MET MET A . n 
A 1 32  SER 32  32  32  SER SER A . n 
A 1 33  LEU 33  33  33  LEU LEU A . n 
A 1 34  LYS 34  34  34  LYS LYS A . n 
A 1 35  GLY 35  35  35  GLY GLY A . n 
A 1 36  THR 36  36  36  THR THR A . n 
A 1 37  THR 37  37  37  THR THR A . n 
A 1 38  VAL 38  38  38  VAL VAL A . n 
A 1 39  THR 39  39  39  THR THR A . n 
A 1 40  PRO 40  40  40  PRO PRO A . n 
A 1 41  ASP 41  41  41  ASP ASP A . n 
A 1 42  LYS 42  42  42  LYS LYS A . n 
A 1 43  ARG 43  43  43  ARG ARG A . n 
A 1 44  LYS 44  44  44  LYS LYS A . n 
A 1 45  GLY 45  45  45  GLY GLY A . n 
A 1 46  LEU 46  46  46  LEU LEU A . n 
A 1 47  VAL 47  47  47  VAL VAL A . n 
A 1 48  TYR 48  48  48  TYR TYR A . n 
A 1 49  ILE 49  49  49  ILE ILE A . n 
A 1 50  GLN 50  50  50  GLN GLN A . n 
A 1 51  GLN 51  51  51  GLN GLN A . n 
A 1 52  THR 52  52  52  THR THR A . n 
A 1 53  ASP 53  53  53  ASP ASP A . n 
A 1 54  ASP 54  54  54  ASP ASP A . n 
A 1 55  SER 55  55  55  SER SER A . n 
A 1 56  LEU 56  56  56  LEU LEU A . n 
A 1 57  ILE 57  57  57  ILE ILE A . n 
A 1 58  HIS 58  58  58  HIS HIS A . n 
A 1 59  PHE 59  59  59  PHE PHE A . n 
A 1 60  CYS 60  60  60  CYS CYS A . n 
A 1 61  TRP 61  61  61  TRP TRP A . n 
A 1 62  LYS 62  62  62  LYS LYS A . n 
A 1 63  ASP 63  63  63  ASP ASP A . n 
A 1 64  ARG 64  64  64  ARG ARG A . n 
A 1 65  THR 65  65  65  THR THR A . n 
A 1 66  SER 66  66  66  SER SER A . n 
A 1 67  GLY 67  67  67  GLY GLY A . n 
A 1 68  ASN 68  68  68  ASN ASN A . n 
A 1 69  VAL 69  69  69  VAL VAL A . n 
A 1 70  GLU 70  70  70  GLU GLU A . n 
A 1 71  ASP 71  71  71  ASP ASP A . n 
A 1 72  ASP 72  72  72  ASP ASP A . n 
A 1 73  LEU 73  73  73  LEU LEU A . n 
A 1 74  ILE 74  74  74  ILE ILE A . n 
A 1 75  ILE 75  75  75  ILE ILE A . n 
A 1 76  PHE 76  76  76  PHE PHE A . n 
A 1 77  PRO 77  77  77  PRO PRO A . n 
A 1 78  ASP 78  78  78  ASP ASP A . n 
A 1 79  ASP 79  79  79  ASP ASP A . n 
A 1 80  CYS 80  80  80  CYS CYS A . n 
A 1 81  GLU 81  81  81  GLU GLU A . n 
A 1 82  PHE 82  82  82  PHE PHE A . n 
A 1 83  LYS 83  83  83  LYS LYS A . n 
A 1 84  ARG 84  84  84  ARG ARG A . n 
A 1 85  VAL 85  85  85  VAL VAL A . n 
A 1 86  PRO 86  86  86  PRO PRO A . n 
A 1 87  GLN 87  87  87  GLN GLN A . n 
A 1 88  CYS 88  88  88  CYS CYS A . n 
A 1 89  PRO 89  89  89  PRO PRO A . n 
A 1 90  SER 90  90  90  SER SER A . n 
A 1 91  GLY 91  91  91  GLY GLY A . n 
A 1 92  ARG 92  92  92  ARG ARG A . n 
A 1 93  VAL 93  93  93  VAL VAL A . n 
A 1 94  TYR 94  94  94  TYR TYR A . n 
A 1 95  VAL 95  95  95  VAL VAL A . n 
A 1 96  LEU 96  96  96  LEU LEU A . n 
A 1 97  LYS 97  97  97  LYS LYS A . n 
A 1 98  PHE 98  98  98  PHE PHE A . n 
A 1 99  LYS 99  99  99  LYS LYS A . n 
A 1 100 ALA 100 100 100 ALA ALA A . n 
A 1 101 GLY 101 101 101 GLY GLY A . n 
A 1 102 SER 102 102 102 SER SER A . n 
A 1 103 LYS 103 103 103 LYS LYS A . n 
A 1 104 ARG 104 104 104 ARG ARG A . n 
A 1 105 LEU 105 105 105 LEU LEU A . n 
A 1 106 PHE 106 106 106 PHE PHE A . n 
A 1 107 PHE 107 107 107 PHE PHE A . n 
A 1 108 TRP 108 108 108 TRP TRP A . n 
A 1 109 MET 109 109 109 MET MET A . n 
A 1 110 GLN 110 110 110 GLN GLN A . n 
A 1 111 GLU 111 111 111 GLU GLU A . n 
A 1 112 PRO 112 112 112 PRO PRO A . n 
A 1 113 LYS 113 113 113 LYS LYS A . n 
A 1 114 THR 114 114 114 THR THR A . n 
A 1 115 ASP 115 115 115 ASP ASP A . n 
A 1 116 GLN 116 116 116 GLN GLN A . n 
A 1 117 ASP 117 117 117 ASP ASP A . n 
A 1 118 GLU 118 118 118 GLU GLU A . n 
A 1 119 GLU 119 119 119 GLU GLU A . n 
A 1 120 HIS 120 120 120 HIS HIS A . n 
A 1 121 CYS 121 121 121 CYS CYS A . n 
A 1 122 ARG 122 122 122 ARG ARG A . n 
A 1 123 LYS 123 123 123 LYS LYS A . n 
A 1 124 VAL 124 124 124 VAL VAL A . n 
A 1 125 ASN 125 125 125 ASN ASN A . n 
A 1 126 GLU 126 126 126 GLU GLU A . n 
A 1 127 TYR 127 127 127 TYR TYR A . n 
A 1 128 LEU 128 128 128 LEU LEU A . n 
A 1 129 ASN 129 129 129 ASN ASN A . n 
A 1 130 ASN 130 130 130 ASN ASN A . n 
A 1 131 PRO 131 131 131 PRO PRO A . n 
A 1 132 PRO 132 132 132 PRO PRO A . n 
A 1 133 MET 133 133 ?   ?   ?   A . n 
A 1 134 PRO 134 134 ?   ?   ?   A . n 
A 1 135 GLY 135 135 ?   ?   ?   A . n 
A 1 136 ALA 136 136 ?   ?   ?   A . n 
A 1 137 LEU 137 137 ?   ?   ?   A . n 
A 1 138 GLY 138 138 ?   ?   ?   A . n 
A 1 139 ALA 139 139 ?   ?   ?   A . n 
A 1 140 SER 140 140 ?   ?   ?   A . n 
A 1 141 GLY 141 141 ?   ?   ?   A . n 
A 1 142 SER 142 142 ?   ?   ?   A . n 
A 1 143 SER 143 143 ?   ?   ?   A . n 
A 1 144 GLY 144 144 ?   ?   ?   A . n 
A 1 145 HIS 145 145 ?   ?   ?   A . n 
A 1 146 GLU 146 146 ?   ?   ?   A . n 
A 1 147 LEU 147 147 ?   ?   ?   A . n 
A 1 148 SER 148 148 ?   ?   ?   A . n 
A 1 149 ALA 149 149 ?   ?   ?   A . n 
A 1 150 LEU 150 150 ?   ?   ?   A . n 
B 2 1   GLY 1   0   0   GLY GLY B . n 
B 2 2   PRO 2   1   1   PRO PRO B . n 
B 2 3   GLY 3   2   2   GLY GLY B . n 
B 2 4   SER 4   3   3   SER SER B . n 
B 2 5   MET 5   4   4   MET MET B . n 
B 2 6   THR 6   5   5   THR THR B . n 
B 2 7   THR 7   6   6   THR THR B . n 
# 
loop_
_pdbx_nonpoly_scheme.asym_id 
_pdbx_nonpoly_scheme.entity_id 
_pdbx_nonpoly_scheme.mon_id 
_pdbx_nonpoly_scheme.ndb_seq_num 
_pdbx_nonpoly_scheme.pdb_seq_num 
_pdbx_nonpoly_scheme.auth_seq_num 
_pdbx_nonpoly_scheme.pdb_mon_id 
_pdbx_nonpoly_scheme.auth_mon_id 
_pdbx_nonpoly_scheme.pdb_strand_id 
_pdbx_nonpoly_scheme.pdb_ins_code 
C 3 ACT 1  201 201 ACT ACT A . 
D 4 EDO 1  202 202 EDO EDO A . 
E 5 HOH 1  301 47  HOH HOH A . 
E 5 HOH 2  302 9   HOH HOH A . 
E 5 HOH 3  303 32  HOH HOH A . 
E 5 HOH 4  304 44  HOH HOH A . 
E 5 HOH 5  305 40  HOH HOH A . 
E 5 HOH 6  306 7   HOH HOH A . 
E 5 HOH 7  307 52  HOH HOH A . 
E 5 HOH 8  308 27  HOH HOH A . 
E 5 HOH 9  309 33  HOH HOH A . 
E 5 HOH 10 310 23  HOH HOH A . 
E 5 HOH 11 311 11  HOH HOH A . 
E 5 HOH 12 312 35  HOH HOH A . 
E 5 HOH 13 313 12  HOH HOH A . 
E 5 HOH 14 314 8   HOH HOH A . 
E 5 HOH 15 315 28  HOH HOH A . 
E 5 HOH 16 316 21  HOH HOH A . 
E 5 HOH 17 317 17  HOH HOH A . 
E 5 HOH 18 318 20  HOH HOH A . 
E 5 HOH 19 319 29  HOH HOH A . 
E 5 HOH 20 320 6   HOH HOH A . 
E 5 HOH 21 321 13  HOH HOH A . 
E 5 HOH 22 322 26  HOH HOH A . 
E 5 HOH 23 323 46  HOH HOH A . 
E 5 HOH 24 324 53  HOH HOH A . 
E 5 HOH 25 325 22  HOH HOH A . 
E 5 HOH 26 326 3   HOH HOH A . 
E 5 HOH 27 327 48  HOH HOH A . 
E 5 HOH 28 328 2   HOH HOH A . 
E 5 HOH 29 329 55  HOH HOH A . 
E 5 HOH 30 330 15  HOH HOH A . 
E 5 HOH 31 331 19  HOH HOH A . 
E 5 HOH 32 332 38  HOH HOH A . 
E 5 HOH 33 333 24  HOH HOH A . 
E 5 HOH 34 334 5   HOH HOH A . 
E 5 HOH 35 335 36  HOH HOH A . 
E 5 HOH 36 336 43  HOH HOH A . 
E 5 HOH 37 337 50  HOH HOH A . 
E 5 HOH 38 338 18  HOH HOH A . 
E 5 HOH 39 339 45  HOH HOH A . 
E 5 HOH 40 340 1   HOH HOH A . 
E 5 HOH 41 341 54  HOH HOH A . 
E 5 HOH 42 342 10  HOH HOH A . 
E 5 HOH 43 343 30  HOH HOH A . 
E 5 HOH 44 344 49  HOH HOH A . 
E 5 HOH 45 345 37  HOH HOH A . 
E 5 HOH 46 346 16  HOH HOH A . 
E 5 HOH 47 347 25  HOH HOH A . 
E 5 HOH 48 348 4   HOH HOH A . 
E 5 HOH 49 349 34  HOH HOH A . 
E 5 HOH 50 350 51  HOH HOH A . 
E 5 HOH 51 351 31  HOH HOH A . 
E 5 HOH 52 352 59  HOH HOH A . 
E 5 HOH 53 353 62  HOH HOH A . 
E 5 HOH 54 354 41  HOH HOH A . 
E 5 HOH 55 355 61  HOH HOH A . 
E 5 HOH 56 356 60  HOH HOH A . 
E 5 HOH 57 357 56  HOH HOH A . 
E 5 HOH 58 358 58  HOH HOH A . 
E 5 HOH 59 359 57  HOH HOH A . 
F 5 HOH 1  101 14  HOH HOH B . 
F 5 HOH 2  102 39  HOH HOH B . 
# 
loop_
_software.citation_id 
_software.classification 
_software.compiler_name 
_software.compiler_version 
_software.contact_author 
_software.contact_author_email 
_software.date 
_software.description 
_software.dependencies 
_software.hardware 
_software.language 
_software.location 
_software.mods 
_software.name 
_software.os 
_software.os_version 
_software.type 
_software.version 
_software.pdbx_ordinal 
? 'data collection' ? ? ? ? ? ? ? ? ? ? ? SERGUI ? ? ? .       1 
? 'data reduction'  ? ? ? ? ? ? ? ? ? ? ? DIALS  ? ? ? .       2 
? 'model building'  ? ? ? ? ? ? ? ? ? ? ? Coot   ? ? ? .       3 
? refinement        ? ? ? ? ? ? ? ? ? ? ? REFMAC ? ? ? REFMAC5 4 
# 
_cell.angle_alpha                  90.000 
_cell.angle_alpha_esd              ? 
_cell.angle_beta                   90.000 
_cell.angle_beta_esd               ? 
_cell.angle_gamma                  90.000 
_cell.angle_gamma_esd              ? 
_cell.entry_id                     8VWO 
_cell.details                      ? 
_cell.formula_units_Z              ? 
_cell.length_a                     31.262 
_cell.length_a_esd                 ? 
_cell.length_b                     56.974 
_cell.length_b_esd                 ? 
_cell.length_c                     77.793 
_cell.length_c_esd                 ? 
_cell.volume                       138558.761 
_cell.volume_esd                   ? 
_cell.Z_PDB                        4 
_cell.reciprocal_angle_alpha       ? 
_cell.reciprocal_angle_beta        ? 
_cell.reciprocal_angle_gamma       ? 
_cell.reciprocal_angle_alpha_esd   ? 
_cell.reciprocal_angle_beta_esd    ? 
_cell.reciprocal_angle_gamma_esd   ? 
_cell.reciprocal_length_a          ? 
_cell.reciprocal_length_b          ? 
_cell.reciprocal_length_c          ? 
_cell.reciprocal_length_a_esd      ? 
_cell.reciprocal_length_b_esd      ? 
_cell.reciprocal_length_c_esd      ? 
_cell.pdbx_unique_axis             ? 
_cell.pdbx_esd_method              ? 
# 
_symmetry.entry_id                         8VWO 
_symmetry.cell_setting                     ? 
_symmetry.Int_Tables_number                19 
_symmetry.space_group_name_Hall            'P 2ac 2ab' 
_symmetry.space_group_name_H-M             'P 21 21 21' 
_symmetry.pdbx_full_space_group_name_H-M   ? 
# 
_exptl.absorpt_coefficient_mu     ? 
_exptl.absorpt_correction_T_max   ? 
_exptl.absorpt_correction_T_min   ? 
_exptl.absorpt_correction_type    ? 
_exptl.absorpt_process_details    ? 
_exptl.entry_id                   8VWO 
_exptl.crystals_number            1 
_exptl.details                    ? 
_exptl.method                     'X-RAY DIFFRACTION' 
_exptl.method_details             ? 
# 
_exptl_crystal.colour                       ? 
_exptl_crystal.density_diffrn               ? 
_exptl_crystal.density_Matthews             1.96 
_exptl_crystal.density_method               ? 
_exptl_crystal.density_percent_sol          37.32 
_exptl_crystal.description                  ? 
_exptl_crystal.F_000                        ? 
_exptl_crystal.id                           1 
_exptl_crystal.preparation                  ? 
_exptl_crystal.size_max                     ? 
_exptl_crystal.size_mid                     ? 
_exptl_crystal.size_min                     ? 
_exptl_crystal.size_rad                     ? 
_exptl_crystal.colour_lustre                ? 
_exptl_crystal.colour_modifier              ? 
_exptl_crystal.colour_primary               ? 
_exptl_crystal.density_meas                 ? 
_exptl_crystal.density_meas_esd             ? 
_exptl_crystal.density_meas_gt              ? 
_exptl_crystal.density_meas_lt              ? 
_exptl_crystal.density_meas_temp            ? 
_exptl_crystal.density_meas_temp_esd        ? 
_exptl_crystal.density_meas_temp_gt         ? 
_exptl_crystal.density_meas_temp_lt         ? 
_exptl_crystal.pdbx_crystal_image_url       ? 
_exptl_crystal.pdbx_crystal_image_format    ? 
_exptl_crystal.pdbx_mosaicity               ? 
_exptl_crystal.pdbx_mosaicity_esd           ? 
_exptl_crystal.pdbx_mosaic_method           ? 
_exptl_crystal.pdbx_mosaic_block_size       ? 
_exptl_crystal.pdbx_mosaic_block_size_esd   ? 
# 
_exptl_crystal_grow.apparatus       ? 
_exptl_crystal_grow.atmosphere      ? 
_exptl_crystal_grow.crystal_id      1 
_exptl_crystal_grow.details         ? 
_exptl_crystal_grow.method          MICROBATCH 
_exptl_crystal_grow.method_ref      ? 
_exptl_crystal_grow.pH              4.6 
_exptl_crystal_grow.pressure        ? 
_exptl_crystal_grow.pressure_esd    ? 
_exptl_crystal_grow.seeding         ? 
_exptl_crystal_grow.seeding_ref     ? 
_exptl_crystal_grow.temp_details    ? 
_exptl_crystal_grow.temp_esd        ? 
_exptl_crystal_grow.time            ? 
_exptl_crystal_grow.pdbx_details    '0.1 M sodium acetate pH 4.6 and 22% PEG3350' 
_exptl_crystal_grow.pdbx_pH_range   ? 
_exptl_crystal_grow.temp            277.15 
# 
_diffrn.ambient_environment              ? 
_diffrn.ambient_temp                     100 
_diffrn.ambient_temp_details             ? 
_diffrn.ambient_temp_esd                 ? 
_diffrn.crystal_id                       1 
_diffrn.crystal_support                  ? 
_diffrn.crystal_treatment                ? 
_diffrn.details                          ? 
_diffrn.id                               1 
_diffrn.ambient_pressure                 ? 
_diffrn.ambient_pressure_esd             ? 
_diffrn.ambient_pressure_gt              ? 
_diffrn.ambient_pressure_lt              ? 
_diffrn.ambient_temp_gt                  ? 
_diffrn.ambient_temp_lt                  ? 
_diffrn.pdbx_serial_crystal_experiment   N 
# 
_diffrn_detector.details                      ? 
_diffrn_detector.detector                     PIXEL 
_diffrn_detector.diffrn_id                    1 
_diffrn_detector.type                         'DECTRIS EIGER X 16M' 
_diffrn_detector.area_resol_mean              ? 
_diffrn_detector.dtime                        ? 
_diffrn_detector.pdbx_frames_total            ? 
_diffrn_detector.pdbx_collection_time_total   ? 
_diffrn_detector.pdbx_collection_date         2021-12-14 
_diffrn_detector.pdbx_frequency               ? 
_diffrn_detector.id                           ? 
_diffrn_detector.number_of_axes               ? 
# 
_diffrn_radiation.collimation                      ? 
_diffrn_radiation.diffrn_id                        1 
_diffrn_radiation.filter_edge                      ? 
_diffrn_radiation.inhomogeneity                    ? 
_diffrn_radiation.monochromator                    M 
_diffrn_radiation.polarisn_norm                    ? 
_diffrn_radiation.polarisn_ratio                   ? 
_diffrn_radiation.probe                            ? 
_diffrn_radiation.type                             ? 
_diffrn_radiation.xray_symbol                      ? 
_diffrn_radiation.wavelength_id                    1 
_diffrn_radiation.pdbx_monochromatic_or_laue_m_l   M 
_diffrn_radiation.pdbx_wavelength_list             ? 
_diffrn_radiation.pdbx_wavelength                  ? 
_diffrn_radiation.pdbx_diffrn_protocol             'SINGLE WAVELENGTH' 
_diffrn_radiation.pdbx_analyzer                    ? 
_diffrn_radiation.pdbx_scattering_type             x-ray 
# 
_diffrn_radiation_wavelength.id           1 
_diffrn_radiation_wavelength.wavelength   0.979 
_diffrn_radiation_wavelength.wt           1.0 
# 
_diffrn_source.current                     ? 
_diffrn_source.details                     ? 
_diffrn_source.diffrn_id                   1 
_diffrn_source.power                       ? 
_diffrn_source.size                        ? 
_diffrn_source.source                      SYNCHROTRON 
_diffrn_source.target                      ? 
_diffrn_source.type                        'APS BEAMLINE 22-ID' 
_diffrn_source.voltage                     ? 
_diffrn_source.take-off_angle              ? 
_diffrn_source.pdbx_wavelength_list        0.979 
_diffrn_source.pdbx_wavelength             ? 
_diffrn_source.pdbx_synchrotron_beamline   22-ID 
_diffrn_source.pdbx_synchrotron_site       APS 
# 
_reflns.B_iso_Wilson_estimate                          17.78 
_reflns.entry_id                                       8VWO 
_reflns.data_reduction_details                         ? 
_reflns.data_reduction_method                          ? 
_reflns.d_resolution_high                              1.85 
_reflns.d_resolution_low                               38.90 
_reflns.details                                        ? 
_reflns.limit_h_max                                    ? 
_reflns.limit_h_min                                    ? 
_reflns.limit_k_max                                    ? 
_reflns.limit_k_min                                    ? 
_reflns.limit_l_max                                    ? 
_reflns.limit_l_min                                    ? 
_reflns.number_all                                     ? 
_reflns.number_obs                                     12367 
_reflns.observed_criterion                             ? 
_reflns.observed_criterion_F_max                       ? 
_reflns.observed_criterion_F_min                       ? 
_reflns.observed_criterion_I_max                       ? 
_reflns.observed_criterion_I_min                       ? 
_reflns.observed_criterion_sigma_F                     ? 
_reflns.observed_criterion_sigma_I                     ? 
_reflns.percent_possible_obs                           99.5 
_reflns.R_free_details                                 ? 
_reflns.Rmerge_F_all                                   ? 
_reflns.Rmerge_F_obs                                   ? 
_reflns.Friedel_coverage                               ? 
_reflns.number_gt                                      ? 
_reflns.threshold_expression                           ? 
_reflns.pdbx_redundancy                                6.4 
_reflns.pdbx_netI_over_av_sigmaI                       ? 
_reflns.pdbx_netI_over_sigmaI                          13.9 
_reflns.pdbx_res_netI_over_av_sigmaI_2                 ? 
_reflns.pdbx_res_netI_over_sigmaI_2                    ? 
_reflns.pdbx_chi_squared                               0.86 
_reflns.pdbx_scaling_rejects                           ? 
_reflns.pdbx_d_res_high_opt                            ? 
_reflns.pdbx_d_res_low_opt                             ? 
_reflns.pdbx_d_res_opt_method                          ? 
_reflns.phase_calculation_details                      ? 
_reflns.pdbx_Rrim_I_all                                0.080 
_reflns.pdbx_Rpim_I_all                                0.031 
_reflns.pdbx_d_opt                                     ? 
_reflns.pdbx_number_measured_all                       ? 
_reflns.pdbx_diffrn_id                                 1 
_reflns.pdbx_ordinal                                   1 
_reflns.pdbx_CC_half                                   0.998 
_reflns.pdbx_CC_star                                   ? 
_reflns.pdbx_R_split                                   ? 
_reflns.pdbx_Rmerge_I_obs                              0.073 
_reflns.pdbx_Rmerge_I_all                              ? 
_reflns.pdbx_Rsym_value                                ? 
_reflns.pdbx_CC_split_method                           ? 
_reflns.pdbx_aniso_diffraction_limit_axis_1_ortho[1]   ? 
_reflns.pdbx_aniso_diffraction_limit_axis_1_ortho[2]   ? 
_reflns.pdbx_aniso_diffraction_limit_axis_1_ortho[3]   ? 
_reflns.pdbx_aniso_diffraction_limit_axis_2_ortho[1]   ? 
_reflns.pdbx_aniso_diffraction_limit_axis_2_ortho[2]   ? 
_reflns.pdbx_aniso_diffraction_limit_axis_2_ortho[3]   ? 
_reflns.pdbx_aniso_diffraction_limit_axis_3_ortho[1]   ? 
_reflns.pdbx_aniso_diffraction_limit_axis_3_ortho[2]   ? 
_reflns.pdbx_aniso_diffraction_limit_axis_3_ortho[3]   ? 
_reflns.pdbx_aniso_diffraction_limit_1                 ? 
_reflns.pdbx_aniso_diffraction_limit_2                 ? 
_reflns.pdbx_aniso_diffraction_limit_3                 ? 
_reflns.pdbx_aniso_B_tensor_eigenvector_1_ortho[1]     ? 
_reflns.pdbx_aniso_B_tensor_eigenvector_1_ortho[2]     ? 
_reflns.pdbx_aniso_B_tensor_eigenvector_1_ortho[3]     ? 
_reflns.pdbx_aniso_B_tensor_eigenvector_2_ortho[1]     ? 
_reflns.pdbx_aniso_B_tensor_eigenvector_2_ortho[2]     ? 
_reflns.pdbx_aniso_B_tensor_eigenvector_2_ortho[3]     ? 
_reflns.pdbx_aniso_B_tensor_eigenvector_3_ortho[1]     ? 
_reflns.pdbx_aniso_B_tensor_eigenvector_3_ortho[2]     ? 
_reflns.pdbx_aniso_B_tensor_eigenvector_3_ortho[3]     ? 
_reflns.pdbx_aniso_B_tensor_eigenvalue_1               ? 
_reflns.pdbx_aniso_B_tensor_eigenvalue_2               ? 
_reflns.pdbx_aniso_B_tensor_eigenvalue_3               ? 
_reflns.pdbx_orthogonalization_convention              ? 
_reflns.pdbx_percent_possible_ellipsoidal              ? 
_reflns.pdbx_percent_possible_spherical                ? 
_reflns.pdbx_percent_possible_ellipsoidal_anomalous    ? 
_reflns.pdbx_percent_possible_spherical_anomalous      ? 
_reflns.pdbx_redundancy_anomalous                      ? 
_reflns.pdbx_CC_half_anomalous                         ? 
_reflns.pdbx_absDiff_over_sigma_anomalous              ? 
_reflns.pdbx_percent_possible_anomalous                ? 
_reflns.pdbx_observed_signal_threshold                 ? 
_reflns.pdbx_signal_type                               ? 
_reflns.pdbx_signal_details                            ? 
_reflns.pdbx_signal_software_id                        ? 
# 
_reflns_shell.d_res_high                                    1.85 
_reflns_shell.d_res_low                                     1.89 
_reflns_shell.meanI_over_sigI_all                           ? 
_reflns_shell.meanI_over_sigI_obs                           ? 
_reflns_shell.number_measured_all                           ? 
_reflns_shell.number_measured_obs                           ? 
_reflns_shell.number_possible                               ? 
_reflns_shell.number_unique_all                             ? 
_reflns_shell.number_unique_obs                             717 
_reflns_shell.percent_possible_obs                          ? 
_reflns_shell.Rmerge_F_all                                  ? 
_reflns_shell.Rmerge_F_obs                                  ? 
_reflns_shell.meanI_over_sigI_gt                            ? 
_reflns_shell.meanI_over_uI_all                             ? 
_reflns_shell.meanI_over_uI_gt                              ? 
_reflns_shell.number_measured_gt                            ? 
_reflns_shell.number_unique_gt                              ? 
_reflns_shell.percent_possible_gt                           ? 
_reflns_shell.Rmerge_F_gt                                   ? 
_reflns_shell.Rmerge_I_gt                                   ? 
_reflns_shell.pdbx_redundancy                               6.7 
_reflns_shell.pdbx_chi_squared                              0.85 
_reflns_shell.pdbx_netI_over_sigmaI_all                     ? 
_reflns_shell.pdbx_netI_over_sigmaI_obs                     ? 
_reflns_shell.pdbx_Rrim_I_all                               0.258 
_reflns_shell.pdbx_Rpim_I_all                               0.099 
_reflns_shell.pdbx_rejects                                  ? 
_reflns_shell.pdbx_ordinal                                  1 
_reflns_shell.pdbx_diffrn_id                                1 
_reflns_shell.pdbx_CC_half                                  0.973 
_reflns_shell.pdbx_CC_star                                  ? 
_reflns_shell.pdbx_R_split                                  ? 
_reflns_shell.percent_possible_all                          99.8 
_reflns_shell.Rmerge_I_all                                  ? 
_reflns_shell.Rmerge_I_obs                                  0.238 
_reflns_shell.pdbx_Rsym_value                               ? 
_reflns_shell.pdbx_percent_possible_ellipsoidal             ? 
_reflns_shell.pdbx_percent_possible_spherical               ? 
_reflns_shell.pdbx_percent_possible_ellipsoidal_anomalous   ? 
_reflns_shell.pdbx_percent_possible_spherical_anomalous     ? 
_reflns_shell.pdbx_redundancy_anomalous                     ? 
_reflns_shell.pdbx_CC_half_anomalous                        ? 
_reflns_shell.pdbx_absDiff_over_sigma_anomalous             ? 
_reflns_shell.pdbx_percent_possible_anomalous               ? 
# 
_refine.aniso_B[1][1]                            ? 
_refine.aniso_B[1][2]                            ? 
_refine.aniso_B[1][3]                            ? 
_refine.aniso_B[2][2]                            ? 
_refine.aniso_B[2][3]                            ? 
_refine.aniso_B[3][3]                            ? 
_refine.B_iso_max                                ? 
_refine.B_iso_mean                               18.28 
_refine.B_iso_min                                ? 
_refine.correlation_coeff_Fo_to_Fc               ? 
_refine.correlation_coeff_Fo_to_Fc_free          ? 
_refine.details                                  ? 
_refine.diff_density_max                         ? 
_refine.diff_density_max_esd                     ? 
_refine.diff_density_min                         ? 
_refine.diff_density_min_esd                     ? 
_refine.diff_density_rms                         ? 
_refine.diff_density_rms_esd                     ? 
_refine.entry_id                                 8VWO 
_refine.pdbx_refine_id                           'X-RAY DIFFRACTION' 
_refine.ls_abs_structure_details                 ? 
_refine.ls_abs_structure_Flack                   ? 
_refine.ls_abs_structure_Flack_esd               ? 
_refine.ls_abs_structure_Rogers                  ? 
_refine.ls_abs_structure_Rogers_esd              ? 
_refine.ls_d_res_high                            1.85 
_refine.ls_d_res_low                             38.90 
_refine.ls_extinction_coef                       ? 
_refine.ls_extinction_coef_esd                   ? 
_refine.ls_extinction_expression                 ? 
_refine.ls_extinction_method                     ? 
_refine.ls_goodness_of_fit_all                   ? 
_refine.ls_goodness_of_fit_all_esd               ? 
_refine.ls_goodness_of_fit_obs                   ? 
_refine.ls_goodness_of_fit_obs_esd               ? 
_refine.ls_hydrogen_treatment                    ? 
_refine.ls_matrix_type                           ? 
_refine.ls_number_constraints                    ? 
_refine.ls_number_parameters                     ? 
_refine.ls_number_reflns_all                     ? 
_refine.ls_number_reflns_obs                     12321 
_refine.ls_number_reflns_R_free                  582 
_refine.ls_number_reflns_R_work                  11739 
_refine.ls_number_restraints                     ? 
_refine.ls_percent_reflns_obs                    99.27 
_refine.ls_percent_reflns_R_free                 4.72 
_refine.ls_R_factor_all                          ? 
_refine.ls_R_factor_obs                          0.1961 
_refine.ls_R_factor_R_free                       0.2160 
_refine.ls_R_factor_R_free_error                 ? 
_refine.ls_R_factor_R_free_error_details         ? 
_refine.ls_R_factor_R_work                       0.1952 
_refine.ls_R_Fsqd_factor_obs                     ? 
_refine.ls_R_I_factor_obs                        ? 
_refine.ls_redundancy_reflns_all                 ? 
_refine.ls_redundancy_reflns_obs                 ? 
_refine.ls_restrained_S_all                      ? 
_refine.ls_restrained_S_obs                      ? 
_refine.ls_shift_over_esd_max                    ? 
_refine.ls_shift_over_esd_mean                   ? 
_refine.ls_structure_factor_coef                 ? 
_refine.ls_weighting_details                     ? 
_refine.ls_weighting_scheme                      ? 
_refine.ls_wR_factor_all                         ? 
_refine.ls_wR_factor_obs                         ? 
_refine.ls_wR_factor_R_free                      ? 
_refine.ls_wR_factor_R_work                      ? 
_refine.occupancy_max                            ? 
_refine.occupancy_min                            ? 
_refine.solvent_model_details                    'FLAT BULK SOLVENT MODEL' 
_refine.solvent_model_param_bsol                 ? 
_refine.solvent_model_param_ksol                 ? 
_refine.pdbx_R_complete                          ? 
_refine.ls_R_factor_gt                           ? 
_refine.ls_goodness_of_fit_gt                    ? 
_refine.ls_goodness_of_fit_ref                   ? 
_refine.ls_shift_over_su_max                     ? 
_refine.ls_shift_over_su_max_lt                  ? 
_refine.ls_shift_over_su_mean                    ? 
_refine.ls_shift_over_su_mean_lt                 ? 
_refine.pdbx_ls_sigma_I                          ? 
_refine.pdbx_ls_sigma_F                          1.92 
_refine.pdbx_ls_sigma_Fsqd                       ? 
_refine.pdbx_data_cutoff_high_absF               ? 
_refine.pdbx_data_cutoff_high_rms_absF           ? 
_refine.pdbx_data_cutoff_low_absF                ? 
_refine.pdbx_isotropic_thermal_model             ? 
_refine.pdbx_ls_cross_valid_method               'FREE R-VALUE' 
_refine.pdbx_method_to_determine_struct          'MOLECULAR REPLACEMENT' 
_refine.pdbx_starting_model                      ? 
_refine.pdbx_stereochemistry_target_values       'GeoStd + Monomer Library + CDL v1.2' 
_refine.pdbx_R_Free_selection_details            ? 
_refine.pdbx_stereochem_target_val_spec_case     ? 
_refine.pdbx_overall_ESU_R                       ? 
_refine.pdbx_overall_ESU_R_Free                  ? 
_refine.pdbx_solvent_vdw_probe_radii             1.1000 
_refine.pdbx_solvent_ion_probe_radii             ? 
_refine.pdbx_solvent_shrinkage_radii             0.9000 
_refine.pdbx_real_space_R                        ? 
_refine.pdbx_density_correlation                 ? 
_refine.pdbx_pd_number_of_powder_patterns        ? 
_refine.pdbx_pd_number_of_points                 ? 
_refine.pdbx_pd_meas_number_of_points            ? 
_refine.pdbx_pd_proc_ls_prof_R_factor            ? 
_refine.pdbx_pd_proc_ls_prof_wR_factor           ? 
_refine.pdbx_pd_Marquardt_correlation_coeff      ? 
_refine.pdbx_pd_Fsqrd_R_factor                   ? 
_refine.pdbx_pd_ls_matrix_band_width             ? 
_refine.pdbx_overall_phase_error                 20.8182 
_refine.pdbx_overall_SU_R_free_Cruickshank_DPI   ? 
_refine.pdbx_overall_SU_R_free_Blow_DPI          ? 
_refine.pdbx_overall_SU_R_Blow_DPI               ? 
_refine.pdbx_TLS_residual_ADP_flag               ? 
_refine.pdbx_diffrn_id                           1 
_refine.overall_SU_B                             ? 
_refine.overall_SU_ML                            0.1472 
_refine.overall_SU_R_Cruickshank_DPI             ? 
_refine.overall_SU_R_free                        ? 
_refine.overall_FOM_free_R_set                   ? 
_refine.overall_FOM_work_R_set                   ? 
_refine.pdbx_average_fsc_overall                 ? 
_refine.pdbx_average_fsc_work                    ? 
_refine.pdbx_average_fsc_free                    ? 
# 
_refine_hist.pdbx_refine_id                   'X-RAY DIFFRACTION' 
_refine_hist.cycle_id                         LAST 
_refine_hist.details                          ? 
_refine_hist.d_res_high                       1.85 
_refine_hist.d_res_low                        38.90 
_refine_hist.number_atoms_solvent             61 
_refine_hist.number_atoms_total               1037 
_refine_hist.number_reflns_all                ? 
_refine_hist.number_reflns_obs                ? 
_refine_hist.number_reflns_R_free             ? 
_refine_hist.number_reflns_R_work             ? 
_refine_hist.R_factor_all                     ? 
_refine_hist.R_factor_obs                     ? 
_refine_hist.R_factor_R_free                  ? 
_refine_hist.R_factor_R_work                  ? 
_refine_hist.pdbx_number_residues_total       ? 
_refine_hist.pdbx_B_iso_mean_ligand           ? 
_refine_hist.pdbx_B_iso_mean_solvent          ? 
_refine_hist.pdbx_number_atoms_protein        968 
_refine_hist.pdbx_number_atoms_nucleic_acid   0 
_refine_hist.pdbx_number_atoms_ligand         8 
_refine_hist.pdbx_number_atoms_lipid          ? 
_refine_hist.pdbx_number_atoms_carb           ? 
_refine_hist.pdbx_pseudo_atom_details         ? 
# 
loop_
_refine_ls_restr.pdbx_refine_id 
_refine_ls_restr.criterion 
_refine_ls_restr.dev_ideal 
_refine_ls_restr.dev_ideal_target 
_refine_ls_restr.number 
_refine_ls_restr.rejects 
_refine_ls_restr.type 
_refine_ls_restr.weight 
_refine_ls_restr.pdbx_restraint_function 
'X-RAY DIFFRACTION' ? 0.0110  ? 997  ? f_bond_d           ? ? 
'X-RAY DIFFRACTION' ? 1.3102  ? 1339 ? f_angle_d          ? ? 
'X-RAY DIFFRACTION' ? 0.0819  ? 139  ? f_chiral_restr     ? ? 
'X-RAY DIFFRACTION' ? 0.0217  ? 174  ? f_plane_restr      ? ? 
'X-RAY DIFFRACTION' ? 13.2355 ? 382  ? f_dihedral_angle_d ? ? 
# 
loop_
_refine_ls_shell.pdbx_refine_id 
_refine_ls_shell.d_res_high 
_refine_ls_shell.d_res_low 
_refine_ls_shell.number_reflns_all 
_refine_ls_shell.number_reflns_obs 
_refine_ls_shell.number_reflns_R_free 
_refine_ls_shell.number_reflns_R_work 
_refine_ls_shell.percent_reflns_obs 
_refine_ls_shell.percent_reflns_R_free 
_refine_ls_shell.R_factor_all 
_refine_ls_shell.R_factor_obs 
_refine_ls_shell.R_factor_R_free_error 
_refine_ls_shell.R_factor_R_work 
_refine_ls_shell.redundancy_reflns_all 
_refine_ls_shell.redundancy_reflns_obs 
_refine_ls_shell.wR_factor_all 
_refine_ls_shell.wR_factor_obs 
_refine_ls_shell.wR_factor_R_free 
_refine_ls_shell.wR_factor_R_work 
_refine_ls_shell.pdbx_R_complete 
_refine_ls_shell.pdbx_total_number_of_bins_used 
_refine_ls_shell.pdbx_phase_error 
_refine_ls_shell.pdbx_fsc_work 
_refine_ls_shell.pdbx_fsc_free 
_refine_ls_shell.R_factor_R_free 
'X-RAY DIFFRACTION' 1.85 2.04  . . 141 2878 99.83 . . . . 0.1807 . . . . . . . . . . . 0.2173 
'X-RAY DIFFRACTION' 2.04 2.33  . . 146 2902 99.97 . . . . 0.1824 . . . . . . . . . . . 0.2145 
'X-RAY DIFFRACTION' 2.33 2.94  . . 143 2947 99.90 . . . . 0.2042 . . . . . . . . . . . 0.2260 
'X-RAY DIFFRACTION' 2.94 38.90 . . 152 3012 97.53 . . . . 0.1993 . . . . . . . . . . . 0.2114 
# 
_struct.entry_id                     8VWO 
_struct.title                        'Crystal structure of hRpn13 Pru bound with U-shaped peptide' 
_struct.pdbx_model_details           ? 
_struct.pdbx_formula_weight          ? 
_struct.pdbx_formula_weight_method   ? 
_struct.pdbx_model_type_details      ? 
_struct.pdbx_CASP_flag               N 
# 
_struct_keywords.entry_id        8VWO 
_struct_keywords.text            'Peptide binding, Complex, Proteasome, hRpn13 Pru, PROTEIN BINDING' 
_struct_keywords.pdbx_keywords   'PROTEIN BINDING' 
# 
loop_
_struct_asym.id 
_struct_asym.pdbx_blank_PDB_chainid_flag 
_struct_asym.pdbx_modified 
_struct_asym.entity_id 
_struct_asym.details 
A N N 1 ? 
B N N 2 ? 
C N N 3 ? 
D N N 4 ? 
E N N 5 ? 
F N N 5 ? 
# 
loop_
_struct_ref.id 
_struct_ref.db_name 
_struct_ref.db_code 
_struct_ref.pdbx_db_accession 
_struct_ref.pdbx_db_isoform 
_struct_ref.entity_id 
_struct_ref.pdbx_seq_one_letter_code 
_struct_ref.pdbx_align_begin 
1 UNP ADRM1_HUMAN Q16186 ? 1 
;MTTSGALFPSLVPGSRGASNKYLVEFRAGKMSLKGTTVTPDKRKGLVYIQQTDDSLIHFCWKDRTSGNVEDDLIIFPDDC
EFKRVPQCPSGRVYVLKFKAGSKRLFFWMQEPKTDQDEEHCRKVNEYLNNPPMPGALGASGSSGHELSAL
;
1 
2 PDB 8VWO        8VWO   ? 2 ? 1 
# 
loop_
_struct_ref_seq.align_id 
_struct_ref_seq.ref_id 
_struct_ref_seq.pdbx_PDB_id_code 
_struct_ref_seq.pdbx_strand_id 
_struct_ref_seq.seq_align_beg 
_struct_ref_seq.pdbx_seq_align_beg_ins_code 
_struct_ref_seq.seq_align_end 
_struct_ref_seq.pdbx_seq_align_end_ins_code 
_struct_ref_seq.pdbx_db_accession 
_struct_ref_seq.db_align_beg 
_struct_ref_seq.pdbx_db_align_beg_ins_code 
_struct_ref_seq.db_align_end 
_struct_ref_seq.pdbx_db_align_end_ins_code 
_struct_ref_seq.pdbx_auth_seq_align_beg 
_struct_ref_seq.pdbx_auth_seq_align_end 
1 1 8VWO A 1 ? 150 ? Q16186 1 ? 150 ? 1 150 
2 2 8VWO B 1 ? 7   ? 8VWO   0 ? 6   ? 0 6   
# 
_pdbx_struct_assembly.id                   1 
_pdbx_struct_assembly.details              author_and_software_defined_assembly 
_pdbx_struct_assembly.method_details       PISA 
_pdbx_struct_assembly.oligomeric_details   dimeric 
_pdbx_struct_assembly.oligomeric_count     2 
# 
loop_
_pdbx_struct_assembly_prop.biol_id 
_pdbx_struct_assembly_prop.type 
_pdbx_struct_assembly_prop.value 
_pdbx_struct_assembly_prop.details 
1 'ABSA (A^2)' 830  ? 
1 MORE         -4   ? 
1 'SSA (A^2)'  7090 ? 
# 
_pdbx_struct_assembly_gen.assembly_id       1 
_pdbx_struct_assembly_gen.oper_expression   1 
_pdbx_struct_assembly_gen.asym_id_list      A,B,C,D,E,F 
# 
_pdbx_struct_oper_list.id                   1 
_pdbx_struct_oper_list.type                 'identity operation' 
_pdbx_struct_oper_list.name                 1_555 
_pdbx_struct_oper_list.symmetry_operation   x,y,z 
_pdbx_struct_oper_list.matrix[1][1]         1.0000000000 
_pdbx_struct_oper_list.matrix[1][2]         0.0000000000 
_pdbx_struct_oper_list.matrix[1][3]         0.0000000000 
_pdbx_struct_oper_list.vector[1]            0.0000000000 
_pdbx_struct_oper_list.matrix[2][1]         0.0000000000 
_pdbx_struct_oper_list.matrix[2][2]         1.0000000000 
_pdbx_struct_oper_list.matrix[2][3]         0.0000000000 
_pdbx_struct_oper_list.vector[2]            0.0000000000 
_pdbx_struct_oper_list.matrix[3][1]         0.0000000000 
_pdbx_struct_oper_list.matrix[3][2]         0.0000000000 
_pdbx_struct_oper_list.matrix[3][3]         1.0000000000 
_pdbx_struct_oper_list.vector[3]            0.0000000000 
# 
loop_
_struct_conf.conf_type_id 
_struct_conf.id 
_struct_conf.pdbx_PDB_helix_id 
_struct_conf.beg_label_comp_id 
_struct_conf.beg_label_asym_id 
_struct_conf.beg_label_seq_id 
_struct_conf.pdbx_beg_PDB_ins_code 
_struct_conf.end_label_comp_id 
_struct_conf.end_label_asym_id 
_struct_conf.end_label_seq_id 
_struct_conf.pdbx_end_PDB_ins_code 
_struct_conf.beg_auth_comp_id 
_struct_conf.beg_auth_asym_id 
_struct_conf.beg_auth_seq_id 
_struct_conf.end_auth_comp_id 
_struct_conf.end_auth_asym_id 
_struct_conf.end_auth_seq_id 
_struct_conf.pdbx_PDB_helix_class 
_struct_conf.details 
_struct_conf.pdbx_PDB_helix_length 
HELX_P HELX_P1 AA1 ALA A 100 ? SER A 102 ? ALA A 100 SER A 102 5 ? 3  
HELX_P HELX_P2 AA2 GLN A 116 ? ASN A 130 ? GLN A 116 ASN A 130 1 ? 15 
# 
_struct_conf_type.id          HELX_P 
_struct_conf_type.criteria    ? 
_struct_conf_type.reference   ? 
# 
loop_
_struct_sheet.id 
_struct_sheet.type 
_struct_sheet.number_strands 
_struct_sheet.details 
AA1 ? 5 ? 
AA2 ? 5 ? 
# 
loop_
_struct_sheet_order.sheet_id 
_struct_sheet_order.range_id_1 
_struct_sheet_order.range_id_2 
_struct_sheet_order.offset 
_struct_sheet_order.sense 
AA1 1 2 ? anti-parallel 
AA1 2 3 ? anti-parallel 
AA1 3 4 ? anti-parallel 
AA1 4 5 ? anti-parallel 
AA2 1 2 ? anti-parallel 
AA2 2 3 ? anti-parallel 
AA2 3 4 ? anti-parallel 
AA2 4 5 ? anti-parallel 
# 
loop_
_struct_sheet_range.sheet_id 
_struct_sheet_range.id 
_struct_sheet_range.beg_label_comp_id 
_struct_sheet_range.beg_label_asym_id 
_struct_sheet_range.beg_label_seq_id 
_struct_sheet_range.pdbx_beg_PDB_ins_code 
_struct_sheet_range.end_label_comp_id 
_struct_sheet_range.end_label_asym_id 
_struct_sheet_range.end_label_seq_id 
_struct_sheet_range.pdbx_end_PDB_ins_code 
_struct_sheet_range.beg_auth_comp_id 
_struct_sheet_range.beg_auth_asym_id 
_struct_sheet_range.beg_auth_seq_id 
_struct_sheet_range.end_auth_comp_id 
_struct_sheet_range.end_auth_asym_id 
_struct_sheet_range.end_auth_seq_id 
AA1 1 THR A 37  ? PRO A 40  ? THR A 37  PRO A 40  
AA1 2 TYR A 22  ? LYS A 34  ? TYR A 22  LYS A 34  
AA1 3 GLY A 45  ? GLN A 51  ? GLY A 45  GLN A 51  
AA1 4 ILE A 57  ? ASP A 63  ? ILE A 57  ASP A 63  
AA1 5 VAL A 69  ? ILE A 74  ? VAL A 69  ILE A 74  
AA2 1 THR A 37  ? PRO A 40  ? THR A 37  PRO A 40  
AA2 2 TYR A 22  ? LYS A 34  ? TYR A 22  LYS A 34  
AA2 3 ARG A 104 ? MET A 109 ? ARG A 104 MET A 109 
AA2 4 VAL A 93  ? PHE A 98  ? VAL A 93  PHE A 98  
AA2 5 CYS A 80  ? ARG A 84  ? CYS A 80  ARG A 84  
# 
loop_
_pdbx_struct_sheet_hbond.sheet_id 
_pdbx_struct_sheet_hbond.range_id_1 
_pdbx_struct_sheet_hbond.range_id_2 
_pdbx_struct_sheet_hbond.range_1_label_atom_id 
_pdbx_struct_sheet_hbond.range_1_label_comp_id 
_pdbx_struct_sheet_hbond.range_1_label_asym_id 
_pdbx_struct_sheet_hbond.range_1_label_seq_id 
_pdbx_struct_sheet_hbond.range_1_PDB_ins_code 
_pdbx_struct_sheet_hbond.range_1_auth_atom_id 
_pdbx_struct_sheet_hbond.range_1_auth_comp_id 
_pdbx_struct_sheet_hbond.range_1_auth_asym_id 
_pdbx_struct_sheet_hbond.range_1_auth_seq_id 
_pdbx_struct_sheet_hbond.range_2_label_atom_id 
_pdbx_struct_sheet_hbond.range_2_label_comp_id 
_pdbx_struct_sheet_hbond.range_2_label_asym_id 
_pdbx_struct_sheet_hbond.range_2_label_seq_id 
_pdbx_struct_sheet_hbond.range_2_PDB_ins_code 
_pdbx_struct_sheet_hbond.range_2_auth_atom_id 
_pdbx_struct_sheet_hbond.range_2_auth_comp_id 
_pdbx_struct_sheet_hbond.range_2_auth_asym_id 
_pdbx_struct_sheet_hbond.range_2_auth_seq_id 
AA1 1 2 O THR A 37  ? O THR A 37  N LYS A 34  ? N LYS A 34  
AA1 2 3 N PHE A 26  ? N PHE A 26  O VAL A 47  ? O VAL A 47  
AA1 3 4 N TYR A 48  ? N TYR A 48  O CYS A 60  ? O CYS A 60  
AA1 4 5 N PHE A 59  ? N PHE A 59  O LEU A 73  ? O LEU A 73  
AA2 1 2 O THR A 37  ? O THR A 37  N LYS A 34  ? N LYS A 34  
AA2 2 3 N GLY A 29  ? N GLY A 29  O TRP A 108 ? O TRP A 108 
AA2 3 4 O LEU A 105 ? O LEU A 105 N LEU A 96  ? N LEU A 96  
AA2 4 5 O LYS A 97  ? O LYS A 97  N GLU A 81  ? N GLU A 81  
# 
_pdbx_entry_details.entry_id                   8VWO 
_pdbx_entry_details.has_ligand_of_interest     N 
_pdbx_entry_details.compound_details           ? 
_pdbx_entry_details.source_details             ? 
_pdbx_entry_details.nonpolymer_details         ? 
_pdbx_entry_details.sequence_details           ? 
_pdbx_entry_details.has_protein_modification   N 
# 
_pdbx_validate_torsion.id              1 
_pdbx_validate_torsion.PDB_model_num   1 
_pdbx_validate_torsion.auth_comp_id    ASP 
_pdbx_validate_torsion.auth_asym_id    A 
_pdbx_validate_torsion.auth_seq_id     78 
_pdbx_validate_torsion.PDB_ins_code    ? 
_pdbx_validate_torsion.label_alt_id    ? 
_pdbx_validate_torsion.phi             78.61 
_pdbx_validate_torsion.psi             -4.13 
# 
_pdbx_validate_planes.id              1 
_pdbx_validate_planes.PDB_model_num   1 
_pdbx_validate_planes.auth_comp_id    ARG 
_pdbx_validate_planes.auth_asym_id    A 
_pdbx_validate_planes.auth_seq_id     104 
_pdbx_validate_planes.PDB_ins_code    ? 
_pdbx_validate_planes.label_alt_id    ? 
_pdbx_validate_planes.rmsd            0.108 
_pdbx_validate_planes.type            'SIDE CHAIN' 
# 
loop_
_space_group_symop.id 
_space_group_symop.operation_xyz 
1 x,y,z           
2 x+1/2,-y+1/2,-z 
3 -x,y+1/2,-z+1/2 
4 -x+1/2,-y,z+1/2 
# 
loop_
_pdbx_unobs_or_zero_occ_residues.id 
_pdbx_unobs_or_zero_occ_residues.PDB_model_num 
_pdbx_unobs_or_zero_occ_residues.polymer_flag 
_pdbx_unobs_or_zero_occ_residues.occupancy_flag 
_pdbx_unobs_or_zero_occ_residues.auth_asym_id 
_pdbx_unobs_or_zero_occ_residues.auth_comp_id 
_pdbx_unobs_or_zero_occ_residues.auth_seq_id 
_pdbx_unobs_or_zero_occ_residues.PDB_ins_code 
_pdbx_unobs_or_zero_occ_residues.label_asym_id 
_pdbx_unobs_or_zero_occ_residues.label_comp_id 
_pdbx_unobs_or_zero_occ_residues.label_seq_id 
1  1 Y 1 A MET 1   ? A MET 1   
2  1 Y 1 A THR 2   ? A THR 2   
3  1 Y 1 A THR 3   ? A THR 3   
4  1 Y 1 A SER 4   ? A SER 4   
5  1 Y 1 A GLY 5   ? A GLY 5   
6  1 Y 1 A ALA 6   ? A ALA 6   
7  1 Y 1 A LEU 7   ? A LEU 7   
8  1 Y 1 A PHE 8   ? A PHE 8   
9  1 Y 1 A PRO 9   ? A PRO 9   
10 1 Y 1 A SER 10  ? A SER 10  
11 1 Y 1 A LEU 11  ? A LEU 11  
12 1 Y 1 A VAL 12  ? A VAL 12  
13 1 Y 1 A PRO 13  ? A PRO 13  
14 1 Y 1 A GLY 14  ? A GLY 14  
15 1 Y 1 A SER 15  ? A SER 15  
16 1 Y 1 A ARG 16  ? A ARG 16  
17 1 Y 1 A GLY 17  ? A GLY 17  
18 1 Y 1 A ALA 18  ? A ALA 18  
19 1 Y 1 A SER 19  ? A SER 19  
20 1 Y 1 A ASN 20  ? A ASN 20  
21 1 Y 1 A MET 133 ? A MET 133 
22 1 Y 1 A PRO 134 ? A PRO 134 
23 1 Y 1 A GLY 135 ? A GLY 135 
24 1 Y 1 A ALA 136 ? A ALA 136 
25 1 Y 1 A LEU 137 ? A LEU 137 
26 1 Y 1 A GLY 138 ? A GLY 138 
27 1 Y 1 A ALA 139 ? A ALA 139 
28 1 Y 1 A SER 140 ? A SER 140 
29 1 Y 1 A GLY 141 ? A GLY 141 
30 1 Y 1 A SER 142 ? A SER 142 
31 1 Y 1 A SER 143 ? A SER 143 
32 1 Y 1 A GLY 144 ? A GLY 144 
33 1 Y 1 A HIS 145 ? A HIS 145 
34 1 Y 1 A GLU 146 ? A GLU 146 
35 1 Y 1 A LEU 147 ? A LEU 147 
36 1 Y 1 A SER 148 ? A SER 148 
37 1 Y 1 A ALA 149 ? A ALA 149 
38 1 Y 1 A LEU 150 ? A LEU 150 
# 
loop_
_chem_comp_atom.comp_id 
_chem_comp_atom.atom_id 
_chem_comp_atom.type_symbol 
_chem_comp_atom.pdbx_aromatic_flag 
_chem_comp_atom.pdbx_stereo_config 
_chem_comp_atom.pdbx_ordinal 
ACT C    C N N 1   
ACT O    O N N 2   
ACT OXT  O N N 3   
ACT CH3  C N N 4   
ACT H1   H N N 5   
ACT H2   H N N 6   
ACT H3   H N N 7   
ALA N    N N N 8   
ALA CA   C N S 9   
ALA C    C N N 10  
ALA O    O N N 11  
ALA CB   C N N 12  
ALA OXT  O N N 13  
ALA H    H N N 14  
ALA H2   H N N 15  
ALA HA   H N N 16  
ALA HB1  H N N 17  
ALA HB2  H N N 18  
ALA HB3  H N N 19  
ALA HXT  H N N 20  
ARG N    N N N 21  
ARG CA   C N S 22  
ARG C    C N N 23  
ARG O    O N N 24  
ARG CB   C N N 25  
ARG CG   C N N 26  
ARG CD   C N N 27  
ARG NE   N N N 28  
ARG CZ   C N N 29  
ARG NH1  N N N 30  
ARG NH2  N N N 31  
ARG OXT  O N N 32  
ARG H    H N N 33  
ARG H2   H N N 34  
ARG HA   H N N 35  
ARG HB2  H N N 36  
ARG HB3  H N N 37  
ARG HG2  H N N 38  
ARG HG3  H N N 39  
ARG HD2  H N N 40  
ARG HD3  H N N 41  
ARG HE   H N N 42  
ARG HH11 H N N 43  
ARG HH12 H N N 44  
ARG HH21 H N N 45  
ARG HH22 H N N 46  
ARG HXT  H N N 47  
ASN N    N N N 48  
ASN CA   C N S 49  
ASN C    C N N 50  
ASN O    O N N 51  
ASN CB   C N N 52  
ASN CG   C N N 53  
ASN OD1  O N N 54  
ASN ND2  N N N 55  
ASN OXT  O N N 56  
ASN H    H N N 57  
ASN H2   H N N 58  
ASN HA   H N N 59  
ASN HB2  H N N 60  
ASN HB3  H N N 61  
ASN HD21 H N N 62  
ASN HD22 H N N 63  
ASN HXT  H N N 64  
ASP N    N N N 65  
ASP CA   C N S 66  
ASP C    C N N 67  
ASP O    O N N 68  
ASP CB   C N N 69  
ASP CG   C N N 70  
ASP OD1  O N N 71  
ASP OD2  O N N 72  
ASP OXT  O N N 73  
ASP H    H N N 74  
ASP H2   H N N 75  
ASP HA   H N N 76  
ASP HB2  H N N 77  
ASP HB3  H N N 78  
ASP HD2  H N N 79  
ASP HXT  H N N 80  
CYS N    N N N 81  
CYS CA   C N R 82  
CYS C    C N N 83  
CYS O    O N N 84  
CYS CB   C N N 85  
CYS SG   S N N 86  
CYS OXT  O N N 87  
CYS H    H N N 88  
CYS H2   H N N 89  
CYS HA   H N N 90  
CYS HB2  H N N 91  
CYS HB3  H N N 92  
CYS HG   H N N 93  
CYS HXT  H N N 94  
EDO C1   C N N 95  
EDO O1   O N N 96  
EDO C2   C N N 97  
EDO O2   O N N 98  
EDO H11  H N N 99  
EDO H12  H N N 100 
EDO HO1  H N N 101 
EDO H21  H N N 102 
EDO H22  H N N 103 
EDO HO2  H N N 104 
GLN N    N N N 105 
GLN CA   C N S 106 
GLN C    C N N 107 
GLN O    O N N 108 
GLN CB   C N N 109 
GLN CG   C N N 110 
GLN CD   C N N 111 
GLN OE1  O N N 112 
GLN NE2  N N N 113 
GLN OXT  O N N 114 
GLN H    H N N 115 
GLN H2   H N N 116 
GLN HA   H N N 117 
GLN HB2  H N N 118 
GLN HB3  H N N 119 
GLN HG2  H N N 120 
GLN HG3  H N N 121 
GLN HE21 H N N 122 
GLN HE22 H N N 123 
GLN HXT  H N N 124 
GLU N    N N N 125 
GLU CA   C N S 126 
GLU C    C N N 127 
GLU O    O N N 128 
GLU CB   C N N 129 
GLU CG   C N N 130 
GLU CD   C N N 131 
GLU OE1  O N N 132 
GLU OE2  O N N 133 
GLU OXT  O N N 134 
GLU H    H N N 135 
GLU H2   H N N 136 
GLU HA   H N N 137 
GLU HB2  H N N 138 
GLU HB3  H N N 139 
GLU HG2  H N N 140 
GLU HG3  H N N 141 
GLU HE2  H N N 142 
GLU HXT  H N N 143 
GLY N    N N N 144 
GLY CA   C N N 145 
GLY C    C N N 146 
GLY O    O N N 147 
GLY OXT  O N N 148 
GLY H    H N N 149 
GLY H2   H N N 150 
GLY HA2  H N N 151 
GLY HA3  H N N 152 
GLY HXT  H N N 153 
HIS N    N N N 154 
HIS CA   C N S 155 
HIS C    C N N 156 
HIS O    O N N 157 
HIS CB   C N N 158 
HIS CG   C Y N 159 
HIS ND1  N Y N 160 
HIS CD2  C Y N 161 
HIS CE1  C Y N 162 
HIS NE2  N Y N 163 
HIS OXT  O N N 164 
HIS H    H N N 165 
HIS H2   H N N 166 
HIS HA   H N N 167 
HIS HB2  H N N 168 
HIS HB3  H N N 169 
HIS HD1  H N N 170 
HIS HD2  H N N 171 
HIS HE1  H N N 172 
HIS HE2  H N N 173 
HIS HXT  H N N 174 
HOH O    O N N 175 
HOH H1   H N N 176 
HOH H2   H N N 177 
ILE N    N N N 178 
ILE CA   C N S 179 
ILE C    C N N 180 
ILE O    O N N 181 
ILE CB   C N S 182 
ILE CG1  C N N 183 
ILE CG2  C N N 184 
ILE CD1  C N N 185 
ILE OXT  O N N 186 
ILE H    H N N 187 
ILE H2   H N N 188 
ILE HA   H N N 189 
ILE HB   H N N 190 
ILE HG12 H N N 191 
ILE HG13 H N N 192 
ILE HG21 H N N 193 
ILE HG22 H N N 194 
ILE HG23 H N N 195 
ILE HD11 H N N 196 
ILE HD12 H N N 197 
ILE HD13 H N N 198 
ILE HXT  H N N 199 
LEU N    N N N 200 
LEU CA   C N S 201 
LEU C    C N N 202 
LEU O    O N N 203 
LEU CB   C N N 204 
LEU CG   C N N 205 
LEU CD1  C N N 206 
LEU CD2  C N N 207 
LEU OXT  O N N 208 
LEU H    H N N 209 
LEU H2   H N N 210 
LEU HA   H N N 211 
LEU HB2  H N N 212 
LEU HB3  H N N 213 
LEU HG   H N N 214 
LEU HD11 H N N 215 
LEU HD12 H N N 216 
LEU HD13 H N N 217 
LEU HD21 H N N 218 
LEU HD22 H N N 219 
LEU HD23 H N N 220 
LEU HXT  H N N 221 
LYS N    N N N 222 
LYS CA   C N S 223 
LYS C    C N N 224 
LYS O    O N N 225 
LYS CB   C N N 226 
LYS CG   C N N 227 
LYS CD   C N N 228 
LYS CE   C N N 229 
LYS NZ   N N N 230 
LYS OXT  O N N 231 
LYS H    H N N 232 
LYS H2   H N N 233 
LYS HA   H N N 234 
LYS HB2  H N N 235 
LYS HB3  H N N 236 
LYS HG2  H N N 237 
LYS HG3  H N N 238 
LYS HD2  H N N 239 
LYS HD3  H N N 240 
LYS HE2  H N N 241 
LYS HE3  H N N 242 
LYS HZ1  H N N 243 
LYS HZ2  H N N 244 
LYS HZ3  H N N 245 
LYS HXT  H N N 246 
MET N    N N N 247 
MET CA   C N S 248 
MET C    C N N 249 
MET O    O N N 250 
MET CB   C N N 251 
MET CG   C N N 252 
MET SD   S N N 253 
MET CE   C N N 254 
MET OXT  O N N 255 
MET H    H N N 256 
MET H2   H N N 257 
MET HA   H N N 258 
MET HB2  H N N 259 
MET HB3  H N N 260 
MET HG2  H N N 261 
MET HG3  H N N 262 
MET HE1  H N N 263 
MET HE2  H N N 264 
MET HE3  H N N 265 
MET HXT  H N N 266 
PHE N    N N N 267 
PHE CA   C N S 268 
PHE C    C N N 269 
PHE O    O N N 270 
PHE CB   C N N 271 
PHE CG   C Y N 272 
PHE CD1  C Y N 273 
PHE CD2  C Y N 274 
PHE CE1  C Y N 275 
PHE CE2  C Y N 276 
PHE CZ   C Y N 277 
PHE OXT  O N N 278 
PHE H    H N N 279 
PHE H2   H N N 280 
PHE HA   H N N 281 
PHE HB2  H N N 282 
PHE HB3  H N N 283 
PHE HD1  H N N 284 
PHE HD2  H N N 285 
PHE HE1  H N N 286 
PHE HE2  H N N 287 
PHE HZ   H N N 288 
PHE HXT  H N N 289 
PRO N    N N N 290 
PRO CA   C N S 291 
PRO C    C N N 292 
PRO O    O N N 293 
PRO CB   C N N 294 
PRO CG   C N N 295 
PRO CD   C N N 296 
PRO OXT  O N N 297 
PRO H    H N N 298 
PRO HA   H N N 299 
PRO HB2  H N N 300 
PRO HB3  H N N 301 
PRO HG2  H N N 302 
PRO HG3  H N N 303 
PRO HD2  H N N 304 
PRO HD3  H N N 305 
PRO HXT  H N N 306 
SER N    N N N 307 
SER CA   C N S 308 
SER C    C N N 309 
SER O    O N N 310 
SER CB   C N N 311 
SER OG   O N N 312 
SER OXT  O N N 313 
SER H    H N N 314 
SER H2   H N N 315 
SER HA   H N N 316 
SER HB2  H N N 317 
SER HB3  H N N 318 
SER HG   H N N 319 
SER HXT  H N N 320 
THR N    N N N 321 
THR CA   C N S 322 
THR C    C N N 323 
THR O    O N N 324 
THR CB   C N R 325 
THR OG1  O N N 326 
THR CG2  C N N 327 
THR OXT  O N N 328 
THR H    H N N 329 
THR H2   H N N 330 
THR HA   H N N 331 
THR HB   H N N 332 
THR HG1  H N N 333 
THR HG21 H N N 334 
THR HG22 H N N 335 
THR HG23 H N N 336 
THR HXT  H N N 337 
TRP N    N N N 338 
TRP CA   C N S 339 
TRP C    C N N 340 
TRP O    O N N 341 
TRP CB   C N N 342 
TRP CG   C Y N 343 
TRP CD1  C Y N 344 
TRP CD2  C Y N 345 
TRP NE1  N Y N 346 
TRP CE2  C Y N 347 
TRP CE3  C Y N 348 
TRP CZ2  C Y N 349 
TRP CZ3  C Y N 350 
TRP CH2  C Y N 351 
TRP OXT  O N N 352 
TRP H    H N N 353 
TRP H2   H N N 354 
TRP HA   H N N 355 
TRP HB2  H N N 356 
TRP HB3  H N N 357 
TRP HD1  H N N 358 
TRP HE1  H N N 359 
TRP HE3  H N N 360 
TRP HZ2  H N N 361 
TRP HZ3  H N N 362 
TRP HH2  H N N 363 
TRP HXT  H N N 364 
TYR N    N N N 365 
TYR CA   C N S 366 
TYR C    C N N 367 
TYR O    O N N 368 
TYR CB   C N N 369 
TYR CG   C Y N 370 
TYR CD1  C Y N 371 
TYR CD2  C Y N 372 
TYR CE1  C Y N 373 
TYR CE2  C Y N 374 
TYR CZ   C Y N 375 
TYR OH   O N N 376 
TYR OXT  O N N 377 
TYR H    H N N 378 
TYR H2   H N N 379 
TYR HA   H N N 380 
TYR HB2  H N N 381 
TYR HB3  H N N 382 
TYR HD1  H N N 383 
TYR HD2  H N N 384 
TYR HE1  H N N 385 
TYR HE2  H N N 386 
TYR HH   H N N 387 
TYR HXT  H N N 388 
VAL N    N N N 389 
VAL CA   C N S 390 
VAL C    C N N 391 
VAL O    O N N 392 
VAL CB   C N N 393 
VAL CG1  C N N 394 
VAL CG2  C N N 395 
VAL OXT  O N N 396 
VAL H    H N N 397 
VAL H2   H N N 398 
VAL HA   H N N 399 
VAL HB   H N N 400 
VAL HG11 H N N 401 
VAL HG12 H N N 402 
VAL HG13 H N N 403 
VAL HG21 H N N 404 
VAL HG22 H N N 405 
VAL HG23 H N N 406 
VAL HXT  H N N 407 
# 
loop_
_chem_comp_bond.comp_id 
_chem_comp_bond.atom_id_1 
_chem_comp_bond.atom_id_2 
_chem_comp_bond.value_order 
_chem_comp_bond.pdbx_aromatic_flag 
_chem_comp_bond.pdbx_stereo_config 
_chem_comp_bond.pdbx_ordinal 
ACT C   O    doub N N 1   
ACT C   OXT  sing N N 2   
ACT C   CH3  sing N N 3   
ACT CH3 H1   sing N N 4   
ACT CH3 H2   sing N N 5   
ACT CH3 H3   sing N N 6   
ALA N   CA   sing N N 7   
ALA N   H    sing N N 8   
ALA N   H2   sing N N 9   
ALA CA  C    sing N N 10  
ALA CA  CB   sing N N 11  
ALA CA  HA   sing N N 12  
ALA C   O    doub N N 13  
ALA C   OXT  sing N N 14  
ALA CB  HB1  sing N N 15  
ALA CB  HB2  sing N N 16  
ALA CB  HB3  sing N N 17  
ALA OXT HXT  sing N N 18  
ARG N   CA   sing N N 19  
ARG N   H    sing N N 20  
ARG N   H2   sing N N 21  
ARG CA  C    sing N N 22  
ARG CA  CB   sing N N 23  
ARG CA  HA   sing N N 24  
ARG C   O    doub N N 25  
ARG C   OXT  sing N N 26  
ARG CB  CG   sing N N 27  
ARG CB  HB2  sing N N 28  
ARG CB  HB3  sing N N 29  
ARG CG  CD   sing N N 30  
ARG CG  HG2  sing N N 31  
ARG CG  HG3  sing N N 32  
ARG CD  NE   sing N N 33  
ARG CD  HD2  sing N N 34  
ARG CD  HD3  sing N N 35  
ARG NE  CZ   sing N N 36  
ARG NE  HE   sing N N 37  
ARG CZ  NH1  sing N N 38  
ARG CZ  NH2  doub N N 39  
ARG NH1 HH11 sing N N 40  
ARG NH1 HH12 sing N N 41  
ARG NH2 HH21 sing N N 42  
ARG NH2 HH22 sing N N 43  
ARG OXT HXT  sing N N 44  
ASN N   CA   sing N N 45  
ASN N   H    sing N N 46  
ASN N   H2   sing N N 47  
ASN CA  C    sing N N 48  
ASN CA  CB   sing N N 49  
ASN CA  HA   sing N N 50  
ASN C   O    doub N N 51  
ASN C   OXT  sing N N 52  
ASN CB  CG   sing N N 53  
ASN CB  HB2  sing N N 54  
ASN CB  HB3  sing N N 55  
ASN CG  OD1  doub N N 56  
ASN CG  ND2  sing N N 57  
ASN ND2 HD21 sing N N 58  
ASN ND2 HD22 sing N N 59  
ASN OXT HXT  sing N N 60  
ASP N   CA   sing N N 61  
ASP N   H    sing N N 62  
ASP N   H2   sing N N 63  
ASP CA  C    sing N N 64  
ASP CA  CB   sing N N 65  
ASP CA  HA   sing N N 66  
ASP C   O    doub N N 67  
ASP C   OXT  sing N N 68  
ASP CB  CG   sing N N 69  
ASP CB  HB2  sing N N 70  
ASP CB  HB3  sing N N 71  
ASP CG  OD1  doub N N 72  
ASP CG  OD2  sing N N 73  
ASP OD2 HD2  sing N N 74  
ASP OXT HXT  sing N N 75  
CYS N   CA   sing N N 76  
CYS N   H    sing N N 77  
CYS N   H2   sing N N 78  
CYS CA  C    sing N N 79  
CYS CA  CB   sing N N 80  
CYS CA  HA   sing N N 81  
CYS C   O    doub N N 82  
CYS C   OXT  sing N N 83  
CYS CB  SG   sing N N 84  
CYS CB  HB2  sing N N 85  
CYS CB  HB3  sing N N 86  
CYS SG  HG   sing N N 87  
CYS OXT HXT  sing N N 88  
EDO C1  O1   sing N N 89  
EDO C1  C2   sing N N 90  
EDO C1  H11  sing N N 91  
EDO C1  H12  sing N N 92  
EDO O1  HO1  sing N N 93  
EDO C2  O2   sing N N 94  
EDO C2  H21  sing N N 95  
EDO C2  H22  sing N N 96  
EDO O2  HO2  sing N N 97  
GLN N   CA   sing N N 98  
GLN N   H    sing N N 99  
GLN N   H2   sing N N 100 
GLN CA  C    sing N N 101 
GLN CA  CB   sing N N 102 
GLN CA  HA   sing N N 103 
GLN C   O    doub N N 104 
GLN C   OXT  sing N N 105 
GLN CB  CG   sing N N 106 
GLN CB  HB2  sing N N 107 
GLN CB  HB3  sing N N 108 
GLN CG  CD   sing N N 109 
GLN CG  HG2  sing N N 110 
GLN CG  HG3  sing N N 111 
GLN CD  OE1  doub N N 112 
GLN CD  NE2  sing N N 113 
GLN NE2 HE21 sing N N 114 
GLN NE2 HE22 sing N N 115 
GLN OXT HXT  sing N N 116 
GLU N   CA   sing N N 117 
GLU N   H    sing N N 118 
GLU N   H2   sing N N 119 
GLU CA  C    sing N N 120 
GLU CA  CB   sing N N 121 
GLU CA  HA   sing N N 122 
GLU C   O    doub N N 123 
GLU C   OXT  sing N N 124 
GLU CB  CG   sing N N 125 
GLU CB  HB2  sing N N 126 
GLU CB  HB3  sing N N 127 
GLU CG  CD   sing N N 128 
GLU CG  HG2  sing N N 129 
GLU CG  HG3  sing N N 130 
GLU CD  OE1  doub N N 131 
GLU CD  OE2  sing N N 132 
GLU OE2 HE2  sing N N 133 
GLU OXT HXT  sing N N 134 
GLY N   CA   sing N N 135 
GLY N   H    sing N N 136 
GLY N   H2   sing N N 137 
GLY CA  C    sing N N 138 
GLY CA  HA2  sing N N 139 
GLY CA  HA3  sing N N 140 
GLY C   O    doub N N 141 
GLY C   OXT  sing N N 142 
GLY OXT HXT  sing N N 143 
HIS N   CA   sing N N 144 
HIS N   H    sing N N 145 
HIS N   H2   sing N N 146 
HIS CA  C    sing N N 147 
HIS CA  CB   sing N N 148 
HIS CA  HA   sing N N 149 
HIS C   O    doub N N 150 
HIS C   OXT  sing N N 151 
HIS CB  CG   sing N N 152 
HIS CB  HB2  sing N N 153 
HIS CB  HB3  sing N N 154 
HIS CG  ND1  sing Y N 155 
HIS CG  CD2  doub Y N 156 
HIS ND1 CE1  doub Y N 157 
HIS ND1 HD1  sing N N 158 
HIS CD2 NE2  sing Y N 159 
HIS CD2 HD2  sing N N 160 
HIS CE1 NE2  sing Y N 161 
HIS CE1 HE1  sing N N 162 
HIS NE2 HE2  sing N N 163 
HIS OXT HXT  sing N N 164 
HOH O   H1   sing N N 165 
HOH O   H2   sing N N 166 
ILE N   CA   sing N N 167 
ILE N   H    sing N N 168 
ILE N   H2   sing N N 169 
ILE CA  C    sing N N 170 
ILE CA  CB   sing N N 171 
ILE CA  HA   sing N N 172 
ILE C   O    doub N N 173 
ILE C   OXT  sing N N 174 
ILE CB  CG1  sing N N 175 
ILE CB  CG2  sing N N 176 
ILE CB  HB   sing N N 177 
ILE CG1 CD1  sing N N 178 
ILE CG1 HG12 sing N N 179 
ILE CG1 HG13 sing N N 180 
ILE CG2 HG21 sing N N 181 
ILE CG2 HG22 sing N N 182 
ILE CG2 HG23 sing N N 183 
ILE CD1 HD11 sing N N 184 
ILE CD1 HD12 sing N N 185 
ILE CD1 HD13 sing N N 186 
ILE OXT HXT  sing N N 187 
LEU N   CA   sing N N 188 
LEU N   H    sing N N 189 
LEU N   H2   sing N N 190 
LEU CA  C    sing N N 191 
LEU CA  CB   sing N N 192 
LEU CA  HA   sing N N 193 
LEU C   O    doub N N 194 
LEU C   OXT  sing N N 195 
LEU CB  CG   sing N N 196 
LEU CB  HB2  sing N N 197 
LEU CB  HB3  sing N N 198 
LEU CG  CD1  sing N N 199 
LEU CG  CD2  sing N N 200 
LEU CG  HG   sing N N 201 
LEU CD1 HD11 sing N N 202 
LEU CD1 HD12 sing N N 203 
LEU CD1 HD13 sing N N 204 
LEU CD2 HD21 sing N N 205 
LEU CD2 HD22 sing N N 206 
LEU CD2 HD23 sing N N 207 
LEU OXT HXT  sing N N 208 
LYS N   CA   sing N N 209 
LYS N   H    sing N N 210 
LYS N   H2   sing N N 211 
LYS CA  C    sing N N 212 
LYS CA  CB   sing N N 213 
LYS CA  HA   sing N N 214 
LYS C   O    doub N N 215 
LYS C   OXT  sing N N 216 
LYS CB  CG   sing N N 217 
LYS CB  HB2  sing N N 218 
LYS CB  HB3  sing N N 219 
LYS CG  CD   sing N N 220 
LYS CG  HG2  sing N N 221 
LYS CG  HG3  sing N N 222 
LYS CD  CE   sing N N 223 
LYS CD  HD2  sing N N 224 
LYS CD  HD3  sing N N 225 
LYS CE  NZ   sing N N 226 
LYS CE  HE2  sing N N 227 
LYS CE  HE3  sing N N 228 
LYS NZ  HZ1  sing N N 229 
LYS NZ  HZ2  sing N N 230 
LYS NZ  HZ3  sing N N 231 
LYS OXT HXT  sing N N 232 
MET N   CA   sing N N 233 
MET N   H    sing N N 234 
MET N   H2   sing N N 235 
MET CA  C    sing N N 236 
MET CA  CB   sing N N 237 
MET CA  HA   sing N N 238 
MET C   O    doub N N 239 
MET C   OXT  sing N N 240 
MET CB  CG   sing N N 241 
MET CB  HB2  sing N N 242 
MET CB  HB3  sing N N 243 
MET CG  SD   sing N N 244 
MET CG  HG2  sing N N 245 
MET CG  HG3  sing N N 246 
MET SD  CE   sing N N 247 
MET CE  HE1  sing N N 248 
MET CE  HE2  sing N N 249 
MET CE  HE3  sing N N 250 
MET OXT HXT  sing N N 251 
PHE N   CA   sing N N 252 
PHE N   H    sing N N 253 
PHE N   H2   sing N N 254 
PHE CA  C    sing N N 255 
PHE CA  CB   sing N N 256 
PHE CA  HA   sing N N 257 
PHE C   O    doub N N 258 
PHE C   OXT  sing N N 259 
PHE CB  CG   sing N N 260 
PHE CB  HB2  sing N N 261 
PHE CB  HB3  sing N N 262 
PHE CG  CD1  doub Y N 263 
PHE CG  CD2  sing Y N 264 
PHE CD1 CE1  sing Y N 265 
PHE CD1 HD1  sing N N 266 
PHE CD2 CE2  doub Y N 267 
PHE CD2 HD2  sing N N 268 
PHE CE1 CZ   doub Y N 269 
PHE CE1 HE1  sing N N 270 
PHE CE2 CZ   sing Y N 271 
PHE CE2 HE2  sing N N 272 
PHE CZ  HZ   sing N N 273 
PHE OXT HXT  sing N N 274 
PRO N   CA   sing N N 275 
PRO N   CD   sing N N 276 
PRO N   H    sing N N 277 
PRO CA  C    sing N N 278 
PRO CA  CB   sing N N 279 
PRO CA  HA   sing N N 280 
PRO C   O    doub N N 281 
PRO C   OXT  sing N N 282 
PRO CB  CG   sing N N 283 
PRO CB  HB2  sing N N 284 
PRO CB  HB3  sing N N 285 
PRO CG  CD   sing N N 286 
PRO CG  HG2  sing N N 287 
PRO CG  HG3  sing N N 288 
PRO CD  HD2  sing N N 289 
PRO CD  HD3  sing N N 290 
PRO OXT HXT  sing N N 291 
SER N   CA   sing N N 292 
SER N   H    sing N N 293 
SER N   H2   sing N N 294 
SER CA  C    sing N N 295 
SER CA  CB   sing N N 296 
SER CA  HA   sing N N 297 
SER C   O    doub N N 298 
SER C   OXT  sing N N 299 
SER CB  OG   sing N N 300 
SER CB  HB2  sing N N 301 
SER CB  HB3  sing N N 302 
SER OG  HG   sing N N 303 
SER OXT HXT  sing N N 304 
THR N   CA   sing N N 305 
THR N   H    sing N N 306 
THR N   H2   sing N N 307 
THR CA  C    sing N N 308 
THR CA  CB   sing N N 309 
THR CA  HA   sing N N 310 
THR C   O    doub N N 311 
THR C   OXT  sing N N 312 
THR CB  OG1  sing N N 313 
THR CB  CG2  sing N N 314 
THR CB  HB   sing N N 315 
THR OG1 HG1  sing N N 316 
THR CG2 HG21 sing N N 317 
THR CG2 HG22 sing N N 318 
THR CG2 HG23 sing N N 319 
THR OXT HXT  sing N N 320 
TRP N   CA   sing N N 321 
TRP N   H    sing N N 322 
TRP N   H2   sing N N 323 
TRP CA  C    sing N N 324 
TRP CA  CB   sing N N 325 
TRP CA  HA   sing N N 326 
TRP C   O    doub N N 327 
TRP C   OXT  sing N N 328 
TRP CB  CG   sing N N 329 
TRP CB  HB2  sing N N 330 
TRP CB  HB3  sing N N 331 
TRP CG  CD1  doub Y N 332 
TRP CG  CD2  sing Y N 333 
TRP CD1 NE1  sing Y N 334 
TRP CD1 HD1  sing N N 335 
TRP CD2 CE2  doub Y N 336 
TRP CD2 CE3  sing Y N 337 
TRP NE1 CE2  sing Y N 338 
TRP NE1 HE1  sing N N 339 
TRP CE2 CZ2  sing Y N 340 
TRP CE3 CZ3  doub Y N 341 
TRP CE3 HE3  sing N N 342 
TRP CZ2 CH2  doub Y N 343 
TRP CZ2 HZ2  sing N N 344 
TRP CZ3 CH2  sing Y N 345 
TRP CZ3 HZ3  sing N N 346 
TRP CH2 HH2  sing N N 347 
TRP OXT HXT  sing N N 348 
TYR N   CA   sing N N 349 
TYR N   H    sing N N 350 
TYR N   H2   sing N N 351 
TYR CA  C    sing N N 352 
TYR CA  CB   sing N N 353 
TYR CA  HA   sing N N 354 
TYR C   O    doub N N 355 
TYR C   OXT  sing N N 356 
TYR CB  CG   sing N N 357 
TYR CB  HB2  sing N N 358 
TYR CB  HB3  sing N N 359 
TYR CG  CD1  doub Y N 360 
TYR CG  CD2  sing Y N 361 
TYR CD1 CE1  sing Y N 362 
TYR CD1 HD1  sing N N 363 
TYR CD2 CE2  doub Y N 364 
TYR CD2 HD2  sing N N 365 
TYR CE1 CZ   doub Y N 366 
TYR CE1 HE1  sing N N 367 
TYR CE2 CZ   sing Y N 368 
TYR CE2 HE2  sing N N 369 
TYR CZ  OH   sing N N 370 
TYR OH  HH   sing N N 371 
TYR OXT HXT  sing N N 372 
VAL N   CA   sing N N 373 
VAL N   H    sing N N 374 
VAL N   H2   sing N N 375 
VAL CA  C    sing N N 376 
VAL CA  CB   sing N N 377 
VAL CA  HA   sing N N 378 
VAL C   O    doub N N 379 
VAL C   OXT  sing N N 380 
VAL CB  CG1  sing N N 381 
VAL CB  CG2  sing N N 382 
VAL CB  HB   sing N N 383 
VAL CG1 HG11 sing N N 384 
VAL CG1 HG12 sing N N 385 
VAL CG1 HG13 sing N N 386 
VAL CG2 HG21 sing N N 387 
VAL CG2 HG22 sing N N 388 
VAL CG2 HG23 sing N N 389 
VAL OXT HXT  sing N N 390 
# 
_pdbx_audit_support.funding_organization   'National Institutes of Health/National Cancer Institute (NIH/NCI)' 
_pdbx_audit_support.country                'United States' 
_pdbx_audit_support.grant_number           '1 ZIABC011490 and FLEX award' 
_pdbx_audit_support.ordinal                1 
# 
_pdbx_initial_refinement_model.id               1 
_pdbx_initial_refinement_model.entity_id_list   ? 
_pdbx_initial_refinement_model.type             'experimental model' 
_pdbx_initial_refinement_model.source_name      PDB 
_pdbx_initial_refinement_model.accession_code   5IRS 
_pdbx_initial_refinement_model.details          ? 
# 
_space_group.name_H-M_alt     'P 21 21 21' 
_space_group.name_Hall        'P 2ac 2ab' 
_space_group.IT_number        19 
_space_group.crystal_system   orthorhombic 
_space_group.id               1 
# 
_atom_sites.entry_id                    8VWO 
_atom_sites.Cartn_transf_matrix[1][1]   ? 
_atom_sites.Cartn_transf_matrix[1][2]   ? 
_atom_sites.Cartn_transf_matrix[1][3]   ? 
_atom_sites.Cartn_transf_matrix[2][1]   ? 
_atom_sites.Cartn_transf_matrix[2][2]   ? 
_atom_sites.Cartn_transf_matrix[2][3]   ? 
_atom_sites.Cartn_transf_matrix[3][1]   ? 
_atom_sites.Cartn_transf_matrix[3][2]   ? 
_atom_sites.Cartn_transf_matrix[3][3]   ? 
_atom_sites.Cartn_transf_vector[1]      ? 
_atom_sites.Cartn_transf_vector[2]      ? 
_atom_sites.Cartn_transf_vector[3]      ? 
_atom_sites.Cartn_transform_axes        ? 
_atom_sites.fract_transf_matrix[1][1]   -0.01496780 
_atom_sites.fract_transf_matrix[1][2]   -0.01360556 
_atom_sites.fract_transf_matrix[1][3]   -0.02478075 
_atom_sites.fract_transf_matrix[2][1]   -0.00624438 
_atom_sites.fract_transf_matrix[2][2]   0.01567507 
_atom_sites.fract_transf_matrix[2][3]   -0.00483454 
_atom_sites.fract_transf_matrix[3][1]   0.01039971 
_atom_sites.fract_transf_matrix[3][2]   0.00188612 
_atom_sites.fract_transf_matrix[3][3]   -0.00731707 
_atom_sites.fract_transf_vector[1]      0.103165 
_atom_sites.fract_transf_vector[2]      0.245144 
_atom_sites.fract_transf_vector[3]      0.178436 
_atom_sites.solution_primary            ? 
_atom_sites.solution_secondary          ? 
_atom_sites.solution_hydrogens          ? 
_atom_sites.special_details             ? 
# 
loop_
_atom_type.symbol 
_atom_type.scat_dispersion_real 
_atom_type.scat_dispersion_imag 
_atom_type.scat_Cromer_Mann_a1 
_atom_type.scat_Cromer_Mann_a2 
_atom_type.scat_Cromer_Mann_a3 
_atom_type.scat_Cromer_Mann_a4 
_atom_type.scat_Cromer_Mann_b1 
_atom_type.scat_Cromer_Mann_b2 
_atom_type.scat_Cromer_Mann_b3 
_atom_type.scat_Cromer_Mann_b4 
_atom_type.scat_Cromer_Mann_c 
_atom_type.scat_source 
_atom_type.scat_dispersion_source 
C ? ? 3.54356 2.42580 ? ? 25.62398 1.50364  ? ? 0.0 
;2-Gaussian fit: Grosse-Kunstleve RW, Sauter NK, Adams PD: Newsletter of the IUCr Commission on Crystallographic Computing 2004, 3, 22-31.
;
? 
N ? ? 4.01032 2.96436 ? ? 19.97189 1.75589  ? ? 0.0 
;2-Gaussian fit: Grosse-Kunstleve RW, Sauter NK, Adams PD: Newsletter of the IUCr Commission on Crystallographic Computing 2004, 3, 22-31.
;
? 
O ? ? 4.49882 3.47563 ? ? 15.80542 1.70748  ? ? 0.0 
;2-Gaussian fit: Grosse-Kunstleve RW, Sauter NK, Adams PD: Newsletter of the IUCr Commission on Crystallographic Computing 2004, 3, 22-31.
;
? 
S ? ? 9.55732 6.39887 ? ? 1.23737  29.19336 ? ? 0.0 
;2-Gaussian fit: Grosse-Kunstleve RW, Sauter NK, Adams PD: Newsletter of the IUCr Commission on Crystallographic Computing 2004, 3, 22-31.
;
? 
# 
loop_
_atom_site.group_PDB 
_atom_site.id 
_atom_site.type_symbol 
_atom_site.label_atom_id 
_atom_site.label_alt_id 
_atom_site.label_comp_id 
_atom_site.label_asym_id 
_atom_site.label_entity_id 
_atom_site.label_seq_id 
_atom_site.pdbx_PDB_ins_code 
_atom_site.Cartn_x 
_atom_site.Cartn_y 
_atom_site.Cartn_z 
_atom_site.occupancy 
_atom_site.B_iso_or_equiv 
_atom_site.pdbx_formal_charge 
_atom_site.auth_seq_id 
_atom_site.auth_comp_id 
_atom_site.auth_asym_id 
_atom_site.auth_atom_id 
_atom_site.pdbx_PDB_model_num 
ATOM   1    N N   . LYS A 1 21  ? -4.93511  -15.75589 8.30547   1.000 50.58090 ? 21  LYS A N   1 
ATOM   2    C CA  . LYS A 1 21  ? -3.60269  -15.41765 7.80181   1.000 34.32616 ? 21  LYS A CA  1 
ATOM   3    C C   . LYS A 1 21  ? -3.51699  -14.05895 7.10676   1.000 34.37544 ? 21  LYS A C   1 
ATOM   4    O O   . LYS A 1 21  ? -2.40780  -13.61154 6.83571   1.000 25.10342 ? 21  LYS A O   1 
ATOM   5    C CB  . LYS A 1 21  ? -3.12723  -16.46844 6.79625   1.000 32.74420 ? 21  LYS A CB  1 
ATOM   6    C CG  . LYS A 1 21  ? -2.99863  -17.86010 7.33585   1.000 41.67299 ? 21  LYS A CG  1 
ATOM   7    C CD  . LYS A 1 21  ? -2.42621  -18.78610 6.27540   1.000 46.26257 ? 21  LYS A CD  1 
ATOM   8    C CE  . LYS A 1 21  ? -2.02272  -20.12286 6.82262   1.000 39.34176 ? 21  LYS A CE  1 
ATOM   9    N NZ  . LYS A 1 21  ? -3.14826  -20.82688 7.48864   1.000 53.67712 ? 21  LYS A NZ  1 
ATOM   10   N N   . TYR A 1 22  ? -4.67681  -13.46439 6.77266   1.000 26.62714 ? 22  TYR A N   1 
ATOM   11   C CA  . TYR A 1 22  ? -4.79490  -12.10115 6.26168   1.000 22.80078 ? 22  TYR A CA  1 
ATOM   12   C C   . TYR A 1 22  ? -4.93661  -11.11094 7.41633   1.000 21.58051 ? 22  TYR A C   1 
ATOM   13   O O   . TYR A 1 22  ? -6.01035  -10.97645 8.00356   1.000 23.56658 ? 22  TYR A O   1 
ATOM   14   C CB  . TYR A 1 22  ? -6.04818  -11.94124 5.37576   1.000 24.66022 ? 22  TYR A CB  1 
ATOM   15   C CG  . TYR A 1 22  ? -5.88469  -11.94296 3.86112   1.000 36.06381 ? 22  TYR A CG  1 
ATOM   16   C CD1 . TYR A 1 22  ? -5.11912  -12.90944 3.21875   1.000 30.08175 ? 22  TYR A CD1 1 
ATOM   17   C CD2 . TYR A 1 22  ? -6.56184  -11.02071 3.06793   1.000 36.97612 ? 22  TYR A CD2 1 
ATOM   18   C CE1 . TYR A 1 22  ? -5.01101  -12.94143 1.82656   1.000 33.67889 ? 22  TYR A CE1 1 
ATOM   19   C CE2 . TYR A 1 22  ? -6.46322  -11.04198 1.67557   1.000 35.55353 ? 22  TYR A CE2 1 
ATOM   20   C CZ  . TYR A 1 22  ? -5.68575  -12.00319 1.05670   1.000 35.98767 ? 22  TYR A CZ  1 
ATOM   21   O OH  . TYR A 1 22  ? -5.60315  -12.00960 -0.32120  1.000 38.42872 ? 22  TYR A OH  1 
ATOM   22   N N   . LEU A 1 23  ? -3.85868  -10.39857 7.71856   1.000 14.12414 ? 23  LEU A N   1 
ATOM   23   C CA  . LEU A 1 23  ? -3.78034  -9.61310  8.93783   1.000 13.37006 ? 23  LEU A CA  1 
ATOM   24   C C   . LEU A 1 23  ? -4.35924  -8.20944  8.78025   1.000 15.59909 ? 23  LEU A C   1 
ATOM   25   O O   . LEU A 1 23  ? -4.92702  -7.65048  9.71929   1.000 15.55735 ? 23  LEU A O   1 
ATOM   26   C CB  . LEU A 1 23  ? -2.33530  -9.52708  9.34147   1.000 14.42688 ? 23  LEU A CB  1 
ATOM   27   C CG  . LEU A 1 23  ? -1.70159  -10.86794 9.67549   1.000 17.95937 ? 23  LEU A CG  1 
ATOM   28   C CD1 . LEU A 1 23  ? -0.26817  -10.68116 10.03597  1.000 18.01200 ? 23  LEU A CD1 1 
ATOM   29   C CD2 . LEU A 1 23  ? -2.48638  -11.57297 10.79845  1.000 21.48594 ? 23  LEU A CD2 1 
ATOM   30   N N   . VAL A 1 24  ? -4.16069  -7.63760  7.58788   1.000 11.33200 ? 24  VAL A N   1 
ATOM   31   C CA  . VAL A 1 24  ? -4.59788  -6.29143  7.26380   1.000 10.41488 ? 24  VAL A CA  1 
ATOM   32   C C   . VAL A 1 24  ? -5.08061  -6.30972  5.81597   1.000 12.08337 ? 24  VAL A C   1 
ATOM   33   O O   . VAL A 1 24  ? -4.44283  -6.92506  4.97403   1.000 11.44300 ? 24  VAL A O   1 
ATOM   34   C CB  . VAL A 1 24  ? -3.45106  -5.26478  7.39558   1.000 12.37040 ? 24  VAL A CB  1 
ATOM   35   C CG1 . VAL A 1 24  ? -3.95283  -3.84775  7.10521   1.000 14.95620 ? 24  VAL A CG1 1 
ATOM   36   C CG2 . VAL A 1 24  ? -2.77573  -5.34621  8.76104   1.000 16.44088 ? 24  VAL A CG2 1 
ATOM   37   N N   . GLU A 1 25  ? -6.18176  -5.61348  5.51062   1.000 12.53750 ? 25  GLU A N   1 
ATOM   38   C CA  . GLU A 1 25  ? -6.60975  -5.47067  4.12585   1.000 11.61079 ? 25  GLU A CA  1 
ATOM   39   C C   . GLU A 1 25  ? -7.39553  -4.17461  3.95233   1.000 12.80980 ? 25  GLU A C   1 
ATOM   40   O O   . GLU A 1 25  ? -8.18162  -3.78204  4.82300   1.000 14.69079 ? 25  GLU A O   1 
ATOM   41   C CB  . GLU A 1 25  ? -7.44475  -6.67582  3.67622   1.000 15.93843 ? 25  GLU A CB  1 
ATOM   42   C CG  . GLU A 1 25  ? -8.78275  -6.75588  4.35263   1.000 21.85746 ? 25  GLU A CG  1 
ATOM   43   C CD  . GLU A 1 25  ? -9.55308  -8.02779  4.09687   1.000 34.87956 ? 25  GLU A CD  1 
ATOM   44   O OE1 . GLU A 1 25  ? -8.92486  -9.03941  3.71478   1.000 35.13125 ? 25  GLU A OE1 1 
ATOM   45   O OE2 . GLU A 1 25  ? -10.79341 -8.00263  4.26510   1.000 36.25637 ? 25  GLU A OE2 1 
ATOM   46   N N   . PHE A 1 26  ? -7.14441  -3.49445  2.83267   1.000 9.11043  ? 26  PHE A N   1 
ATOM   47   C CA  . PHE A 1 26  ? -7.89788  -2.30136  2.50119   1.000 11.34007 ? 26  PHE A CA  1 
ATOM   48   C C   . PHE A 1 26  ? -7.76366  -1.96826  1.02434   1.000 11.63901 ? 26  PHE A C   1 
ATOM   49   O O   . PHE A 1 26  ? -6.76073  -2.28256  0.38501   1.000 10.09086 ? 26  PHE A O   1 
ATOM   50   C CB  . PHE A 1 26  ? -7.46941  -1.12131  3.40294   1.000 12.10116 ? 26  PHE A CB  1 
ATOM   51   C CG  . PHE A 1 26  ? -6.00352  -0.77299  3.33344   1.000 9.88911  ? 26  PHE A CG  1 
ATOM   52   C CD1 . PHE A 1 26  ? -5.52673  0.11162   2.37433   1.000 10.88841 ? 26  PHE A CD1 1 
ATOM   53   C CD2 . PHE A 1 26  ? -5.09609  -1.33927  4.22050   1.000 10.49826 ? 26  PHE A CD2 1 
ATOM   54   C CE1 . PHE A 1 26  ? -4.15792  0.43685   2.31555   1.000 10.68367 ? 26  PHE A CE1 1 
ATOM   55   C CE2 . PHE A 1 26  ? -3.73415  -1.00886  4.16562   1.000 13.36584 ? 26  PHE A CE2 1 
ATOM   56   C CZ  . PHE A 1 26  ? -3.27931  -0.11546  3.21624   1.000 9.51125  ? 26  PHE A CZ  1 
ATOM   57   N N   . ARG A 1 27  ? -8.81606  -1.32908  0.49614   1.000 10.25957 ? 27  ARG A N   1 
ATOM   58   C CA  . ARG A 1 27  ? -8.85465  -0.90609  -0.88683  1.000 11.78014 ? 27  ARG A CA  1 
ATOM   59   C C   . ARG A 1 27  ? -7.89127  0.25590   -1.10328  1.000 10.63663 ? 27  ARG A C   1 
ATOM   60   O O   . ARG A 1 27  ? -7.91358  1.24905   -0.36986  1.000 12.35400 ? 27  ARG A O   1 
ATOM   61   C CB  . ARG A 1 27  ? -10.26560 -0.49908  -1.25008  1.000 11.36193 ? 27  ARG A CB  1 
ATOM   62   C CG  . ARG A 1 27  ? -11.27345 -1.64927  -1.18496  1.000 13.68774 ? 27  ARG A CG  1 
ATOM   63   C CD  . ARG A 1 27  ? -12.64695 -1.11700  -1.46276  1.000 17.81340 ? 27  ARG A CD  1 
ATOM   64   N NE  . ARG A 1 27  ? -13.63781 -2.17681  -1.56607  1.000 25.50038 ? 27  ARG A NE  1 
ATOM   65   C CZ  . ARG A 1 27  ? -14.94001 -1.97401  -1.71888  1.000 32.60540 ? 27  ARG A CZ  1 
ATOM   66   N NH1 . ARG A 1 27  ? -15.43009 -0.76991  -1.97036  1.000 31.42416 ? 27  ARG A NH1 1 
ATOM   67   N NH2 . ARG A 1 27  ? -15.76947 -3.01078  -1.63286  1.000 28.43866 ? 27  ARG A NH2 1 
ATOM   68   N N   . ALA A 1 28  ? -7.02766  0.10159   -2.10784  1.000 10.33993 ? 28  ALA A N   1 
ATOM   69   C CA  . ALA A 1 28  ? -6.05881  1.11885   -2.45213  1.000 9.97188  ? 28  ALA A CA  1 
ATOM   70   C C   . ALA A 1 28  ? -5.47329  0.80908   -3.82293  1.000 11.40506 ? 28  ALA A C   1 
ATOM   71   O O   . ALA A 1 28  ? -5.21341  -0.34119  -4.15270  1.000 10.95429 ? 28  ALA A O   1 
ATOM   72   C CB  . ALA A 1 28  ? -4.94239  1.18636   -1.40692  1.000 11.90271 ? 28  ALA A CB  1 
ATOM   73   N N   . GLY A 1 29  ? -5.25412  1.85708   -4.60880  1.000 10.87876 ? 29  GLY A N   1 
ATOM   74   C CA  . GLY A 1 29  ? -4.55832  1.71182   -5.87196  1.000 10.42330 ? 29  GLY A CA  1 
ATOM   75   C C   . GLY A 1 29  ? -3.05000  1.80423   -5.68576  1.000 10.00014 ? 29  GLY A C   1 
ATOM   76   O O   . GLY A 1 29  ? -2.56036  2.20319   -4.61785  1.000 8.79365  ? 29  GLY A O   1 
ATOM   77   N N   . LYS A 1 30  ? -2.32571  1.43526   -6.74508  1.000 9.77006  ? 30  LYS A N   1 
ATOM   78   C CA  . LYS A 1 30  ? -0.88078  1.54752   -6.76130  1.000 9.78944  ? 30  LYS A CA  1 
ATOM   79   C C   . LYS A 1 30  ? -0.46608  2.64438   -7.73620  1.000 10.05363 ? 30  LYS A C   1 
ATOM   80   O O   . LYS A 1 30  ? -1.30644  3.36682   -8.26147  1.000 10.40351 ? 30  LYS A O   1 
ATOM   81   C CB  . LYS A 1 30  ? -0.22384  0.17933   -7.08753  1.000 10.48793 ? 30  LYS A CB  1 
ATOM   82   C CG  . LYS A 1 30  ? -0.53523  -0.39320  -8.48430  1.000 14.80964 ? 30  LYS A CG  1 
ATOM   83   C CD  . LYS A 1 30  ? 0.23577   -1.70586  -8.73439  1.000 18.42875 ? 30  LYS A CD  1 
ATOM   84   C CE  . LYS A 1 30  ? 1.69500   -1.46319  -9.05821  1.000 22.26566 ? 30  LYS A CE  1 
ATOM   85   N NZ  . LYS A 1 30  ? 2.47795   -2.73348  -9.06633  1.000 27.53409 ? 30  LYS A NZ  1 
ATOM   86   N N   . MET A 1 31  ? 0.84683   2.79487   -7.92990  1.000 12.15609 ? 31  MET A N   1 
ATOM   87   C CA  . MET A 1 31  ? 1.37055   3.76976   -8.86756  1.000 10.63829 ? 31  MET A CA  1 
ATOM   88   C C   . MET A 1 31  ? 2.46423   3.11612   -9.70078  1.000 15.72076 ? 31  MET A C   1 
ATOM   89   O O   . MET A 1 31  ? 3.00943   2.08538   -9.31056  1.000 15.14778 ? 31  MET A O   1 
ATOM   90   C CB  . MET A 1 31  ? 1.92028   4.97438   -8.11208  1.000 11.18618 ? 31  MET A CB  1 
ATOM   91   C CG  . MET A 1 31  ? 0.86983   5.62529   -7.26736  1.000 10.97211 ? 31  MET A CG  1 
ATOM   92   S SD  . MET A 1 31  ? 1.21616   7.35313   -6.91652  1.000 11.83874 ? 31  MET A SD  1 
ATOM   93   C CE  . MET A 1 31  ? -0.14619  7.72363   -5.80397  1.000 12.01770 ? 31  MET A CE  1 
ATOM   94   N N   . SER A 1 32  ? 2.79708   3.76709   -10.81381 1.000 13.17027 ? 32  SER A N   1 
ATOM   95   C CA  . SER A 1 32  ? 3.81155   3.26850   -11.72821 1.000 17.80287 ? 32  SER A CA  1 
ATOM   96   C C   . SER A 1 32  ? 4.87780   4.33661   -11.92819 1.000 18.73335 ? 32  SER A C   1 
ATOM   97   O O   . SER A 1 32  ? 4.61713   5.52314   -11.73410 1.000 18.00016 ? 32  SER A O   1 
ATOM   98   C CB  . SER A 1 32  ? 3.18336   2.89181   -13.06418 1.000 23.48200 ? 32  SER A CB  1 
ATOM   99   O OG  . SER A 1 32  ? 2.48746   4.00581   -13.59236 1.000 33.01256 ? 32  SER A OG  1 
ATOM   100  N N   . LEU A 1 33  ? 6.08305   3.88824   -12.28691 1.000 19.76758 ? 33  LEU A N   1 
ATOM   101  C CA  . LEU A 1 33  ? 7.18189   4.78218   -12.58913 1.000 20.23124 ? 33  LEU A CA  1 
ATOM   102  C C   . LEU A 1 33  ? 7.53517   4.57048   -14.06059 1.000 29.57520 ? 33  LEU A C   1 
ATOM   103  O O   . LEU A 1 33  ? 7.75767   3.44098   -14.48893 1.000 26.45544 ? 33  LEU A O   1 
ATOM   104  C CB  . LEU A 1 33  ? 8.35424   4.49047   -11.65546 1.000 20.73699 ? 33  LEU A CB  1 
ATOM   105  C CG  . LEU A 1 33  ? 9.60953   5.33082   -11.86531 1.000 24.31328 ? 33  LEU A CG  1 
ATOM   106  C CD1 . LEU A 1 33  ? 9.45977   6.70333   -11.26581 1.000 22.20853 ? 33  LEU A CD1 1 
ATOM   107  C CD2 . LEU A 1 33  ? 10.81564  4.63981   -11.30088 1.000 26.85715 ? 33  LEU A CD2 1 
ATOM   108  N N   . LYS A 1 34  ? 7.51654   5.66126   -14.83589 1.000 26.49006 ? 34  LYS A N   1 
ATOM   109  C CA  . LYS A 1 34  ? 7.99814   5.65896   -16.20818 1.000 31.99219 ? 34  LYS A CA  1 
ATOM   110  C C   . LYS A 1 34  ? 9.06332   6.74646   -16.27481 1.000 30.52991 ? 34  LYS A C   1 
ATOM   111  O O   . LYS A 1 34  ? 8.78452   7.90140   -15.96717 1.000 29.46603 ? 34  LYS A O   1 
ATOM   112  C CB  . LYS A 1 34  ? 6.85320   5.89284   -17.21963 1.000 36.72354 ? 34  LYS A CB  1 
ATOM   113  C CG  . LYS A 1 34  ? 6.24392   7.30588   -17.25295 1.000 45.30911 ? 34  LYS A CG  1 
ATOM   114  C CD  . LYS A 1 34  ? 6.94936   8.26277   -18.24804 1.000 50.50674 ? 34  LYS A CD  1 
ATOM   115  C CE  . LYS A 1 34  ? 6.29942   9.62163   -18.33546 1.000 44.17205 ? 34  LYS A CE  1 
ATOM   116  N NZ  . LYS A 1 34  ? 7.21952   10.61573  -18.94619 1.000 42.45074 ? 34  LYS A NZ  1 
ATOM   117  N N   . GLY A 1 35  ? 10.29127  6.36618   -16.63818 1.000 31.13454 ? 35  GLY A N   1 
ATOM   118  C CA  . GLY A 1 35  ? 11.40225  7.29766   -16.58353 1.000 29.23043 ? 35  GLY A CA  1 
ATOM   119  C C   . GLY A 1 35  ? 11.66718  7.72406   -15.14295 1.000 28.66064 ? 35  GLY A C   1 
ATOM   120  O O   . GLY A 1 35  ? 12.07771  6.90731   -14.32005 1.000 30.32124 ? 35  GLY A O   1 
ATOM   121  N N   . THR A 1 36  ? 11.41851  9.00587   -14.84058 1.000 21.68541 ? 36  THR A N   1 
ATOM   122  C CA  . THR A 1 36  ? 11.48069  9.47984   -13.47009 1.000 23.68058 ? 36  THR A CA  1 
ATOM   123  C C   . THR A 1 36  ? 10.11748  9.99899   -13.02242 1.000 23.16639 ? 36  THR A C   1 
ATOM   124  O O   . THR A 1 36  ? 10.04374  10.69524  -12.01211 1.000 23.97155 ? 36  THR A O   1 
ATOM   125  C CB  . THR A 1 36  ? 12.52597  10.58586  -13.31275 1.000 29.65665 ? 36  THR A CB  1 
ATOM   126  O OG1 . THR A 1 36  ? 12.32446  11.50322  -14.39226 1.000 29.93704 ? 36  THR A OG1 1 
ATOM   127  C CG2 . THR A 1 36  ? 13.95694  10.04594  -13.29408 1.000 36.24716 ? 36  THR A CG2 1 
ATOM   128  N N   . THR A 1 37  ? 9.04980   9.64355   -13.75683 1.000 17.31448 ? 37  THR A N   1 
ATOM   129  C CA  . THR A 1 37  ? 7.72629   10.16083  -13.43932 1.000 16.45168 ? 37  THR A CA  1 
ATOM   130  C C   . THR A 1 37  ? 6.85853   9.12030   -12.74176 1.000 18.35484 ? 37  THR A C   1 
ATOM   131  O O   . THR A 1 37  ? 6.63521   8.02482   -13.26392 1.000 17.18030 ? 37  THR A O   1 
ATOM   132  C CB  . THR A 1 37  ? 7.04840   10.69978  -14.69043 1.000 20.45436 ? 37  THR A CB  1 
ATOM   133  O OG1 . THR A 1 37  ? 7.90246   11.74283  -15.23128 1.000 21.66116 ? 37  THR A OG1 1 
ATOM   134  C CG2 . THR A 1 37  ? 5.66230   11.23127  -14.39841 1.000 19.31524 ? 37  THR A CG2 1 
ATOM   135  N N   . VAL A 1 38  ? 6.35945   9.48812   -11.55974 1.000 13.85016 ? 38  VAL A N   1 
ATOM   136  C CA  . VAL A 1 38  ? 5.38006   8.67157   -10.85574 1.000 13.85102 ? 38  VAL A CA  1 
ATOM   137  C C   . VAL A 1 38  ? 3.97312   9.04136   -11.31591 1.000 14.67411 ? 38  VAL A C   1 
ATOM   138  O O   . VAL A 1 38  ? 3.58978   10.21028  -11.26006 1.000 13.73227 ? 38  VAL A O   1 
ATOM   139  C CB  . VAL A 1 38  ? 5.48868   8.82262   -9.33591  1.000 11.12329 ? 38  VAL A CB  1 
ATOM   140  C CG1 . VAL A 1 38  ? 4.43685   7.95407   -8.63054  1.000 12.41537 ? 38  VAL A CG1 1 
ATOM   141  C CG2 . VAL A 1 38  ? 6.88505   8.51643   -8.84101  1.000 16.55058 ? 38  VAL A CG2 1 
ATOM   142  N N   . THR A 1 39  ? 3.21433   8.03450   -11.76948 1.000 13.44736 ? 39  THR A N   1 
ATOM   143  C CA  . THR A 1 39  ? 1.85585   8.20486   -12.25269 1.000 12.51233 ? 39  THR A CA  1 
ATOM   144  C C   . THR A 1 39  ? 0.93786   7.24104   -11.51007 1.000 13.72145 ? 39  THR A C   1 
ATOM   145  O O   . THR A 1 39  ? 1.16572   6.03458   -11.51193 1.000 14.08631 ? 39  THR A O   1 
ATOM   146  C CB  . THR A 1 39  ? 1.75739   7.93929   -13.76481 1.000 18.92021 ? 39  THR A CB  1 
ATOM   147  O OG1 . THR A 1 39  ? 2.54800   8.91010   -14.46522 1.000 21.91700 ? 39  THR A OG1 1 
ATOM   148  C CG2 . THR A 1 39  ? 0.31873   7.99587   -14.27003 1.000 18.67029 ? 39  THR A CG2 1 
ATOM   149  N N   . PRO A 1 40  ? -0.13148  7.72288   -10.85160 1.000 12.31215 ? 40  PRO A N   1 
ATOM   150  C CA  . PRO A 1 40  ? -1.09114  6.81874   -10.22117 1.000 9.82990  ? 40  PRO A CA  1 
ATOM   151  C C   . PRO A 1 40  ? -1.70130  5.83598   -11.21051 1.000 13.06150 ? 40  PRO A C   1 
ATOM   152  O O   . PRO A 1 40  ? -2.06149  6.20382   -12.32344 1.000 14.54411 ? 40  PRO A O   1 
ATOM   153  C CB  . PRO A 1 40  ? -2.12163  7.78092   -9.62412  1.000 11.74861 ? 40  PRO A CB  1 
ATOM   154  C CG  . PRO A 1 40  ? -1.27704  9.04687   -9.33122  1.000 10.46687 ? 40  PRO A CG  1 
ATOM   155  C CD  . PRO A 1 40  ? -0.45674  9.13872   -10.60753 1.000 12.38918 ? 40  PRO A CD  1 
ATOM   156  N N   . ASP A 1 41  ? -1.82425  4.58245   -10.77284 1.000 9.89414  ? 41  ASP A N   1 
ATOM   157  C CA  . ASP A 1 41  ? -2.48514  3.56312   -11.56807 1.000 10.36299 ? 41  ASP A CA  1 
ATOM   158  C C   . ASP A 1 41  ? -3.94434  3.54802   -11.13814 1.000 14.36887 ? 41  ASP A C   1 
ATOM   159  O O   . ASP A 1 41  ? -4.24013  3.47347   -9.94323  1.000 12.37678 ? 41  ASP A O   1 
ATOM   160  C CB  . ASP A 1 41  ? -1.78503  2.22916   -11.30125 1.000 14.76829 ? 41  ASP A CB  1 
ATOM   161  C CG  . ASP A 1 41  ? -2.22781  1.09098   -12.17215 1.000 17.53396 ? 41  ASP A CG  1 
ATOM   162  O OD1 . ASP A 1 41  ? -3.44806  0.92981   -12.36570 1.000 19.58447 ? 41  ASP A OD1 1 
ATOM   163  O OD2 . ASP A 1 41  ? -1.36967  0.34722   -12.62224 1.000 20.05739 ? 41  ASP A OD2 1 
ATOM   164  N N   . LYS A 1 42  ? -4.86124  3.63180   -12.10693 1.000 14.02497 ? 42  LYS A N   1 
ATOM   165  C CA  . LYS A 1 42  ? -6.27108  3.72535   -11.78077 1.000 13.33895 ? 42  LYS A CA  1 
ATOM   166  C C   . LYS A 1 42  ? -6.95464  2.39422   -11.46888 1.000 16.97529 ? 42  LYS A C   1 
ATOM   167  O O   . LYS A 1 42  ? -8.14903  2.39063   -11.19900 1.000 20.31424 ? 42  LYS A O   1 
ATOM   168  C CB  . LYS A 1 42  ? -6.99251  4.44900   -12.92492 1.000 23.28901 ? 42  LYS A CB  1 
ATOM   169  C CG  . LYS A 1 42  ? -6.51440  5.90232   -13.06861 1.000 22.12029 ? 42  LYS A CG  1 
ATOM   170  C CD  . LYS A 1 42  ? -7.53703  6.80761   -13.69127 1.000 26.68786 ? 42  LYS A CD  1 
ATOM   171  C CE  . LYS A 1 42  ? -7.12587  8.25090   -13.59910 1.000 22.79316 ? 42  LYS A CE  1 
ATOM   172  N NZ  . LYS A 1 42  ? -8.17868  9.17158   -14.12546 1.000 22.76917 ? 42  LYS A NZ  1 
ATOM   173  N N   . ARG A 1 43  ? -6.22036  1.26752   -11.49675 1.000 15.14009 ? 43  ARG A N   1 
ATOM   174  C CA  . ARG A 1 43  ? -6.83990  -0.03222  -11.24212 1.000 14.04101 ? 43  ARG A CA  1 
ATOM   175  C C   . ARG A 1 43  ? -7.41237  -0.07998  -9.82741  1.000 13.22846 ? 43  ARG A C   1 
ATOM   176  O O   . ARG A 1 43  ? -6.77926  0.39637   -8.89398  1.000 10.98872 ? 43  ARG A O   1 
ATOM   177  C CB  . ARG A 1 43  ? -5.83666  -1.17152  -11.43739 1.000 13.09197 ? 43  ARG A CB  1 
ATOM   178  C CG  . ARG A 1 43  ? -5.50090  -1.48834  -12.92573 1.000 13.88712 ? 43  ARG A CG  1 
ATOM   179  C CD  . ARG A 1 43  ? -4.48800  -2.56853  -13.02888 1.000 16.50877 ? 43  ARG A CD  1 
ATOM   180  N NE  . ARG A 1 43  ? -3.17740  -2.13987  -12.57849 1.000 14.71749 ? 43  ARG A NE  1 
ATOM   181  C CZ  . ARG A 1 43  ? -2.14872  -2.94302  -12.37720 1.000 16.62749 ? 43  ARG A CZ  1 
ATOM   182  N NH1 . ARG A 1 43  ? -2.28677  -4.26021  -12.38100 1.000 23.97778 ? 43  ARG A NH1 1 
ATOM   183  N NH2 . ARG A 1 43  ? -0.95038  -2.41622  -12.16080 1.000 20.93863 ? 43  ARG A NH2 1 
ATOM   184  N N   . LYS A 1 44  ? -8.61354  -0.65406  -9.67391  1.000 13.48115 ? 44  LYS A N   1 
ATOM   185  C CA  . LYS A 1 44  ? -9.13042  -0.98646  -8.35727  1.000 12.55912 ? 44  LYS A CA  1 
ATOM   186  C C   . LYS A 1 44  ? -8.18721  -2.00709  -7.72262  1.000 14.31563 ? 44  LYS A C   1 
ATOM   187  O O   . LYS A 1 44  ? -7.89145  -3.04402  -8.31974  1.000 12.92075 ? 44  LYS A O   1 
ATOM   188  C CB  . LYS A 1 44  ? -10.55377 -1.55198  -8.45891  1.000 12.72976 ? 44  LYS A CB  1 
ATOM   189  C CG  . LYS A 1 44  ? -11.59210 -0.50387  -8.77217  1.000 19.86055 ? 44  LYS A CG  1 
ATOM   190  C CD  . LYS A 1 44  ? -13.01077 -1.09176  -8.78171  1.000 21.99316 ? 44  LYS A CD  1 
ATOM   191  C CE  . LYS A 1 44  ? -14.06785 -0.07498  -9.15422  1.000 29.60711 ? 44  LYS A CE  1 
ATOM   192  N NZ  . LYS A 1 44  ? -14.23748 0.95908   -8.11913  1.000 29.81697 ? 44  LYS A NZ  1 
ATOM   193  N N   . GLY A 1 45  ? -7.69963  -1.70446  -6.51401  1.000 11.40027 ? 45  GLY A N   1 
ATOM   194  C CA  . GLY A 1 45  ? -6.71989  -2.56480  -5.88622  1.000 12.62881 ? 45  GLY A CA  1 
ATOM   195  C C   . GLY A 1 45  ? -6.99522  -2.88162  -4.42464  1.000 9.15905  ? 45  GLY A C   1 
ATOM   196  O O   . GLY A 1 45  ? -7.82097  -2.23636  -3.78377  1.000 11.41107 ? 45  GLY A O   1 
ATOM   197  N N   . LEU A 1 46  ? -6.24709  -3.85554  -3.90558  1.000 10.52166 ? 46  LEU A N   1 
ATOM   198  C CA  . LEU A 1 46  ? -6.30559  -4.20541  -2.49759  1.000 9.68007  ? 46  LEU A CA  1 
ATOM   199  C C   . LEU A 1 46  ? -4.88114  -4.34120  -1.98031  1.000 12.11958 ? 46  LEU A C   1 
ATOM   200  O O   . LEU A 1 46  ? -4.09520  -5.12600  -2.51010  1.000 11.39315 ? 46  LEU A O   1 
ATOM   201  C CB  . LEU A 1 46  ? -7.06110  -5.52106  -2.27854  1.000 11.24567 ? 46  LEU A CB  1 
ATOM   202  C CG  . LEU A 1 46  ? -7.42800  -5.87360  -0.85431  1.000 12.74092 ? 46  LEU A CG  1 
ATOM   203  C CD1 . LEU A 1 46  ? -8.63683  -5.05887  -0.38863  1.000 12.08737 ? 46  LEU A CD1 1 
ATOM   204  C CD2 . LEU A 1 46  ? -7.68428  -7.39494  -0.71703  1.000 14.69441 ? 46  LEU A CD2 1 
ATOM   205  N N   . VAL A 1 47  ? -4.56791  -3.57243  -0.93397  1.000 8.56422  ? 47  VAL A N   1 
ATOM   206  C CA  . VAL A 1 47  ? -3.35095  -3.77805  -0.16755  1.000 8.09671  ? 47  VAL A CA  1 
ATOM   207  C C   . VAL A 1 47  ? -3.68457  -4.75143  0.95778   1.000 9.52680  ? 47  VAL A C   1 
ATOM   208  O O   . VAL A 1 47  ? -4.70900  -4.59773  1.62345   1.000 11.23278 ? 47  VAL A O   1 
ATOM   209  C CB  . VAL A 1 47  ? -2.80123  -2.44894  0.38136   1.000 7.87923  ? 47  VAL A CB  1 
ATOM   210  C CG1 . VAL A 1 47  ? -1.72619  -2.68833  1.42910   1.000 8.89587  ? 47  VAL A CG1 1 
ATOM   211  C CG2 . VAL A 1 47  ? -2.27706  -1.55924  -0.74611  1.000 10.10462 ? 47  VAL A CG2 1 
ATOM   212  N N   . TYR A 1 48  ? -2.82419  -5.74743  1.16537   1.000 8.70168  ? 48  TYR A N   1 
ATOM   213  C CA  . TYR A 1 48  ? -3.02833  -6.66325  2.26987   1.000 11.16259 ? 48  TYR A CA  1 
ATOM   214  C C   . TYR A 1 48  ? -1.71374  -7.19353  2.81209   1.000 11.92885 ? 48  TYR A C   1 
ATOM   215  O O   . TYR A 1 48  ? -0.69898  -7.17778  2.12374   1.000 10.96364 ? 48  TYR A O   1 
ATOM   216  C CB  . TYR A 1 48  ? -3.95716  -7.80569  1.89808   1.000 11.13063 ? 48  TYR A CB  1 
ATOM   217  C CG  . TYR A 1 48  ? -3.52643  -8.70315  0.77205   1.000 13.17516 ? 48  TYR A CG  1 
ATOM   218  C CD1 . TYR A 1 48  ? -3.62067  -8.28736  -0.55135  1.000 13.59830 ? 48  TYR A CD1 1 
ATOM   219  C CD2 . TYR A 1 48  ? -3.02644  -9.97429  1.02209   1.000 18.31594 ? 48  TYR A CD2 1 
ATOM   220  C CE1 . TYR A 1 48  ? -3.22997  -9.11976  -1.59980  1.000 16.18365 ? 48  TYR A CE1 1 
ATOM   221  C CE2 . TYR A 1 48  ? -2.63123  -10.81477 -0.02207  1.000 18.81413 ? 48  TYR A CE2 1 
ATOM   222  C CZ  . TYR A 1 48  ? -2.76219  -10.38622 -1.33285  1.000 18.71538 ? 48  TYR A CZ  1 
ATOM   223  O OH  . TYR A 1 48  ? -2.37272  -11.18078 -2.37681  1.000 20.29909 ? 48  TYR A OH  1 
ATOM   224  N N   . ILE A 1 49  ? -1.75770  -7.58864  4.07986   1.000 11.69492 ? 49  ILE A N   1 
ATOM   225  C CA  . ILE A 1 49  ? -0.63621  -8.24256  4.72159   1.000 11.93550 ? 49  ILE A CA  1 
ATOM   226  C C   . ILE A 1 49  ? -1.07210  -9.65543  5.06546   1.000 12.45103 ? 49  ILE A C   1 
ATOM   227  O O   . ILE A 1 49  ? -2.12688  -9.86841  5.67072   1.000 12.29249 ? 49  ILE A O   1 
ATOM   228  C CB  . ILE A 1 49  ? -0.13967  -7.44709  5.92260   1.000 11.74179 ? 49  ILE A CB  1 
ATOM   229  C CG1 . ILE A 1 49  ? 0.40225   -6.09525  5.43965   1.000 15.98185 ? 49  ILE A CG1 1 
ATOM   230  C CG2 . ILE A 1 49  ? 0.90003   -8.22447  6.71651   1.000 15.30423 ? 49  ILE A CG2 1 
ATOM   231  C CD1 . ILE A 1 49  ? 0.68203   -5.09912  6.56209   1.000 18.56227 ? 49  ILE A CD1 1 
ATOM   232  N N   . GLN A 1 50  ? -0.23321  -10.60410 4.64404   1.000 12.15960 ? 50  GLN A N   1 
ATOM   233  C CA  . GLN A 1 50  ? -0.53456  -12.01372 4.79884   1.000 16.12003 ? 50  GLN A CA  1 
ATOM   234  C C   . GLN A 1 50  ? 0.67079   -12.66392 5.46400   1.000 18.45990 ? 50  GLN A C   1 
ATOM   235  O O   . GLN A 1 50  ? 1.81144   -12.41517 5.06352   1.000 14.68287 ? 50  GLN A O   1 
ATOM   236  C CB  . GLN A 1 50  ? -0.85080  -12.63578 3.44386   1.000 14.88716 ? 50  GLN A CB  1 
ATOM   237  C CG  . GLN A 1 50  ? -1.17383  -14.13234 3.52266   1.000 22.05646 ? 50  GLN A CG  1 
ATOM   238  C CD  . GLN A 1 50  ? -1.25264  -14.75464 2.14299   1.000 29.49072 ? 50  GLN A CD  1 
ATOM   239  O OE1 . GLN A 1 50  ? -1.16504  -14.07423 1.11952   1.000 31.21836 ? 50  GLN A OE1 1 
ATOM   240  N NE2 . GLN A 1 50  ? -1.41121  -16.06830 2.08639   1.000 33.76114 ? 50  GLN A NE2 1 
ATOM   241  N N   . GLN A 1 51  ? 0.41198   -13.45892 6.50806   1.000 15.20590 ? 51  GLN A N   1 
ATOM   242  C CA  . GLN A 1 51  ? 1.45781   -14.29922 7.06807   1.000 14.74826 ? 51  GLN A CA  1 
ATOM   243  C C   . GLN A 1 51  ? 1.30564   -15.68815 6.45360   1.000 17.01830 ? 51  GLN A C   1 
ATOM   244  O O   . GLN A 1 51  ? 0.22314   -16.27713 6.49962   1.000 17.16944 ? 51  GLN A O   1 
ATOM   245  C CB  . GLN A 1 51  ? 1.37864   -14.32539 8.57933   1.000 16.63487 ? 51  GLN A CB  1 
ATOM   246  C CG  . GLN A 1 51  ? 2.45831   -15.19225 9.24194   1.000 17.02698 ? 51  GLN A CG  1 
ATOM   247  C CD  . GLN A 1 51  ? 2.46645   -15.03904 10.74260  1.000 22.79515 ? 51  GLN A CD  1 
ATOM   248  O OE1 . GLN A 1 51  ? 1.40471   -15.01382 11.39939  1.000 22.52031 ? 51  GLN A OE1 1 
ATOM   249  N NE2 . GLN A 1 51  ? 3.65139   -14.92264 11.33078  1.000 20.70247 ? 51  GLN A NE2 1 
ATOM   250  N N   . THR A 1 52  ? 2.38286   -16.19563 5.84708   1.000 17.31533 ? 52  THR A N   1 
ATOM   251  C CA  . THR A 1 52  ? 2.34044   -17.47947 5.16272   1.000 14.39424 ? 52  THR A CA  1 
ATOM   252  C C   . THR A 1 52  ? 2.72153   -18.60700 6.11994   1.000 18.15581 ? 52  THR A C   1 
ATOM   253  O O   . THR A 1 52  ? 3.05748   -18.36515 7.27673   1.000 18.43139 ? 52  THR A O   1 
ATOM   254  C CB  . THR A 1 52  ? 3.21229   -17.41803 3.89905   1.000 20.30064 ? 52  THR A CB  1 
ATOM   255  O OG1 . THR A 1 52  ? 4.45245   -16.76629 4.20877   1.000 17.28532 ? 52  THR A OG1 1 
ATOM   256  C CG2 . THR A 1 52  ? 2.50549   -16.67426 2.76857   1.000 20.33425 ? 52  THR A CG2 1 
ATOM   257  N N   . ASP A 1 53  ? 2.65460   -19.84930 5.62388   1.000 19.51184 ? 53  ASP A N   1 
ATOM   258  C CA  . ASP A 1 53  ? 2.80349   -21.01726 6.48161   1.000 25.08613 ? 53  ASP A CA  1 
ATOM   259  C C   . ASP A 1 53  ? 4.20483   -21.12910 7.08108   1.000 22.17526 ? 53  ASP A C   1 
ATOM   260  O O   . ASP A 1 53  ? 4.38934   -21.79604 8.09399   1.000 23.70368 ? 53  ASP A O   1 
ATOM   261  C CB  . ASP A 1 53  ? 2.41725   -22.28218 5.70038   1.000 28.29260 ? 53  ASP A CB  1 
ATOM   262  C CG  . ASP A 1 53  ? 0.91524   -22.44071 5.51310   1.000 38.52656 ? 53  ASP A CG  1 
ATOM   263  O OD1 . ASP A 1 53  ? 0.15649   -21.84970 6.29823   1.000 45.99804 ? 53  ASP A OD1 1 
ATOM   264  O OD2 . ASP A 1 53  ? 0.50374   -23.14754 4.56968   1.000 49.68494 ? 53  ASP A OD2 1 
ATOM   265  N N   . ASP A 1 54  ? 5.17520   -20.43974 6.46661   1.000 21.88827 ? 54  ASP A N   1 
ATOM   266  C CA  . ASP A 1 54  ? 6.54032   -20.36387 6.97712   1.000 20.84471 ? 54  ASP A CA  1 
ATOM   267  C C   . ASP A 1 54  ? 6.76862   -19.27427 8.02253   1.000 20.96330 ? 54  ASP A C   1 
ATOM   268  O O   . ASP A 1 54  ? 7.90962   -19.03651 8.41822   1.000 18.50710 ? 54  ASP A O   1 
ATOM   269  C CB  . ASP A 1 54  ? 7.49214   -20.16627 5.78656   1.000 19.85847 ? 54  ASP A CB  1 
ATOM   270  C CG  . ASP A 1 54  ? 7.19112   -18.94627 4.94576   1.000 20.62929 ? 54  ASP A CG  1 
ATOM   271  O OD1 . ASP A 1 54  ? 6.32124   -18.14832 5.36156   1.000 17.94681 ? 54  ASP A OD1 1 
ATOM   272  O OD2 . ASP A 1 54  ? 7.82621   -18.79132 3.86691   1.000 20.40623 ? 54  ASP A OD2 1 
ATOM   273  N N   . SER A 1 55  ? 5.66470   -18.63022 8.45265   1.000 18.05384 ? 55  SER A N   1 
ATOM   274  C CA  . SER A 1 55  ? 5.63369   -17.50272 9.36806   1.000 18.06787 ? 55  SER A CA  1 
ATOM   275  C C   . SER A 1 55  ? 6.12973   -16.16340 8.82029   1.000 14.71488 ? 55  SER A C   1 
ATOM   276  O O   . SER A 1 55  ? 6.19440   -15.19705 9.56489   1.000 16.32152 ? 55  SER A O   1 
ATOM   277  C CB  . SER A 1 55  ? 6.36974   -17.82179 10.67238  1.000 25.93811 ? 55  SER A CB  1 
ATOM   278  O OG  . SER A 1 55  ? 5.77568   -18.96281 11.26734  1.000 27.69732 ? 55  SER A OG  1 
ATOM   279  N N   . LEU A 1 56  ? 6.42654   -16.07875 7.52235   1.000 14.49330 ? 56  LEU A N   1 
ATOM   280  C CA  . LEU A 1 56  ? 6.92359   -14.82518 6.97847   1.000 12.13126 ? 56  LEU A CA  1 
ATOM   281  C C   . LEU A 1 56  ? 5.74248   -13.89843 6.70333   1.000 13.26403 ? 56  LEU A C   1 
ATOM   282  O O   . LEU A 1 56  ? 4.61320   -14.35620 6.48340   1.000 13.11612 ? 56  LEU A O   1 
ATOM   283  C CB  . LEU A 1 56  ? 7.75446   -15.05144 5.72461   1.000 11.10406 ? 56  LEU A CB  1 
ATOM   284  C CG  . LEU A 1 56  ? 9.06781   -15.81024 5.94114   1.000 12.10264 ? 56  LEU A CG  1 
ATOM   285  C CD1 . LEU A 1 56  ? 9.84096   -15.89884 4.66721   1.000 16.66086 ? 56  LEU A CD1 1 
ATOM   286  C CD2 . LEU A 1 56  ? 9.89636   -15.15278 7.04942   1.000 14.24209 ? 56  LEU A CD2 1 
ATOM   287  N N   . ILE A 1 57  ? 6.03249   -12.59226 6.71811   1.000 10.42940 ? 57  ILE A N   1 
ATOM   288  C CA  . ILE A 1 57  ? 5.03112   -11.55588 6.52972   1.000 11.74173 ? 57  ILE A CA  1 
ATOM   289  C C   . ILE A 1 57  ? 5.20700   -10.93026 5.15233   1.000 13.81607 ? 57  ILE A C   1 
ATOM   290  O O   . ILE A 1 57  ? 6.30176   -10.46878 4.82934   1.000 11.75914 ? 57  ILE A O   1 
ATOM   291  C CB  . ILE A 1 57  ? 5.18001   -10.48016 7.62562   1.000 14.13610 ? 57  ILE A CB  1 
ATOM   292  C CG1 . ILE A 1 57  ? 4.92234   -11.06344 9.01370   1.000 17.07404 ? 57  ILE A CG1 1 
ATOM   293  C CG2 . ILE A 1 57  ? 4.28476   -9.24800  7.36101   1.000 11.86952 ? 57  ILE A CG2 1 
ATOM   294  C CD1 . ILE A 1 57  ? 3.51559   -11.27070 9.32634   1.000 19.87017 ? 57  ILE A CD1 1 
ATOM   295  N N   . HIS A 1 58  ? 4.12266   -10.93510 4.36710   1.000 12.18455 ? 58  HIS A N   1 
ATOM   296  C CA  . HIS A 1 58  ? 4.10647   -10.44698 2.99936   1.000 11.97246 ? 58  HIS A CA  1 
ATOM   297  C C   . HIS A 1 58  ? 3.23615   -9.19618  2.90832   1.000 12.39980 ? 58  HIS A C   1 
ATOM   298  O O   . HIS A 1 58  ? 2.09125   -9.23874  3.34015   1.000 12.51827 ? 58  HIS A O   1 
ATOM   299  C CB  . HIS A 1 58  ? 3.51700   -11.49961 2.06172   1.000 13.04610 ? 58  HIS A CB  1 
ATOM   300  C CG  . HIS A 1 58  ? 4.27738   -12.79095 1.96000   1.000 16.14608 ? 58  HIS A CG  1 
ATOM   301  N ND1 . HIS A 1 58  ? 4.86074   -13.18120 0.77420   1.000 13.97023 ? 58  HIS A ND1 1 
ATOM   302  C CD2 . HIS A 1 58  ? 4.50297   -13.74642 2.88833   1.000 15.02146 ? 58  HIS A CD2 1 
ATOM   303  C CE1 . HIS A 1 58  ? 5.44752   -14.35222 1.01875   1.000 17.26670 ? 58  HIS A CE1 1 
ATOM   304  N NE2 . HIS A 1 58  ? 5.24487   -14.73103 2.28317   1.000 16.85195 ? 58  HIS A NE2 1 
ATOM   305  N N   . PHE A 1 59  ? 3.78029   -8.12183  2.33240   1.000 9.72689  ? 59  PHE A N   1 
ATOM   306  C CA  . PHE A 1 59  ? 3.01202   -6.94496  1.95292   1.000 8.98642  ? 59  PHE A CA  1 
ATOM   307  C C   . PHE A 1 59  ? 2.64694   -7.11488  0.47850   1.000 8.79603  ? 59  PHE A C   1 
ATOM   308  O O   . PHE A 1 59  ? 3.52432   -7.24975  -0.36814  1.000 10.32678 ? 59  PHE A O   1 
ATOM   309  C CB  . PHE A 1 59  ? 3.81180   -5.67365  2.19766   1.000 9.15397  ? 59  PHE A CB  1 
ATOM   310  C CG  . PHE A 1 59  ? 3.09953   -4.38770  1.83803   1.000 11.89658 ? 59  PHE A CG  1 
ATOM   311  C CD1 . PHE A 1 59  ? 2.94712   -4.00574  0.51287   1.000 10.62771 ? 59  PHE A CD1 1 
ATOM   312  C CD2 . PHE A 1 59  ? 2.55655   -3.57932  2.82391   1.000 13.45907 ? 59  PHE A CD2 1 
ATOM   313  C CE1 . PHE A 1 59  ? 2.27061   -2.83093  0.18233   1.000 9.94736  ? 59  PHE A CE1 1 
ATOM   314  C CE2 . PHE A 1 59  ? 1.88368   -2.41090  2.49339   1.000 13.74944 ? 59  PHE A CE2 1 
ATOM   315  C CZ  . PHE A 1 59  ? 1.75155   -2.03334  1.17130   1.000 11.27089 ? 59  PHE A CZ  1 
ATOM   316  N N   . CYS A 1 60  ? 1.34619   -7.12883  0.19464   1.000 8.74756  ? 60  CYS A N   1 
ATOM   317  C CA  . CYS A 1 60  ? 0.84782   -7.47920  -1.12584  1.000 8.45738  ? 60  CYS A CA  1 
ATOM   318  C C   . CYS A 1 60  ? -0.08004  -6.42022  -1.68495  1.000 9.71270  ? 60  CYS A C   1 
ATOM   319  O O   . CYS A 1 60  ? -0.75190  -5.71514  -0.94015  1.000 9.15042  ? 60  CYS A O   1 
ATOM   320  C CB  . CYS A 1 60  ? 0.13421   -8.81610  -1.08447  1.000 10.79751 ? 60  CYS A CB  1 
ATOM   321  S SG  . CYS A 1 60  ? 1.15461   -10.16499 -0.47758  1.000 15.03738 ? 60  CYS A SG  1 
ATOM   322  N N   . TRP A 1 61  ? -0.13370  -6.36751  -3.01807  1.000 7.45895  ? 61  TRP A N   1 
ATOM   323  C CA  . TRP A 1 61  ? -1.13174  -5.59267  -3.73247  1.000 6.99661  ? 61  TRP A CA  1 
ATOM   324  C C   . TRP A 1 61  ? -1.69967  -6.50402  -4.81371  1.000 11.91024 ? 61  TRP A C   1 
ATOM   325  O O   . TRP A 1 61  ? -0.95585  -7.13720  -5.57826  1.000 11.32672 ? 61  TRP A O   1 
ATOM   326  C CB  . TRP A 1 61  ? -0.56651  -4.31134  -4.36900  1.000 11.02991 ? 61  TRP A CB  1 
ATOM   327  C CG  . TRP A 1 61  ? -1.60729  -3.46021  -5.03489  1.000 9.39304  ? 61  TRP A CG  1 
ATOM   328  C CD1 . TRP A 1 61  ? -2.28043  -2.40920  -4.49229  1.000 10.52916 ? 61  TRP A CD1 1 
ATOM   329  C CD2 . TRP A 1 61  ? -2.09824  -3.60269  -6.37722  1.000 13.45338 ? 61  TRP A CD2 1 
ATOM   330  N NE1 . TRP A 1 61  ? -3.17055  -1.89184  -5.40427  1.000 9.59522  ? 61  TRP A NE1 1 
ATOM   331  C CE2 . TRP A 1 61  ? -3.07295  -2.60673  -6.57504  1.000 11.52800 ? 61  TRP A CE2 1 
ATOM   332  C CE3 . TRP A 1 61  ? -1.81115  -4.49095  -7.42916  1.000 12.69345 ? 61  TRP A CE3 1 
ATOM   333  C CZ2 . TRP A 1 61  ? -3.75622  -2.46185  -7.78976  1.000 11.62431 ? 61  TRP A CZ2 1 
ATOM   334  C CZ3 . TRP A 1 61  ? -2.49291  -4.34486  -8.62737  1.000 14.54085 ? 61  TRP A CZ3 1 
ATOM   335  C CH2 . TRP A 1 61  ? -3.45232  -3.34419  -8.79700  1.000 12.70899 ? 61  TRP A CH2 1 
ATOM   336  N N   . LYS A 1 62  ? -3.02071  -6.55244  -4.85972  1.000 9.19872  ? 62  LYS A N   1 
ATOM   337  C CA  . LYS A 1 62  ? -3.72193  -7.31491  -5.87758  1.000 13.69503 ? 62  LYS A CA  1 
ATOM   338  C C   . LYS A 1 62  ? -4.78005  -6.46681  -6.56359  1.000 13.84268 ? 62  LYS A C   1 
ATOM   339  O O   . LYS A 1 62  ? -5.35473  -5.55256  -5.97443  1.000 12.08557 ? 62  LYS A O   1 
ATOM   340  C CB  . LYS A 1 62  ? -4.37891  -8.55737  -5.30505  1.000 13.12655 ? 62  LYS A CB  1 
ATOM   341  C CG  . LYS A 1 62  ? -5.68481  -8.36682  -4.61334  1.000 15.05308 ? 62  LYS A CG  1 
ATOM   342  C CD  . LYS A 1 62  ? -6.44907  -9.69610  -4.39443  1.000 24.64480 ? 62  LYS A CD  1 
ATOM   343  C CE  . LYS A 1 62  ? -6.20870  -10.31518 -3.04773  1.000 32.77158 ? 62  LYS A CE  1 
ATOM   344  N NZ  . LYS A 1 62  ? -7.14712  -11.44181 -2.77797  1.000 36.42134 ? 62  LYS A NZ  1 
ATOM   345  N N   . ASP A 1 63  ? -5.03449  -6.83202  -7.81555  1.000 11.88713 ? 63  ASP A N   1 
ATOM   346  C CA  . ASP A 1 63  ? -6.03936  -6.19225  -8.63240  1.000 15.04064 ? 63  ASP A CA  1 
ATOM   347  C C   . ASP A 1 63  ? -7.38386  -6.76334  -8.21820  1.000 14.37748 ? 63  ASP A C   1 
ATOM   348  O O   . ASP A 1 63  ? -7.57064  -7.98121  -8.26904  1.000 14.69956 ? 63  ASP A O   1 
ATOM   349  C CB  . ASP A 1 63  ? -5.72687  -6.49617  -10.09954 1.000 15.12981 ? 63  ASP A CB  1 
ATOM   350  C CG  . ASP A 1 63  ? -6.61480  -5.82011  -11.10263 1.000 15.27959 ? 63  ASP A CG  1 
ATOM   351  O OD1 . ASP A 1 63  ? -7.85210  -5.81871  -10.90639 1.000 16.52027 ? 63  ASP A OD1 1 
ATOM   352  O OD2 . ASP A 1 63  ? -6.08960  -5.31685  -12.07909 1.000 20.76544 ? 63  ASP A OD2 1 
ATOM   353  N N   . ARG A 1 64  ? -8.30668  -5.88314  -7.81945  1.000 10.23978 ? 64  ARG A N   1 
ATOM   354  C CA  . ARG A 1 64  ? -9.59418  -6.31888  -7.30876  1.000 11.81491 ? 64  ARG A CA  1 
ATOM   355  C C   . ARG A 1 64  ? -10.55199 -6.83255  -8.37912  1.000 15.55490 ? 64  ARG A C   1 
ATOM   356  O O   . ARG A 1 64  ? -11.51829 -7.50995  -8.04361  1.000 18.59722 ? 64  ARG A O   1 
ATOM   357  C CB  . ARG A 1 64  ? -10.28392 -5.22704  -6.51769  1.000 12.16014 ? 64  ARG A CB  1 
ATOM   358  C CG  . ARG A 1 64  ? -9.67819  -5.04576  -5.12534  1.000 14.84411 ? 64  ARG A CG  1 
ATOM   359  C CD  . ARG A 1 64  ? -10.51354 -4.12226  -4.25961  1.000 16.19059 ? 64  ARG A CD  1 
ATOM   360  N NE  . ARG A 1 64  ? -10.35232 -2.72932  -4.66143  1.000 19.23343 ? 64  ARG A NE  1 
ATOM   361  C CZ  . ARG A 1 64  ? -11.34319 -1.87925  -4.88295  1.000 17.12445 ? 64  ARG A CZ  1 
ATOM   362  N NH1 . ARG A 1 64  ? -12.59544 -2.28900  -4.98771  1.000 15.10952 ? 64  ARG A NH1 1 
ATOM   363  N NH2 . ARG A 1 64  ? -11.06755 -0.58657  -5.00962  1.000 16.37192 ? 64  ARG A NH2 1 
ATOM   364  N N   . THR A 1 65  ? -10.27569 -6.53174  -9.65041  1.000 14.36785 ? 65  THR A N   1 
ATOM   365  C CA  . THR A 1 65  ? -11.12313 -6.99892  -10.73817 1.000 18.17583 ? 65  THR A CA  1 
ATOM   366  C C   . THR A 1 65  ? -10.67955 -8.38727  -11.19159 1.000 15.92265 ? 65  THR A C   1 
ATOM   367  O O   . THR A 1 65  ? -11.48929 -9.30831  -11.29345 1.000 17.30109 ? 65  THR A O   1 
ATOM   368  C CB  . THR A 1 65  ? -11.10962 -5.99220  -11.88966 1.000 16.37252 ? 65  THR A CB  1 
ATOM   369  O OG1 . THR A 1 65  ? -11.52640 -4.72479  -11.38729 1.000 21.99251 ? 65  THR A OG1 1 
ATOM   370  C CG2 . THR A 1 65  ? -12.03567 -6.39013  -13.03251 1.000 22.32975 ? 65  THR A CG2 1 
ATOM   371  N N   . SER A 1 66  ? -9.37286  -8.53871  -11.41581 1.000 13.40857 ? 66  SER A N   1 
ATOM   372  C CA  . SER A 1 66  ? -8.83548  -9.76859  -11.97430 1.000 15.77128 ? 66  SER A CA  1 
ATOM   373  C C   . SER A 1 66  ? -8.39353  -10.78163 -10.92051 1.000 16.23730 ? 66  SER A C   1 
ATOM   374  O O   . SER A 1 66  ? -8.34546  -11.97840 -11.19603 1.000 14.66865 ? 66  SER A O   1 
ATOM   375  C CB  . SER A 1 66  ? -7.67490  -9.45368  -12.89454 1.000 16.93490 ? 66  SER A CB  1 
ATOM   376  O OG  . SER A 1 66  ? -6.57069  -8.96976  -12.16114 1.000 13.56785 ? 66  SER A OG  1 
ATOM   377  N N   . GLY A 1 67  ? -8.08045  -10.30172 -9.71021  1.000 13.07436 ? 67  GLY A N   1 
ATOM   378  C CA  . GLY A 1 67  ? -7.46318  -11.13330 -8.69429  1.000 13.80779 ? 67  GLY A CA  1 
ATOM   379  C C   . GLY A 1 67  ? -5.94567  -11.26719 -8.82191  1.000 17.20753 ? 67  GLY A C   1 
ATOM   380  O O   . GLY A 1 67  ? -5.33596  -11.96594 -8.02292  1.000 24.48359 ? 67  GLY A O   1 
ATOM   381  N N   . ASN A 1 68  ? -5.36016  -10.56640 -9.79876  1.000 14.44484 ? 68  ASN A N   1 
ATOM   382  C CA  . ASN A 1 68  ? -3.92977  -10.59490 -10.09302 1.000 21.90659 ? 68  ASN A CA  1 
ATOM   383  C C   . ASN A 1 68  ? -3.11351  -9.99139  -8.94766  1.000 15.53028 ? 68  ASN A C   1 
ATOM   384  O O   . ASN A 1 68  ? -3.29902  -8.83037  -8.64297  1.000 15.98136 ? 68  ASN A O   1 
ATOM   385  C CB  . ASN A 1 68  ? -3.69714  -9.76329  -11.38416 1.000 21.40763 ? 68  ASN A CB  1 
ATOM   386  C CG  . ASN A 1 68  ? -2.26193  -9.66659  -11.87798 1.000 29.98983 ? 68  ASN A CG  1 
ATOM   387  O OD1 . ASN A 1 68  ? -1.55505  -10.66786 -11.96853 1.000 33.10756 ? 68  ASN A OD1 1 
ATOM   388  N ND2 . ASN A 1 68  ? -1.79984  -8.45938  -12.22544 1.000 25.16388 ? 68  ASN A ND2 1 
ATOM   389  N N   . VAL A 1 69  ? -2.23438  -10.78160 -8.31819  1.000 21.23831 ? 69  VAL A N   1 
ATOM   390  C CA  . VAL A 1 69  ? -1.33474  -10.27503 -7.29010  1.000 16.27238 ? 69  VAL A CA  1 
ATOM   391  C C   . VAL A 1 69  ? -0.08442  -9.76468  -7.99750  1.000 21.13135 ? 69  VAL A C   1 
ATOM   392  O O   . VAL A 1 69  ? 0.62555   -10.53320 -8.64139  1.000 22.04329 ? 69  VAL A O   1 
ATOM   393  C CB  . VAL A 1 69  ? -0.99296  -11.35417 -6.23755  1.000 14.71628 ? 69  VAL A CB  1 
ATOM   394  C CG1 . VAL A 1 69  ? 0.03513   -10.84295 -5.22255  1.000 15.49226 ? 69  VAL A CG1 1 
ATOM   395  C CG2 . VAL A 1 69  ? -2.24486  -11.86889 -5.54229  1.000 17.97364 ? 69  VAL A CG2 1 
ATOM   396  N N   . GLU A 1 70  ? 0.17002   -8.45905  -7.89118  1.000 13.39110 ? 70  GLU A N   1 
ATOM   397  C CA  . GLU A 1 70  ? 1.27273   -7.84038  -8.60110  1.000 17.43186 ? 70  GLU A CA  1 
ATOM   398  C C   . GLU A 1 70  ? 2.46014   -7.51498  -7.69401  1.000 23.69910 ? 70  GLU A C   1 
ATOM   399  O O   . GLU A 1 70  ? 3.60932   -7.60692  -8.12814  1.000 22.67284 ? 70  GLU A O   1 
ATOM   400  C CB  . GLU A 1 70  ? 0.75512   -6.58069  -9.26165  1.000 19.29530 ? 70  GLU A CB  1 
ATOM   401  C CG  . GLU A 1 70  ? 1.69241   -5.95839  -10.25447 1.000 26.23363 ? 70  GLU A CG  1 
ATOM   402  C CD  . GLU A 1 70  ? 0.95723   -5.03086  -11.19884 1.000 29.60415 ? 70  GLU A CD  1 
ATOM   403  O OE1 . GLU A 1 70  ? -0.03741  -5.47428  -11.81545 1.000 35.14006 ? 70  GLU A OE1 1 
ATOM   404  O OE2 . GLU A 1 70  ? 1.37166   -3.85903  -11.31593 1.000 32.34584 ? 70  GLU A OE2 1 
ATOM   405  N N   . ASP A 1 71  ? 2.17569   -7.09694  -6.45247  1.000 13.50900 ? 71  ASP A N   1 
ATOM   406  C CA  . ASP A 1 71  ? 3.21413   -6.86627  -5.46005  1.000 14.39044 ? 71  ASP A CA  1 
ATOM   407  C C   . ASP A 1 71  ? 3.13362   -7.94646  -4.38394  1.000 14.44436 ? 71  ASP A C   1 
ATOM   408  O O   . ASP A 1 71  ? 2.05383   -8.26608  -3.89609  1.000 10.48621 ? 71  ASP A O   1 
ATOM   409  C CB  . ASP A 1 71  ? 3.10467   -5.50645  -4.75399  1.000 15.69707 ? 71  ASP A CB  1 
ATOM   410  C CG  . ASP A 1 71  ? 3.09281   -4.25966  -5.60231  1.000 24.69392 ? 71  ASP A CG  1 
ATOM   411  O OD1 . ASP A 1 71  ? 3.04554   -4.38407  -6.83166  1.000 28.18268 ? 71  ASP A OD1 1 
ATOM   412  O OD2 . ASP A 1 71  ? 3.08494   -3.14824  -5.01622  1.000 28.16377 ? 71  ASP A OD2 1 
ATOM   413  N N   . ASP A 1 72  ? 4.29724   -8.48912  -4.01351  1.000 10.77316 ? 72  ASP A N   1 
ATOM   414  C CA  . ASP A 1 72  ? 4.40356   -9.48170  -2.96036  1.000 13.51122 ? 72  ASP A CA  1 
ATOM   415  C C   . ASP A 1 72  ? 5.80593   -9.37158  -2.37239  1.000 14.54316 ? 72  ASP A C   1 
ATOM   416  O O   . ASP A 1 72  ? 6.75171   -9.91123  -2.93856  1.000 14.02366 ? 72  ASP A O   1 
ATOM   417  C CB  . ASP A 1 72  ? 4.15668   -10.90038 -3.48699  1.000 15.26731 ? 72  ASP A CB  1 
ATOM   418  C CG  . ASP A 1 72  ? 4.37740   -11.99084 -2.46347  1.000 21.76203 ? 72  ASP A CG  1 
ATOM   419  O OD1 . ASP A 1 72  ? 4.51049   -11.66838 -1.28765  1.000 18.13134 ? 72  ASP A OD1 1 
ATOM   420  O OD2 . ASP A 1 72  ? 4.43011   -13.17766 -2.85445  1.000 21.52250 ? 72  ASP A OD2 1 
ATOM   421  N N   . LEU A 1 73  ? 5.90610   -8.66237  -1.24711  1.000 11.89979 ? 73  LEU A N   1 
ATOM   422  C CA  . LEU A 1 73  ? 7.17650   -8.29100  -0.65441  1.000 10.73512 ? 73  LEU A CA  1 
ATOM   423  C C   . LEU A 1 73  ? 7.25917   -8.85706  0.75597   1.000 10.41485 ? 73  LEU A C   1 
ATOM   424  O O   . LEU A 1 73  ? 6.37133   -8.61009  1.56930   1.000 12.02277 ? 73  LEU A O   1 
ATOM   425  C CB  . LEU A 1 73  ? 7.26084   -6.77815  -0.61844  1.000 14.23681 ? 73  LEU A CB  1 
ATOM   426  C CG  . LEU A 1 73  ? 7.21518   -6.14391  -2.00085  1.000 17.46548 ? 73  LEU A CG  1 
ATOM   427  C CD1 . LEU A 1 73  ? 6.72021   -4.73268  -1.94087  1.000 25.78205 ? 73  LEU A CD1 1 
ATOM   428  C CD2 . LEU A 1 73  ? 8.58089   -6.22442  -2.66004  1.000 21.05580 ? 73  LEU A CD2 1 
ATOM   429  N N   . ILE A 1 74  ? 8.32357   -9.61446  1.02674   1.000 10.13491 ? 74  ILE A N   1 
ATOM   430  C CA  . ILE A 1 74  ? 8.54219   -10.16075 2.35436   1.000 10.13008 ? 74  ILE A CA  1 
ATOM   431  C C   . ILE A 1 74  ? 9.26906   -9.10184  3.17445   1.000 12.37425 ? 74  ILE A C   1 
ATOM   432  O O   . ILE A 1 74  ? 10.31718  -8.62031  2.75886   1.000 10.86909 ? 74  ILE A O   1 
ATOM   433  C CB  . ILE A 1 74  ? 9.29173   -11.50237 2.29974   1.000 10.84740 ? 74  ILE A CB  1 
ATOM   434  C CG1 . ILE A 1 74  ? 8.34682   -12.59270 1.77990   1.000 15.63343 ? 74  ILE A CG1 1 
ATOM   435  C CG2 . ILE A 1 74  ? 9.86107   -11.85911 3.66491   1.000 11.32567 ? 74  ILE A CG2 1 
ATOM   436  C CD1 . ILE A 1 74  ? 8.98267   -13.85193 1.47114   1.000 17.92812 ? 74  ILE A CD1 1 
ATOM   437  N N   . ILE A 1 75  ? 8.67025   -8.72787  4.31655   1.000 7.84569  ? 75  ILE A N   1 
ATOM   438  C CA  . ILE A 1 75  ? 9.11570   -7.60224  5.11782   1.000 7.56507  ? 75  ILE A CA  1 
ATOM   439  C C   . ILE A 1 75  ? 9.35060   -8.03356  6.56484   1.000 10.85263 ? 75  ILE A C   1 
ATOM   440  O O   . ILE A 1 75  ? 8.48497   -8.65189  7.17250   1.000 11.40045 ? 75  ILE A O   1 
ATOM   441  C CB  . ILE A 1 75  ? 8.10245   -6.45318  5.04517   1.000 11.06658 ? 75  ILE A CB  1 
ATOM   442  C CG1 . ILE A 1 75  ? 7.93420   -5.97521  3.59418   1.000 13.15308 ? 75  ILE A CG1 1 
ATOM   443  C CG2 . ILE A 1 75  ? 8.49061   -5.27131  5.98321   1.000 11.91491 ? 75  ILE A CG2 1 
ATOM   444  C CD1 . ILE A 1 75  ? 6.94856   -4.90267  3.44097   1.000 20.35759 ? 75  ILE A CD1 1 
ATOM   445  N N   . PHE A 1 76  ? 10.51938  -7.67346  7.09994   1.000 9.45945  ? 76  PHE A N   1 
ATOM   446  C CA  . PHE A 1 76  ? 10.86946  -7.97573  8.47869   1.000 11.18453 ? 76  PHE A CA  1 
ATOM   447  C C   . PHE A 1 76  ? 10.79102  -6.70090  9.31214   1.000 12.31071 ? 76  PHE A C   1 
ATOM   448  O O   . PHE A 1 76  ? 10.81697  -5.58986  8.77380   1.000 11.67310 ? 76  PHE A O   1 
ATOM   449  C CB  . PHE A 1 76  ? 12.28232  -8.57211  8.54836   1.000 12.51914 ? 76  PHE A CB  1 
ATOM   450  C CG  . PHE A 1 76  ? 12.42894  -9.90393  7.87417   1.000 12.43473 ? 76  PHE A CG  1 
ATOM   451  C CD1 . PHE A 1 76  ? 12.01780  -11.07023 8.50281   1.000 12.07559 ? 76  PHE A CD1 1 
ATOM   452  C CD2 . PHE A 1 76  ? 12.97364  -10.00084 6.60739   1.000 13.76376 ? 76  PHE A CD2 1 
ATOM   453  C CE1 . PHE A 1 76  ? 12.15080  -12.30054 7.87407   1.000 12.14311 ? 76  PHE A CE1 1 
ATOM   454  C CE2 . PHE A 1 76  ? 13.09563  -11.24071 5.97637   1.000 11.15983 ? 76  PHE A CE2 1 
ATOM   455  C CZ  . PHE A 1 76  ? 12.70219  -12.37731 6.61671   1.000 12.73174 ? 76  PHE A CZ  1 
ATOM   456  N N   . PRO A 1 77  ? 10.70580  -6.80573  10.65589  1.000 11.07340 ? 77  PRO A N   1 
ATOM   457  C CA  . PRO A 1 77  ? 10.63003  -5.61396  11.49978  1.000 13.98320 ? 77  PRO A CA  1 
ATOM   458  C C   . PRO A 1 77  ? 11.82464  -4.69595  11.26071  1.000 15.85552 ? 77  PRO A C   1 
ATOM   459  O O   . PRO A 1 77  ? 12.94990  -5.17920  11.13225  1.000 11.85592 ? 77  PRO A O   1 
ATOM   460  C CB  . PRO A 1 77  ? 10.55768  -6.21299  12.92389  1.000 13.91370 ? 77  PRO A CB  1 
ATOM   461  C CG  . PRO A 1 77  ? 9.98020   -7.57076  12.72132  1.000 18.27022 ? 77  PRO A CG  1 
ATOM   462  C CD  . PRO A 1 77  ? 10.62140  -8.05446  11.44082  1.000 13.88933 ? 77  PRO A CD  1 
ATOM   463  N N   . ASP A 1 78  ? 11.53905  -3.38894  11.18026  1.000 12.87634 ? 78  ASP A N   1 
ATOM   464  C CA  . ASP A 1 78  ? 12.48032  -2.31479  10.87821  1.000 13.50873 ? 78  ASP A CA  1 
ATOM   465  C C   . ASP A 1 78  ? 12.86771  -2.11845  9.41117   1.000 13.25176 ? 78  ASP A C   1 
ATOM   466  O O   . ASP A 1 78  ? 13.59068  -1.18144  9.09569   1.000 14.17165 ? 78  ASP A O   1 
ATOM   467  C CB  . ASP A 1 78  ? 13.78597  -2.44145  11.72065  1.000 14.61301 ? 78  ASP A CB  1 
ATOM   468  C CG  . ASP A 1 78  ? 14.56587  -1.13700  11.88430  1.000 21.89129 ? 78  ASP A CG  1 
ATOM   469  O OD1 . ASP A 1 78  ? 13.93100  -0.09678  12.16429  1.000 21.73199 ? 78  ASP A OD1 1 
ATOM   470  O OD2 . ASP A 1 78  ? 15.80676  -1.15418  11.70489  1.000 20.71885 ? 78  ASP A OD2 1 
ATOM   471  N N   . ASP A 1 79  ? 12.39732  -2.98165  8.50533   1.000 11.36880 ? 79  ASP A N   1 
ATOM   472  C CA  . ASP A 1 79  ? 12.69711  -2.80198  7.09397   1.000 8.98264  ? 79  ASP A CA  1 
ATOM   473  C C   . ASP A 1 79  ? 12.00347  -1.58608  6.48649   1.000 12.03304 ? 79  ASP A C   1 
ATOM   474  O O   . ASP A 1 79  ? 12.54336  -0.96746  5.57465   1.000 10.53857 ? 79  ASP A O   1 
ATOM   475  C CB  . ASP A 1 79  ? 12.28082  -4.01030  6.28822   1.000 11.12409 ? 79  ASP A CB  1 
ATOM   476  C CG  . ASP A 1 79  ? 13.19550  -5.21884  6.38991   1.000 14.79994 ? 79  ASP A CG  1 
ATOM   477  O OD1 . ASP A 1 79  ? 14.31958  -5.06837  6.90579   1.000 13.73041 ? 79  ASP A OD1 1 
ATOM   478  O OD2 . ASP A 1 79  ? 12.77526  -6.32581  5.93636   1.000 13.09225 ? 79  ASP A OD2 1 
ATOM   479  N N   . CYS A 1 80  ? 10.80071  -1.27437  6.98724   1.000 9.14222  ? 80  CYS A N   1 
ATOM   480  C CA  . CYS A 1 80  ? 9.85511   -0.42116  6.28848   1.000 10.71659 ? 80  CYS A CA  1 
ATOM   481  C C   . CYS A 1 80  ? 9.15120   0.50454   7.27108   1.000 9.13998  ? 80  CYS A C   1 
ATOM   482  O O   . CYS A 1 80  ? 9.00147   0.16187   8.44618   1.000 9.49310  ? 80  CYS A O   1 
ATOM   483  C CB  . CYS A 1 80  ? 8.79589   -1.25124  5.54370   1.000 13.35842 ? 80  CYS A CB  1 
ATOM   484  S SG  . CYS A 1 80  ? 9.43587   -2.16286  4.13356   1.000 17.26631 ? 80  CYS A SG  1 
ATOM   485  N N   . GLU A 1 81  ? 8.63071   1.60109   6.71354   1.000 9.67979  ? 81  GLU A N   1 
ATOM   486  C CA  . GLU A 1 81  ? 7.60508   2.42851   7.32486   1.000 9.25698  ? 81  GLU A CA  1 
ATOM   487  C C   . GLU A 1 81  ? 6.50376   2.67863   6.29875   1.000 11.22576 ? 81  GLU A C   1 
ATOM   488  O O   . GLU A 1 81  ? 6.78225   2.79988   5.11060   1.000 12.76641 ? 81  GLU A O   1 
ATOM   489  C CB  . GLU A 1 81  ? 8.16621   3.77540   7.78221   1.000 12.92224 ? 81  GLU A CB  1 
ATOM   490  C CG  . GLU A 1 81  ? 9.31052   3.68649   8.76348   1.000 18.85636 ? 81  GLU A CG  1 
ATOM   491  C CD  . GLU A 1 81  ? 9.81893   5.06561   9.11749   1.000 28.80552 ? 81  GLU A CD  1 
ATOM   492  O OE1 . GLU A 1 81  ? 10.48198  5.67596   8.25192   1.000 24.93690 ? 81  GLU A OE1 1 
ATOM   493  O OE2 . GLU A 1 81  ? 9.51644   5.55630   10.22930  1.000 27.85097 ? 81  GLU A OE2 1 
ATOM   494  N N   . PHE A 1 82  ? 5.25987   2.81280   6.77083   1.000 9.20117  ? 82  PHE A N   1 
ATOM   495  C CA  . PHE A 1 82  ? 4.14451   3.14985   5.90691   1.000 9.59362  ? 82  PHE A CA  1 
ATOM   496  C C   . PHE A 1 82  ? 3.56267   4.47534   6.39714   1.000 11.50500 ? 82  PHE A C   1 
ATOM   497  O O   . PHE A 1 82  ? 3.17832   4.57596   7.55196   1.000 12.23989 ? 82  PHE A O   1 
ATOM   498  C CB  . PHE A 1 82  ? 3.11787   2.02051   5.93320   1.000 10.23549 ? 82  PHE A CB  1 
ATOM   499  C CG  . PHE A 1 82  ? 2.00408   2.11597   4.93374   1.000 8.51923  ? 82  PHE A CG  1 
ATOM   500  C CD1 . PHE A 1 82  ? 2.23576   1.89120   3.58821   1.000 10.18686 ? 82  PHE A CD1 1 
ATOM   501  C CD2 . PHE A 1 82  ? 0.71194   2.37822   5.33880   1.000 8.85344  ? 82  PHE A CD2 1 
ATOM   502  C CE1 . PHE A 1 82  ? 1.19722   1.92620   2.66942   1.000 10.90577 ? 82  PHE A CE1 1 
ATOM   503  C CE2 . PHE A 1 82  ? -0.33614  2.39099   4.41477   1.000 11.00479 ? 82  PHE A CE2 1 
ATOM   504  C CZ  . PHE A 1 82  ? -0.08520  2.19245   3.08579   1.000 9.57945  ? 82  PHE A CZ  1 
ATOM   505  N N   . LYS A 1 83  ? 3.57579   5.50920   5.54867   1.000 9.88934  ? 83  LYS A N   1 
ATOM   506  C CA  . LYS A 1 83  ? 3.20924   6.84640   6.00169   1.000 11.65177 ? 83  LYS A CA  1 
ATOM   507  C C   . LYS A 1 83  ? 2.33822   7.60876   5.01327   1.000 13.65903 ? 83  LYS A C   1 
ATOM   508  O O   . LYS A 1 83  ? 2.47282   7.45889   3.80025   1.000 10.32754 ? 83  LYS A O   1 
ATOM   509  C CB  . LYS A 1 83  ? 4.46825   7.66382   6.21414   1.000 12.63836 ? 83  LYS A CB  1 
ATOM   510  C CG  . LYS A 1 83  ? 5.39223   7.13932   7.29166   1.000 16.65195 ? 83  LYS A CG  1 
ATOM   511  C CD  . LYS A 1 83  ? 5.54410   8.07640   8.42446   1.000 22.38898 ? 83  LYS A CD  1 
ATOM   512  C CE  . LYS A 1 83  ? 6.50246   7.58366   9.46245   1.000 18.90486 ? 83  LYS A CE  1 
ATOM   513  N NZ  . LYS A 1 83  ? 7.42872   8.65720   9.88655   1.000 18.45871 ? 83  LYS A NZ  1 
ATOM   514  N N   . ARG A 1 84  ? 1.48199   8.48133   5.55544   1.000 10.22164 ? 84  ARG A N   1 
ATOM   515  C CA  . ARG A 1 84  ? 0.74974   9.42236   4.73102   1.000 12.48951 ? 84  ARG A CA  1 
ATOM   516  C C   . ARG A 1 84  ? 1.70758   10.38786  4.03310   1.000 12.19258 ? 84  ARG A C   1 
ATOM   517  O O   . ARG A 1 84  ? 2.73706   10.75516  4.58652   1.000 12.48128 ? 84  ARG A O   1 
ATOM   518  C CB  . ARG A 1 84  ? -0.24211  10.20221  5.61667   1.000 11.50965 ? 84  ARG A CB  1 
ATOM   519  C CG  . ARG A 1 84  ? -1.12644  11.15972  4.87906   1.000 16.99842 ? 84  ARG A CG  1 
ATOM   520  C CD  . ARG A 1 84  ? -2.01724  10.47354  3.89265   1.000 16.56361 ? 84  ARG A CD  1 
ATOM   521  N NE  . ARG A 1 84  ? -2.96001  11.40044  3.27307   1.000 23.80061 ? 84  ARG A NE  1 
ATOM   522  C CZ  . ARG A 1 84  ? -4.24333  11.48393  3.59540   1.000 26.31388 ? 84  ARG A CZ  1 
ATOM   523  N NH1 . ARG A 1 84  ? -4.78636  10.67704  4.49635   1.000 25.66536 ? 84  ARG A NH1 1 
ATOM   524  N NH2 . ARG A 1 84  ? -4.99375  12.41554  3.01831   1.000 22.21757 ? 84  ARG A NH2 1 
ATOM   525  N N   . VAL A 1 85  ? 1.35761   10.76412  2.80346   1.000 12.41711 ? 85  VAL A N   1 
ATOM   526  C CA  . VAL A 1 85  ? 2.05620   11.79417  2.04740   1.000 12.96829 ? 85  VAL A CA  1 
ATOM   527  C C   . VAL A 1 85  ? 1.12606   13.00400  2.06800   1.000 14.55184 ? 85  VAL A C   1 
ATOM   528  O O   . VAL A 1 85  ? 0.24497   13.12929  1.22392   1.000 16.99595 ? 85  VAL A O   1 
ATOM   529  C CB  . VAL A 1 85  ? 2.37581   11.32752  0.60982   1.000 14.20711 ? 85  VAL A CB  1 
ATOM   530  C CG1 . VAL A 1 85  ? 2.97499   12.47229  -0.20855  1.000 14.87238 ? 85  VAL A CG1 1 
ATOM   531  C CG2 . VAL A 1 85  ? 3.28783   10.10064  0.60826   1.000 12.06780 ? 85  VAL A CG2 1 
ATOM   532  N N   . PRO A 1 86  ? 1.24620   13.90409  3.06728   1.000 17.23241 ? 86  PRO A N   1 
ATOM   533  C CA  . PRO A 1 86  ? 0.16524   14.84566  3.35751   1.000 18.60451 ? 86  PRO A CA  1 
ATOM   534  C C   . PRO A 1 86  ? 0.03349   15.97954  2.34155   1.000 18.27363 ? 86  PRO A C   1 
ATOM   535  O O   . PRO A 1 86  ? -1.02764  16.57771  2.22213   1.000 18.56280 ? 86  PRO A O   1 
ATOM   536  C CB  . PRO A 1 86  ? 0.50553   15.35949  4.76259   1.000 21.64037 ? 86  PRO A CB  1 
ATOM   537  C CG  . PRO A 1 86  ? 1.97292   15.11564  4.94264   1.000 22.64604 ? 86  PRO A CG  1 
ATOM   538  C CD  . PRO A 1 86  ? 2.39331   14.02114  3.98279   1.000 21.01144 ? 86  PRO A CD  1 
ATOM   539  N N   . GLN A 1 87  ? 1.10095   16.24820  1.58439   1.000 16.51261 ? 87  GLN A N   1 
ATOM   540  C CA  . GLN A 1 87  ? 1.10152   17.39121  0.68483   1.000 17.12616 ? 87  GLN A CA  1 
ATOM   541  C C   . GLN A 1 87  ? 0.31558   17.15068  -0.60471  1.000 15.86178 ? 87  GLN A C   1 
ATOM   542  O O   . GLN A 1 87  ? 0.17104   18.06944  -1.40821  1.000 15.31940 ? 87  GLN A O   1 
ATOM   543  C CB  . GLN A 1 87  ? 2.54406   17.79634  0.32834   1.000 16.87539 ? 87  GLN A CB  1 
ATOM   544  C CG  . GLN A 1 87  ? 3.37996   18.17645  1.52646   1.000 23.51018 ? 87  GLN A CG  1 
ATOM   545  C CD  . GLN A 1 87  ? 4.05719   16.98824  2.16870   1.000 30.47350 ? 87  GLN A CD  1 
ATOM   546  O OE1 . GLN A 1 87  ? 3.93435   15.83133  1.72413   1.000 22.75135 ? 87  GLN A OE1 1 
ATOM   547  N NE2 . GLN A 1 87  ? 4.78816   17.25542  3.23794   1.000 35.63231 ? 87  GLN A NE2 1 
ATOM   548  N N   . CYS A 1 88  ? -0.20797  15.92962  -0.80781  1.000 16.56630 ? 88  CYS A N   1 
ATOM   549  C CA  . CYS A 1 88  ? -1.00325  15.65355  -1.99340  1.000 13.92423 ? 88  CYS A CA  1 
ATOM   550  C C   . CYS A 1 88  ? -2.48207  15.89126  -1.72794  1.000 15.03067 ? 88  CYS A C   1 
ATOM   551  O O   . CYS A 1 88  ? -3.09557  15.14447  -0.96590  1.000 19.00847 ? 88  CYS A O   1 
ATOM   552  C CB  . CYS A 1 88  ? -0.80789  14.24327  -2.52740  1.000 16.33884 ? 88  CYS A CB  1 
ATOM   553  S SG  . CYS A 1 88  ? -1.77324  13.93471  -4.04167  1.000 18.10641 ? 88  CYS A SG  1 
ATOM   554  N N   . PRO A 1 89  ? -3.11150  16.89146  -2.37717  1.000 12.99815 ? 89  PRO A N   1 
ATOM   555  C CA  . PRO A 1 89  ? -4.54777  17.12099  -2.20787  1.000 16.36005 ? 89  PRO A CA  1 
ATOM   556  C C   . PRO A 1 89  ? -5.50122  16.32184  -3.09820  1.000 20.19062 ? 89  PRO A C   1 
ATOM   557  O O   . PRO A 1 89  ? -6.71826  16.41199  -2.93457  1.000 23.01401 ? 89  PRO A O   1 
ATOM   558  C CB  . PRO A 1 89  ? -4.66735  18.60827  -2.54332  1.000 18.78467 ? 89  PRO A CB  1 
ATOM   559  C CG  . PRO A 1 89  ? -3.60837  18.83632  -3.57394  1.000 18.96876 ? 89  PRO A CG  1 
ATOM   560  C CD  . PRO A 1 89  ? -2.46976  17.91867  -3.22514  1.000 16.37432 ? 89  PRO A CD  1 
ATOM   561  N N   . SER A 1 90  ? -4.96170  15.57468  -4.06268  1.000 13.27760 ? 90  SER A N   1 
ATOM   562  C CA  . SER A 1 90  ? -5.79091  14.97543  -5.09020  1.000 13.54796 ? 90  SER A CA  1 
ATOM   563  C C   . SER A 1 90  ? -6.12925  13.51458  -4.79576  1.000 16.63076 ? 90  SER A C   1 
ATOM   564  O O   . SER A 1 90  ? -6.85437  12.86714  -5.55112  1.000 18.26234 ? 90  SER A O   1 
ATOM   565  C CB  . SER A 1 90  ? -5.11117  15.13656  -6.43579  1.000 17.54856 ? 90  SER A CB  1 
ATOM   566  O OG  . SER A 1 90  ? -4.98193  16.53460  -6.68159  1.000 21.65015 ? 90  SER A OG  1 
ATOM   567  N N   . GLY A 1 91  ? -5.64965  13.02536  -3.65350  1.000 14.95690 ? 91  GLY A N   1 
ATOM   568  C CA  . GLY A 1 91  ? -5.90786  11.65574  -3.23940  1.000 15.84929 ? 91  GLY A CA  1 
ATOM   569  C C   . GLY A 1 91  ? -5.31758  11.46032  -1.85027  1.000 16.69463 ? 91  GLY A C   1 
ATOM   570  O O   . GLY A 1 91  ? -4.60398  12.33709  -1.37150  1.000 15.65709 ? 91  GLY A O   1 
ATOM   571  N N   . ARG A 1 92  ? -5.63458  10.32518  -1.21692  1.000 10.75008 ? 92  ARG A N   1 
ATOM   572  C CA  . ARG A 1 92  ? -5.06153  9.99409   0.07766   1.000 11.36642 ? 92  ARG A CA  1 
ATOM   573  C C   . ARG A 1 92  ? -3.89827  9.03861   -0.16430  1.000 13.88012 ? 92  ARG A C   1 
ATOM   574  O O   . ARG A 1 92  ? -4.07132  7.82109   -0.19910  1.000 11.32993 ? 92  ARG A O   1 
ATOM   575  C CB  . ARG A 1 92  ? -6.08016  9.38307   1.00889   1.000 15.14862 ? 92  ARG A CB  1 
ATOM   576  C CG  . ARG A 1 92  ? -7.29371  10.27591  1.20720   1.000 15.35193 ? 92  ARG A CG  1 
ATOM   577  C CD  . ARG A 1 92  ? -8.50257  9.72234   0.52499   1.000 16.98680 ? 92  ARG A CD  1 
ATOM   578  N NE  . ARG A 1 92  ? -9.02849  8.58776   1.27796   1.000 15.40944 ? 92  ARG A NE  1 
ATOM   579  C CZ  . ARG A 1 92  ? -9.99259  7.78469   0.86115   1.000 13.32775 ? 92  ARG A CZ  1 
ATOM   580  N NH1 . ARG A 1 92  ? -10.66659 8.02844   -0.24820  1.000 14.38083 ? 92  ARG A NH1 1 
ATOM   581  N NH2 . ARG A 1 92  ? -10.30567 6.71856   1.58981   1.000 14.75923 ? 92  ARG A NH2 1 
ATOM   582  N N   . VAL A 1 93  ? -2.72225  9.63231   -0.33791  1.000 10.38408 ? 93  VAL A N   1 
ATOM   583  C CA  . VAL A 1 93  ? -1.54851  8.92539   -0.80801  1.000 10.69231 ? 93  VAL A CA  1 
ATOM   584  C C   . VAL A 1 93  ? -0.71741  8.48160   0.39371   1.000 13.61804 ? 93  VAL A C   1 
ATOM   585  O O   . VAL A 1 93  ? -0.48174  9.26713   1.31501   1.000 13.66935 ? 93  VAL A O   1 
ATOM   586  C CB  . VAL A 1 93  ? -0.73054  9.83537   -1.74854  1.000 11.97878 ? 93  VAL A CB  1 
ATOM   587  C CG1 . VAL A 1 93  ? 0.56803   9.15042   -2.17449  1.000 9.93959  ? 93  VAL A CG1 1 
ATOM   588  C CG2 . VAL A 1 93  ? -1.56424  10.27847  -2.94183  1.000 10.00041 ? 93  VAL A CG2 1 
ATOM   589  N N   . TYR A 1 94  ? -0.27623  7.21738   0.34620   1.000 11.55037 ? 94  TYR A N   1 
ATOM   590  C CA  . TYR A 1 94  ? 0.58490   6.61222   1.35236   1.000 11.59533 ? 94  TYR A CA  1 
ATOM   591  C C   . TYR A 1 94  ? 1.82619   6.05295   0.66342   1.000 13.01472 ? 94  TYR A C   1 
ATOM   592  O O   . TYR A 1 94  ? 1.78189   5.66335   -0.50725  1.000 14.75389 ? 94  TYR A O   1 
ATOM   593  C CB  . TYR A 1 94  ? -0.15039  5.51872   2.16808   1.000 10.19503 ? 94  TYR A CB  1 
ATOM   594  C CG  . TYR A 1 94  ? -1.18799  6.12647   3.07781   1.000 11.39369 ? 94  TYR A CG  1 
ATOM   595  C CD1 . TYR A 1 94  ? -2.37607  6.63406   2.56711   1.000 10.17515 ? 94  TYR A CD1 1 
ATOM   596  C CD2 . TYR A 1 94  ? -0.94204  6.29102   4.43095   1.000 9.67520  ? 94  TYR A CD2 1 
ATOM   597  C CE1 . TYR A 1 94  ? -3.30924  7.25863   3.38893   1.000 12.61775 ? 94  TYR A CE1 1 
ATOM   598  C CE2 . TYR A 1 94  ? -1.87589  6.89282   5.26699   1.000 12.48579 ? 94  TYR A CE2 1 
ATOM   599  C CZ  . TYR A 1 94  ? -3.05639  7.38074   4.74442   1.000 14.71485 ? 94  TYR A CZ  1 
ATOM   600  O OH  . TYR A 1 94  ? -3.95260  8.00166   5.57561   1.000 14.14947 ? 94  TYR A OH  1 
ATOM   601  N N   . VAL A 1 95  ? 2.93560   6.04742   1.40432   1.000 10.43900 ? 95  VAL A N   1 
ATOM   602  C CA  . VAL A 1 95  ? 4.19605   5.54832   0.89673   1.000 9.98220  ? 95  VAL A CA  1 
ATOM   603  C C   . VAL A 1 95  ? 4.67961   4.42133   1.79941   1.000 8.99341  ? 95  VAL A C   1 
ATOM   604  O O   . VAL A 1 95  ? 4.66392   4.54038   3.03105   1.000 9.29922  ? 95  VAL A O   1 
ATOM   605  C CB  . VAL A 1 95  ? 5.26843   6.64074   0.77138   1.000 11.43211 ? 95  VAL A CB  1 
ATOM   606  C CG1 . VAL A 1 95  ? 5.57867   7.30870   2.10864   1.000 9.37425  ? 95  VAL A CG1 1 
ATOM   607  C CG2 . VAL A 1 95  ? 6.53166   6.08145   0.15569   1.000 10.08262 ? 95  VAL A CG2 1 
ATOM   608  N N   . LEU A 1 96  ? 5.07816   3.32170   1.15648   1.000 9.05163  ? 96  LEU A N   1 
ATOM   609  C CA  . LEU A 1 96  ? 5.79839   2.24406   1.80753   1.000 8.81869  ? 96  LEU A CA  1 
ATOM   610  C C   . LEU A 1 96  ? 7.26902   2.50627   1.49966   1.000 10.56640 ? 96  LEU A C   1 
ATOM   611  O O   . LEU A 1 96  ? 7.69331   2.38225   0.35162   1.000 11.60497 ? 96  LEU A O   1 
ATOM   612  C CB  . LEU A 1 96  ? 5.37183   0.86141   1.31427   1.000 8.12945  ? 96  LEU A CB  1 
ATOM   613  C CG  . LEU A 1 96  ? 6.04249   -0.32615  2.05440   1.000 11.51205 ? 96  LEU A CG  1 
ATOM   614  C CD1 . LEU A 1 96  ? 5.61994   -0.40798  3.51336   1.000 11.95476 ? 96  LEU A CD1 1 
ATOM   615  C CD2 . LEU A 1 96  ? 5.74917   -1.64615  1.35571   1.000 16.81509 ? 96  LEU A CD2 1 
ATOM   616  N N   . LYS A 1 97  ? 8.00820   2.90781   2.53271   1.000 10.72762 ? 97  LYS A N   1 
ATOM   617  C CA  . LYS A 1 97  ? 9.39648   3.30523   2.38504   1.000 12.12647 ? 97  LYS A CA  1 
ATOM   618  C C   . LYS A 1 97  ? 10.27055  2.18248   2.93037   1.000 14.59028 ? 97  LYS A C   1 
ATOM   619  O O   . LYS A 1 97  ? 10.06364  1.73547   4.05533   1.000 13.36041 ? 97  LYS A O   1 
ATOM   620  C CB  . LYS A 1 97  ? 9.65561   4.62514   3.14578   1.000 19.50084 ? 97  LYS A CB  1 
ATOM   621  C CG  . LYS A 1 97  ? 11.14301  5.00765   3.31569   1.000 26.03063 ? 97  LYS A CG  1 
ATOM   622  C CD  . LYS A 1 97  ? 11.81409  5.46634   2.02752   1.000 32.51329 ? 97  LYS A CD  1 
ATOM   623  C CE  . LYS A 1 97  ? 13.19803  6.03106   2.25031   1.000 37.29961 ? 97  LYS A CE  1 
ATOM   624  N NZ  . LYS A 1 97  ? 13.18146  7.21787   3.15409   1.000 35.43303 ? 97  LYS A NZ  1 
ATOM   625  N N   . PHE A 1 98  ? 11.26509  1.77191   2.13851   1.000 17.59136 ? 98  PHE A N   1 
ATOM   626  C CA  . PHE A 1 98  ? 12.25746  0.79273   2.56051   1.000 14.97010 ? 98  PHE A CA  1 
ATOM   627  C C   . PHE A 1 98  ? 13.55969  1.47286   2.96560   1.000 20.10754 ? 98  PHE A C   1 
ATOM   628  O O   . PHE A 1 98  ? 14.05464  2.33317   2.23485   1.000 22.34191 ? 98  PHE A O   1 
ATOM   629  C CB  . PHE A 1 98  ? 12.56571  -0.19577  1.43202   1.000 18.11244 ? 98  PHE A CB  1 
ATOM   630  C CG  . PHE A 1 98  ? 11.41702  -1.08279  1.05806   1.000 21.67766 ? 98  PHE A CG  1 
ATOM   631  C CD1 . PHE A 1 98  ? 10.34495  -0.58710  0.34036   1.000 18.81693 ? 98  PHE A CD1 1 
ATOM   632  C CD2 . PHE A 1 98  ? 11.38202  -2.40747  1.46353   1.000 21.37026 ? 98  PHE A CD2 1 
ATOM   633  C CE1 . PHE A 1 98  ? 9.26223   -1.39843  0.03213   1.000 20.52934 ? 98  PHE A CE1 1 
ATOM   634  C CE2 . PHE A 1 98  ? 10.29759  -3.21178  1.15119   1.000 19.61830 ? 98  PHE A CE2 1 
ATOM   635  C CZ  . PHE A 1 98  ? 9.25326   -2.70684  0.43488   1.000 20.23093 ? 98  PHE A CZ  1 
ATOM   636  N N   . LYS A 1 99  ? 14.11625  1.07506   4.11956   1.000 17.88037 ? 99  LYS A N   1 
ATOM   637  C CA  . LYS A 1 99  ? 15.44601  1.51362   4.51546   1.000 22.62000 ? 99  LYS A CA  1 
ATOM   638  C C   . LYS A 1 99  ? 16.44697  1.11431   3.43201   1.000 27.51029 ? 99  LYS A C   1 
ATOM   639  O O   . LYS A 1 99  ? 17.28480  1.91676   3.02542   1.000 29.96513 ? 99  LYS A O   1 
ATOM   640  C CB  . LYS A 1 99  ? 15.90629  0.91664   5.87455   1.000 24.14220 ? 99  LYS A CB  1 
ATOM   641  C CG  . LYS A 1 99  ? 14.90103  0.95829   7.04218   1.000 25.59337 ? 99  LYS A CG  1 
ATOM   642  C CD  . LYS A 1 99  ? 14.31305  2.30642   7.35580   1.000 28.04104 ? 99  LYS A CD  1 
ATOM   643  C CE  . LYS A 1 99  ? 13.23918  2.24391   8.44136   1.000 25.47500 ? 99  LYS A CE  1 
ATOM   644  N NZ  . LYS A 1 99  ? 13.70509  1.56251   9.69362   1.000 21.44186 ? 99  LYS A NZ  1 
ATOM   645  N N   . ALA A 1 100 ? 16.34141  -0.13479  2.95660   1.000 26.31593 ? 100 ALA A N   1 
ATOM   646  C CA  . ALA A 1 100 ? 17.23758  -0.65833  1.93634   1.000 27.36771 ? 100 ALA A CA  1 
ATOM   647  C C   . ALA A 1 100 ? 17.06457  0.06643   0.60189   1.000 28.92036 ? 100 ALA A C   1 
ATOM   648  O O   . ALA A 1 100 ? 16.04459  -0.08196  -0.07109  1.000 30.87218 ? 100 ALA A O   1 
ATOM   649  C CB  . ALA A 1 100 ? 17.01685  -2.15875  1.75392   1.000 28.72777 ? 100 ALA A CB  1 
ATOM   650  N N   . GLY A 1 101 ? 18.07210  0.86663   0.23723   1.000 31.15173 ? 101 GLY A N   1 
ATOM   651  C CA  . GLY A 1 101 ? 18.07822  1.59441   -1.02126  1.000 30.08431 ? 101 GLY A CA  1 
ATOM   652  C C   . GLY A 1 101 ? 17.17192  2.82324   -1.04618  1.000 29.60708 ? 101 GLY A C   1 
ATOM   653  O O   . GLY A 1 101 ? 17.03678  3.46552   -2.08314  1.000 35.19666 ? 101 GLY A O   1 
ATOM   654  N N   . SER A 1 102 ? 16.55438  3.15426   0.09340   1.000 24.98631 ? 102 SER A N   1 
ATOM   655  C CA  . SER A 1 102 ? 15.56651  4.22168   0.14452   1.000 31.30022 ? 102 SER A CA  1 
ATOM   656  C C   . SER A 1 102 ? 14.49768  4.02787   -0.93241  1.000 30.19464 ? 102 SER A C   1 
ATOM   657  O O   . SER A 1 102 ? 14.07386  4.98874   -1.57205  1.000 35.46701 ? 102 SER A O   1 
ATOM   658  C CB  . SER A 1 102 ? 16.23323  5.58847   -0.01535  1.000 32.69237 ? 102 SER A CB  1 
ATOM   659  O OG  . SER A 1 102 ? 17.31058  5.75375   0.89260   1.000 37.63804 ? 102 SER A OG  1 
ATOM   660  N N   . LYS A 1 103 ? 14.08839  2.77189   -1.13508  1.000 22.42339 ? 103 LYS A N   1 
ATOM   661  C CA  . LYS A 1 103 ? 13.10983  2.41584   -2.15035  1.000 24.51719 ? 103 LYS A CA  1 
ATOM   662  C C   . LYS A 1 103 ? 11.72415  2.81949   -1.64500  1.000 25.61127 ? 103 LYS A C   1 
ATOM   663  O O   . LYS A 1 103 ? 11.44097  2.69322   -0.45255  1.000 23.50125 ? 103 LYS A O   1 
ATOM   664  C CB  . LYS A 1 103 ? 13.22781  0.90918   -2.46449  1.000 28.23578 ? 103 LYS A CB  1 
ATOM   665  C CG  . LYS A 1 103 ? 12.06511  0.29339   -3.24117  1.000 31.75061 ? 103 LYS A CG  1 
ATOM   666  C CD  . LYS A 1 103 ? 12.13433  -1.22981  -3.30236  1.000 36.83798 ? 103 LYS A CD  1 
ATOM   667  C CE  . LYS A 1 103 ? 10.77444  -1.84626  -3.50610  1.000 30.52661 ? 103 LYS A CE  1 
ATOM   668  N NZ  . LYS A 1 103 ? 10.85609  -3.31342  -3.61593  1.000 31.33205 ? 103 LYS A NZ  1 
ATOM   669  N N   . ARG A 1 104 ? 10.88253  3.33728   -2.55298  1.000 19.44071 ? 104 ARG A N   1 
ATOM   670  C CA  . ARG A 1 104 ? 9.53778   3.77466   -2.20198  1.000 18.38644 ? 104 ARG A CA  1 
ATOM   671  C C   . ARG A 1 104 ? 8.49006   3.19376   -3.14873  1.000 18.32923 ? 104 ARG A C   1 
ATOM   672  O O   . ARG A 1 104 ? 8.68876   3.15098   -4.36251  1.000 19.38412 ? 104 ARG A O   1 
ATOM   673  C CB  . ARG A 1 104 ? 9.47602   5.29997   -2.19812  1.000 21.18758 ? 104 ARG A CB  1 
ATOM   674  C CG  . ARG A 1 104 ? 10.46118  5.89476   -1.19791  1.000 26.17933 ? 104 ARG A CG  1 
ATOM   675  C CD  . ARG A 1 104 ? 10.35641  7.37487   -1.10703  1.000 29.67930 ? 104 ARG A CD  1 
ATOM   676  N NE  . ARG A 1 104 ? 11.38083  7.95405   -0.24469  1.000 28.45043 ? 104 ARG A NE  1 
ATOM   677  C CZ  . ARG A 1 104 ? 12.61880  8.24285   -0.62661  1.000 28.75096 ? 104 ARG A CZ  1 
ATOM   678  N NH1 . ARG A 1 104 ? 13.17990  7.65576   -1.67012  1.000 33.55529 ? 104 ARG A NH1 1 
ATOM   679  N NH2 . ARG A 1 104 ? 13.31408  9.14591   0.05932   1.000 37.09018 ? 104 ARG A NH2 1 
ATOM   680  N N   . LEU A 1 105 ? 7.37614   2.73154   -2.56707  1.000 11.88929 ? 105 LEU A N   1 
ATOM   681  C CA  . LEU A 1 105 ? 6.20591   2.33305   -3.32297  1.000 11.36731 ? 105 LEU A CA  1 
ATOM   682  C C   . LEU A 1 105 ? 5.04690   3.19366   -2.82741  1.000 12.77867 ? 105 LEU A C   1 
ATOM   683  O O   . LEU A 1 105 ? 4.81881   3.26353   -1.61851  1.000 12.47941 ? 105 LEU A O   1 
ATOM   684  C CB  . LEU A 1 105 ? 5.87914   0.85988   -3.09076  1.000 11.96281 ? 105 LEU A CB  1 
ATOM   685  C CG  . LEU A 1 105 ? 6.92290   -0.17468  -3.54372  1.000 19.33692 ? 105 LEU A CG  1 
ATOM   686  C CD1 . LEU A 1 105 ? 6.46215   -1.54020  -3.22115  1.000 16.26808 ? 105 LEU A CD1 1 
ATOM   687  C CD2 . LEU A 1 105 ? 7.18712   -0.08677  -5.04326  1.000 19.40242 ? 105 LEU A CD2 1 
ATOM   688  N N   . PHE A 1 106 ? 4.30788   3.79484   -3.76838  1.000 9.03518  ? 106 PHE A N   1 
ATOM   689  C CA  . PHE A 1 106 ? 3.15569   4.62048   -3.44240  1.000 10.83645 ? 106 PHE A CA  1 
ATOM   690  C C   . PHE A 1 106 ? 1.82117   3.90576   -3.61266  1.000 9.78752  ? 106 PHE A C   1 
ATOM   691  O O   . PHE A 1 106 ? 1.63053   3.12929   -4.55198  1.000 11.93528 ? 106 PHE A O   1 
ATOM   692  C CB  . PHE A 1 106 ? 3.19654   5.91678   -4.28912  1.000 10.22770 ? 106 PHE A CB  1 
ATOM   693  C CG  . PHE A 1 106 ? 4.42955   6.74182   -3.97472  1.000 14.63878 ? 106 PHE A CG  1 
ATOM   694  C CD1 . PHE A 1 106 ? 4.52944   7.45255   -2.79328  1.000 12.20344 ? 106 PHE A CD1 1 
ATOM   695  C CD2 . PHE A 1 106 ? 5.49163   6.79407   -4.86026  1.000 13.58438 ? 106 PHE A CD2 1 
ATOM   696  C CE1 . PHE A 1 106 ? 5.67810   8.20823   -2.51114  1.000 14.61802 ? 106 PHE A CE1 1 
ATOM   697  C CE2 . PHE A 1 106 ? 6.63150   7.54583   -4.57582  1.000 16.58647 ? 106 PHE A CE2 1 
ATOM   698  C CZ  . PHE A 1 106 ? 6.72356   8.23595   -3.40027  1.000 14.20715 ? 106 PHE A CZ  1 
ATOM   699  N N   . PHE A 1 107 ? 0.88455   4.20701   -2.70538  1.000 10.12431 ? 107 PHE A N   1 
ATOM   700  C CA  . PHE A 1 107 ? -0.47048  3.69167   -2.77261  1.000 10.89959 ? 107 PHE A CA  1 
ATOM   701  C C   . PHE A 1 107 ? -1.45193  4.82162   -2.50145  1.000 12.07562 ? 107 PHE A C   1 
ATOM   702  O O   . PHE A 1 107 ? -1.08883  5.81749   -1.88384  1.000 12.20381 ? 107 PHE A O   1 
ATOM   703  C CB  . PHE A 1 107 ? -0.65336  2.55090   -1.76788  1.000 11.32277 ? 107 PHE A CB  1 
ATOM   704  C CG  . PHE A 1 107 ? 0.30053   1.42181   -2.05512  1.000 10.33133 ? 107 PHE A CG  1 
ATOM   705  C CD1 . PHE A 1 107 ? 0.00190   0.47024   -3.00855  1.000 10.25110 ? 107 PHE A CD1 1 
ATOM   706  C CD2 . PHE A 1 107 ? 1.53638   1.35800   -1.42713  1.000 10.00733 ? 107 PHE A CD2 1 
ATOM   707  C CE1 . PHE A 1 107 ? 0.90966   -0.53043  -3.32813  1.000 12.02211 ? 107 PHE A CE1 1 
ATOM   708  C CE2 . PHE A 1 107 ? 2.44672   0.34939   -1.75035  1.000 12.92457 ? 107 PHE A CE2 1 
ATOM   709  C CZ  . PHE A 1 107 ? 2.10955   -0.59721  -2.69226  1.000 9.86458  ? 107 PHE A CZ  1 
ATOM   710  N N   . TRP A 1 108 ? -2.70287  4.63854   -2.94075  1.000 10.68456 ? 108 TRP A N   1 
ATOM   711  C CA  . TRP A 1 108 ? -3.72887  5.65062   -2.75092  1.000 9.37318  ? 108 TRP A CA  1 
ATOM   712  C C   . TRP A 1 108 ? -5.04567  5.00872   -2.32620  1.000 11.41800 ? 108 TRP A C   1 
ATOM   713  O O   . TRP A 1 108 ? -5.53991  4.08542   -2.96375  1.000 12.03249 ? 108 TRP A O   1 
ATOM   714  C CB  . TRP A 1 108 ? -3.86328  6.55647   -3.98739  1.000 12.07678 ? 108 TRP A CB  1 
ATOM   715  C CG  . TRP A 1 108 ? -4.19803  5.90402   -5.30803  1.000 12.67264 ? 108 TRP A CG  1 
ATOM   716  C CD1 . TRP A 1 108 ? -3.34525  5.31351   -6.18776  1.000 10.99944 ? 108 TRP A CD1 1 
ATOM   717  C CD2 . TRP A 1 108 ? -5.47733  5.86975   -5.90365  1.000 11.55349 ? 108 TRP A CD2 1 
ATOM   718  N NE1 . TRP A 1 108 ? -4.03417  4.87222   -7.29137  1.000 10.92518 ? 108 TRP A NE1 1 
ATOM   719  C CE2 . TRP A 1 108 ? -5.35456  5.20215   -7.13885  1.000 11.46146 ? 108 TRP A CE2 1 
ATOM   720  C CE3 . TRP A 1 108 ? -6.73860  6.31382   -5.50091  1.000 14.89343 ? 108 TRP A CE3 1 
ATOM   721  C CZ2 . TRP A 1 108 ? -6.43942  5.00904   -7.98564  1.000 13.08353 ? 108 TRP A CZ2 1 
ATOM   722  C CZ3 . TRP A 1 108 ? -7.80829  6.09492   -6.33108  1.000 13.93569 ? 108 TRP A CZ3 1 
ATOM   723  C CH2 . TRP A 1 108 ? -7.64890  5.46436   -7.56619  1.000 14.17308 ? 108 TRP A CH2 1 
ATOM   724  N N   . MET A 1 109 ? -5.60007  5.50794   -1.22038  1.000 10.95202 ? 109 MET A N   1 
ATOM   725  C CA  . MET A 1 109 ? -6.74475  4.87740   -0.58186  1.000 12.20803 ? 109 MET A CA  1 
ATOM   726  C C   . MET A 1 109 ? -7.94908  4.97773   -1.51373  1.000 12.56058 ? 109 MET A C   1 
ATOM   727  O O   . MET A 1 109 ? -8.19056  6.03398   -2.10168  1.000 13.75375 ? 109 MET A O   1 
ATOM   728  C CB  . MET A 1 109 ? -7.03982  5.56265   0.75563   1.000 10.41683 ? 109 MET A CB  1 
ATOM   729  C CG  . MET A 1 109 ? -5.93111  5.40209   1.75390   1.000 12.78828 ? 109 MET A CG  1 
ATOM   730  S SD  . MET A 1 109 ? -5.79020  3.67616   2.27215   1.000 16.46323 ? 109 MET A SD  1 
ATOM   731  C CE  . MET A 1 109 ? -4.65676  3.83945   3.67157   1.000 15.28647 ? 109 MET A CE  1 
ATOM   732  N N   . GLN A 1 110 ? -8.70724  3.87932   -1.60744  1.000 11.73728 ? 110 GLN A N   1 
ATOM   733  C CA  . GLN A 1 110 ? -9.85379  3.78017   -2.49824  1.000 11.09323 ? 110 GLN A CA  1 
ATOM   734  C C   . GLN A 1 110 ? -11.20359 3.55899   -1.80300  1.000 15.01929 ? 110 GLN A C   1 
ATOM   735  O O   . GLN A 1 110 ? -12.21652 3.50390   -2.48759  1.000 16.22613 ? 110 GLN A O   1 
ATOM   736  C CB  . GLN A 1 110 ? -9.61254  2.65508   -3.52535  1.000 12.07291 ? 110 GLN A CB  1 
ATOM   737  C CG  . GLN A 1 110 ? -8.65293  3.03042   -4.63620  1.000 11.64872 ? 110 GLN A CG  1 
ATOM   738  C CD  . GLN A 1 110 ? -8.31898  1.87516   -5.59045  1.000 15.57672 ? 110 GLN A CD  1 
ATOM   739  O OE1 . GLN A 1 110 ? -8.52935  0.67234   -5.31115  1.000 13.05596 ? 110 GLN A OE1 1 
ATOM   740  N NE2 . GLN A 1 110 ? -7.77018  2.23582   -6.74045  1.000 13.64892 ? 110 GLN A NE2 1 
ATOM   741  N N   . GLU A 1 111 ? -11.25719 3.46467   -0.46608  1.000 17.29546 ? 111 GLU A N   1 
ATOM   742  C CA  . GLU A 1 111 ? -12.55729 3.39666   0.20404   1.000 20.20881 ? 111 GLU A CA  1 
ATOM   743  C C   . GLU A 1 111 ? -13.23747 4.76068   0.04168   1.000 17.29180 ? 111 GLU A C   1 
ATOM   744  O O   . GLU A 1 111 ? -12.56889 5.79599   0.09381   1.000 15.60944 ? 111 GLU A O   1 
ATOM   745  C CB  . GLU A 1 111 ? -12.46496 2.97747   1.71513   1.000 22.44503 ? 111 GLU A CB  1 
ATOM   746  C CG  . GLU A 1 111 ? -11.54669 1.79356   2.07748   1.000 29.51492 ? 111 GLU A CG  1 
ATOM   747  C CD  . GLU A 1 111 ? -12.02279 0.35120   2.02152   1.000 38.69494 ? 111 GLU A CD  1 
ATOM   748  O OE1 . GLU A 1 111 ? -13.24429 0.12240   1.82455   1.000 29.96248 ? 111 GLU A OE1 1 
ATOM   749  O OE2 . GLU A 1 111 ? -11.15194 -0.55698  2.17710   1.000 23.05025 ? 111 GLU A OE2 1 
ATOM   750  N N   . PRO A 1 112 ? -14.56895 4.83454   -0.22276  1.000 19.47629 ? 112 PRO A N   1 
ATOM   751  C CA  . PRO A 1 112 ? -15.23106 6.12398   -0.45065  1.000 18.00622 ? 112 PRO A CA  1 
ATOM   752  C C   . PRO A 1 112 ? -15.27803 7.03287   0.77533   1.000 20.53775 ? 112 PRO A C   1 
ATOM   753  O O   . PRO A 1 112 ? -15.38359 8.24476   0.62920   1.000 26.49754 ? 112 PRO A O   1 
ATOM   754  C CB  . PRO A 1 112 ? -16.63801 5.73394   -0.94533  1.000 22.32350 ? 112 PRO A CB  1 
ATOM   755  C CG  . PRO A 1 112 ? -16.85668 4.34119   -0.42492  1.000 25.90973 ? 112 PRO A CG  1 
ATOM   756  C CD  . PRO A 1 112 ? -15.48430 3.69034   -0.37057  1.000 25.50130 ? 112 PRO A CD  1 
ATOM   757  N N   . LYS A 1 113 ? -15.18769 6.44837   1.97423   1.000 21.39530 ? 113 LYS A N   1 
ATOM   758  C CA  . LYS A 1 113 ? -15.00847 7.23233   3.18884   1.000 20.27091 ? 113 LYS A CA  1 
ATOM   759  C C   . LYS A 1 113 ? -13.54560 7.21797   3.62522   1.000 18.57437 ? 113 LYS A C   1 
ATOM   760  O O   . LYS A 1 113 ? -12.84326 6.23469   3.41001   1.000 17.84364 ? 113 LYS A O   1 
ATOM   761  C CB  . LYS A 1 113 ? -15.89222 6.68849   4.32701   1.000 24.97712 ? 113 LYS A CB  1 
ATOM   762  C CG  . LYS A 1 113 ? -17.37525 6.74438   4.00786   1.000 24.24447 ? 113 LYS A CG  1 
ATOM   763  C CD  . LYS A 1 113 ? -18.26783 6.71950   5.24977   1.000 33.75183 ? 113 LYS A CD  1 
ATOM   764  C CE  . LYS A 1 113 ? -18.25024 5.38367   5.92531   1.000 32.13683 ? 113 LYS A CE  1 
ATOM   765  N NZ  . LYS A 1 113 ? -19.00903 5.41871   7.18123   1.000 33.97207 ? 113 LYS A NZ  1 
ATOM   766  N N   . THR A 1 114 ? -13.10852 8.31091   4.26226   1.000 18.00368 ? 114 THR A N   1 
ATOM   767  C CA  . THR A 1 114 ? -11.75495 8.43644   4.77443   1.000 16.44087 ? 114 THR A CA  1 
ATOM   768  C C   . THR A 1 114 ? -11.58239 8.02158   6.23203   1.000 19.39381 ? 114 THR A C   1 
ATOM   769  O O   . THR A 1 114 ? -10.47181 8.06972   6.75677   1.000 19.52523 ? 114 THR A O   1 
ATOM   770  C CB  . THR A 1 114 ? -11.30835 9.89042   4.63007   1.000 20.94030 ? 114 THR A CB  1 
ATOM   771  O OG1 . THR A 1 114 ? -12.10745 10.70172  5.49549   1.000 18.46124 ? 114 THR A OG1 1 
ATOM   772  C CG2 . THR A 1 114 ? -11.42737 10.38136  3.21192   1.000 20.82629 ? 114 THR A CG2 1 
ATOM   773  N N   . ASP A 1 115 ? -12.68842 7.62933   6.88154   1.000 17.44173 ? 115 ASP A N   1 
ATOM   774  C CA  . ASP A 1 115 ? -12.69490 7.35917   8.31370   1.000 21.90877 ? 115 ASP A CA  1 
ATOM   775  C C   . ASP A 1 115 ? -11.61027 6.39345   8.80165   1.000 21.08875 ? 115 ASP A C   1 
ATOM   776  O O   . ASP A 1 115 ? -11.12473 6.50720   9.93058   1.000 21.99531 ? 115 ASP A O   1 
ATOM   777  C CB  . ASP A 1 115 ? -14.04454 6.72684   8.70655   1.000 25.30713 ? 115 ASP A CB  1 
ATOM   778  C CG  . ASP A 1 115 ? -15.27866 7.54530   8.42481   1.000 37.84340 ? 115 ASP A CG  1 
ATOM   779  O OD1 . ASP A 1 115 ? -15.16997 8.54632   7.68767   1.000 35.06804 ? 115 ASP A OD1 1 
ATOM   780  O OD2 . ASP A 1 115 ? -16.36331 7.18177   8.94359   1.000 48.07935 ? 115 ASP A OD2 1 
ATOM   781  N N   . GLN A 1 116 ? -11.30452 5.38247   7.98147   1.000 15.07854 ? 116 GLN A N   1 
ATOM   782  C CA  . GLN A 1 116 ? -10.38651 4.33449   8.38551   1.000 14.91386 ? 116 GLN A CA  1 
ATOM   783  C C   . GLN A 1 116 ? -8.98781  4.46030   7.77897   1.000 15.44813 ? 116 GLN A C   1 
ATOM   784  O O   . GLN A 1 116 ? -8.16289  3.56716   7.95924   1.000 13.61206 ? 116 GLN A O   1 
ATOM   785  C CB  . GLN A 1 116 ? -10.97131 2.95770   8.03253   1.000 19.22538 ? 116 GLN A CB  1 
ATOM   786  C CG  . GLN A 1 116 ? -12.24877 2.58080   8.79023   1.000 22.45868 ? 116 GLN A CG  1 
ATOM   787  C CD  . GLN A 1 116 ? -11.96668 2.53824   10.26759  1.000 32.48709 ? 116 GLN A CD  1 
ATOM   788  O OE1 . GLN A 1 116 ? -11.04412 1.84832   10.72656  1.000 33.37214 ? 116 GLN A OE1 1 
ATOM   789  N NE2 . GLN A 1 116 ? -12.71839 3.30969   11.05133  1.000 39.08439 ? 116 GLN A NE2 1 
ATOM   790  N N   . ASP A 1 117 ? -8.69064  5.55893   7.07823   1.000 13.42501 ? 117 ASP A N   1 
ATOM   791  C CA  . ASP A 1 117 ? -7.38655  5.67485   6.43491   1.000 16.39854 ? 117 ASP A CA  1 
ATOM   792  C C   . ASP A 1 117 ? -6.21957  5.59108   7.42159   1.000 14.96103 ? 117 ASP A C   1 
ATOM   793  O O   . ASP A 1 117 ? -5.28848  4.80390   7.23406   1.000 13.82387 ? 117 ASP A O   1 
ATOM   794  C CB  . ASP A 1 117 ? -7.26849  6.99124   5.66605   1.000 14.79029 ? 117 ASP A CB  1 
ATOM   795  C CG  . ASP A 1 117 ? -8.09995  7.13800   4.42760   1.000 17.56314 ? 117 ASP A CG  1 
ATOM   796  O OD1 . ASP A 1 117 ? -8.80077  6.15779   4.05087   1.000 15.80793 ? 117 ASP A OD1 1 
ATOM   797  O OD2 . ASP A 1 117 ? -8.08210  8.25433   3.83701   1.000 15.94577 ? 117 ASP A OD2 1 
ATOM   798  N N   . GLU A 1 118 ? -6.25008  6.40985   8.47921   1.000 14.69988 ? 118 GLU A N   1 
ATOM   799  C CA  . GLU A 1 118 ? -5.15650  6.41449   9.43719   1.000 16.26112 ? 118 GLU A CA  1 
ATOM   800  C C   . GLU A 1 118 ? -5.08910  5.09144   10.20600  1.000 16.00764 ? 118 GLU A C   1 
ATOM   801  O O   . GLU A 1 118 ? -3.99793  4.62897   10.54520  1.000 14.93750 ? 118 GLU A O   1 
ATOM   802  C CB  . GLU A 1 118 ? -5.24690  7.62616   10.39005  1.000 24.44017 ? 118 GLU A CB  1 
ATOM   803  C CG  . GLU A 1 118 ? -4.76129  8.92893   9.74083   1.000 30.95539 ? 118 GLU A CG  1 
ATOM   804  C CD  . GLU A 1 118 ? -3.30972  8.92159   9.26973   1.000 37.52410 ? 118 GLU A CD  1 
ATOM   805  O OE1 . GLU A 1 118 ? -2.40856  8.85307   10.13763  1.000 44.88640 ? 118 GLU A OE1 1 
ATOM   806  O OE2 . GLU A 1 118 ? -3.06916  8.95265   8.03785   1.000 25.87267 ? 118 GLU A OE2 1 
ATOM   807  N N   . GLU A 1 119 ? -6.25117  4.47972   10.47018  1.000 13.70346 ? 119 GLU A N   1 
ATOM   808  C CA  . GLU A 1 119 ? -6.28261  3.17806   11.11656  1.000 15.55771 ? 119 GLU A CA  1 
ATOM   809  C C   . GLU A 1 119 ? -5.60019  2.09152   10.28310  1.000 11.64046 ? 119 GLU A C   1 
ATOM   810  O O   . GLU A 1 119 ? -4.82273  1.29182   10.80622  1.000 10.58215 ? 119 GLU A O   1 
ATOM   811  C CB  . GLU A 1 119 ? -7.72370  2.76136   11.37909  1.000 18.50456 ? 119 GLU A CB  1 
ATOM   812  C CG  . GLU A 1 119 ? -7.80842  1.43993   12.09569  1.000 26.28030 ? 119 GLU A CG  1 
ATOM   813  C CD  . GLU A 1 119 ? -7.06853  1.39934   13.42288  1.000 34.25309 ? 119 GLU A CD  1 
ATOM   814  O OE1 . GLU A 1 119 ? -6.66529  2.47774   13.92566  1.000 35.05286 ? 119 GLU A OE1 1 
ATOM   815  O OE2 . GLU A 1 119 ? -6.89715  0.28105   13.96206  1.000 38.72351 ? 119 GLU A OE2 1 
ATOM   816  N N   . HIS A 1 120 ? -5.88954  2.07403   8.98002   1.000 12.16871 ? 120 HIS A N   1 
ATOM   817  C CA  . HIS A 1 120 ? -5.23485  1.14075   8.07655   1.000 11.82761 ? 120 HIS A CA  1 
ATOM   818  C C   . HIS A 1 120 ? -3.72721  1.36329   8.09353   1.000 9.39565  ? 120 HIS A C   1 
ATOM   819  O O   . HIS A 1 120 ? -2.96799  0.41543   8.10857   1.000 9.47745  ? 120 HIS A O   1 
ATOM   820  C CB  . HIS A 1 120 ? -5.74871  1.27034   6.64377   1.000 10.87339 ? 120 HIS A CB  1 
ATOM   821  C CG  . HIS A 1 120 ? -7.18800  0.89375   6.44538   1.000 13.19071 ? 120 HIS A CG  1 
ATOM   822  N ND1 . HIS A 1 120 ? -7.74646  -0.23919  7.03504   1.000 18.76107 ? 120 HIS A ND1 1 
ATOM   823  C CD2 . HIS A 1 120 ? -8.12575  1.50160   5.69975   1.000 13.62082 ? 120 HIS A CD2 1 
ATOM   824  C CE1 . HIS A 1 120 ? -9.01879  -0.25968  6.64590   1.000 16.66494 ? 120 HIS A CE1 1 
ATOM   825  N NE2 . HIS A 1 120 ? -9.28756  0.77273   5.83055   1.000 16.62287 ? 120 HIS A NE2 1 
ATOM   826  N N   . CYS A 1 121 ? -3.29841  2.62396   8.03903   1.000 9.30042  ? 121 CYS A N   1 
ATOM   827  C CA  . CYS A 1 121 ? -1.88385  2.96131   8.12026   1.000 8.74935  ? 121 CYS A CA  1 
ATOM   828  C C   . CYS A 1 121 ? -1.23410  2.45133   9.40734   1.000 11.23107 ? 121 CYS A C   1 
ATOM   829  O O   . CYS A 1 121 ? -0.15832  1.83540   9.39204   1.000 8.58895  ? 121 CYS A O   1 
ATOM   830  C CB  . CYS A 1 121 ? -1.72983  4.46880   7.99047   1.000 14.08456 ? 121 CYS A CB  1 
ATOM   831  S SG  . CYS A 1 121 ? -0.02099  5.04555   8.08243   1.000 16.09619 ? 121 CYS A SG  1 
ATOM   832  N N   . ARG A 1 122 ? -1.92450  2.68134   10.53155  1.000 9.91302  ? 122 ARG A N   1 
ATOM   833  C CA  . ARG A 1 122 ? -1.45598  2.18686   11.81642  1.000 12.99860 ? 122 ARG A CA  1 
ATOM   834  C C   . ARG A 1 122 ? -1.27954  0.67139   11.82689  1.000 12.02933 ? 122 ARG A C   1 
ATOM   835  O O   . ARG A 1 122 ? -0.25870  0.18520   12.31466  1.000 9.55822  ? 122 ARG A O   1 
ATOM   836  C CB  . ARG A 1 122 ? -2.42147  2.58738   12.94879  1.000 14.96731 ? 122 ARG A CB  1 
ATOM   837  C CG  . ARG A 1 122 ? -1.86686  2.29858   14.32815  1.000 22.15209 ? 122 ARG A CG  1 
ATOM   838  C CD  . ARG A 1 122 ? -2.81925  2.75381   15.42123  1.000 29.00272 ? 122 ARG A CD  1 
ATOM   839  N NE  . ARG A 1 122 ? -4.02142  1.93207   15.49188  1.000 31.99035 ? 122 ARG A NE  1 
ATOM   840  C CZ  . ARG A 1 122 ? -4.04374  0.67501   15.92227  1.000 37.95818 ? 122 ARG A CZ  1 
ATOM   841  N NH1 . ARG A 1 122 ? -2.93040  -0.03342  16.04873  1.000 37.23066 ? 122 ARG A NH1 1 
ATOM   842  N NH2 . ARG A 1 122 ? -5.20901  0.11890   16.23662  1.000 38.85175 ? 122 ARG A NH2 1 
ATOM   843  N N   . LYS A 1 123 ? -2.27320  -0.06271  11.30871  1.000 9.78908  ? 123 LYS A N   1 
ATOM   844  C CA  . LYS A 1 123 ? -2.22936  -1.51852  11.29558  1.000 11.76160 ? 123 LYS A CA  1 
ATOM   845  C C   . LYS A 1 123 ? -1.13769  -2.06317  10.37530  1.000 10.02580 ? 123 LYS A C   1 
ATOM   846  O O   . LYS A 1 123 ? -0.50386  -3.06461  10.70226  1.000 9.07514  ? 123 LYS A O   1 
ATOM   847  C CB  . LYS A 1 123 ? -3.59974  -2.10839  10.91183  1.000 14.19103 ? 123 LYS A CB  1 
ATOM   848  C CG  . LYS A 1 123 ? -4.64702  -2.04698  12.01266  1.000 18.33230 ? 123 LYS A CG  1 
ATOM   849  C CD  . LYS A 1 123 ? -4.26576  -2.91098  13.24340  1.000 23.13736 ? 123 LYS A CD  1 
ATOM   850  C CE  . LYS A 1 123 ? -5.18423  -2.75204  14.45036  1.000 32.29639 ? 123 LYS A CE  1 
ATOM   851  N NZ  . LYS A 1 123 ? -4.56893  -3.36655  15.68268  1.000 21.12206 ? 123 LYS A NZ  1 
ATOM   852  N N   . VAL A 1 124 ? -0.87629  -1.38873  9.25644   1.000 7.59357  ? 124 VAL A N   1 
ATOM   853  C CA  . VAL A 1 124 ? 0.24184   -1.79637  8.42308   1.000 8.71732  ? 124 VAL A CA  1 
ATOM   854  C C   . VAL A 1 124 ? 1.52550   -1.72424  9.25224   1.000 9.48893  ? 124 VAL A C   1 
ATOM   855  O O   . VAL A 1 124 ? 2.28818   -2.68290  9.31504   1.000 8.53214  ? 124 VAL A O   1 
ATOM   856  C CB  . VAL A 1 124 ? 0.38333   -0.98043  7.13370   1.000 8.04818  ? 124 VAL A CB  1 
ATOM   857  C CG1 . VAL A 1 124 ? 1.72057   -1.26787  6.46852   1.000 8.66018  ? 124 VAL A CG1 1 
ATOM   858  C CG2 . VAL A 1 124 ? -0.78797  -1.22621  6.17701   1.000 9.05412  ? 124 VAL A CG2 1 
ATOM   859  N N   . ASN A 1 125 ? 1.77764   -0.57716  9.89004   1.000 9.23285  ? 125 ASN A N   1 
ATOM   860  C CA  . ASN A 1 125 ? 3.00361   -0.42119  10.65897  1.000 10.72232 ? 125 ASN A CA  1 
ATOM   861  C C   . ASN A 1 125 ? 3.07672   -1.42688  11.81431  1.000 8.85231  ? 125 ASN A C   1 
ATOM   862  O O   . ASN A 1 125 ? 4.13754   -1.98513  12.09277  1.000 12.33594 ? 125 ASN A O   1 
ATOM   863  C CB  . ASN A 1 125 ? 3.12326   1.01412   11.14623  1.000 9.95668  ? 125 ASN A CB  1 
ATOM   864  C CG  . ASN A 1 125 ? 3.42288   1.97970   10.02508  1.000 11.44484 ? 125 ASN A CG  1 
ATOM   865  O OD1 . ASN A 1 125 ? 2.61110   2.85865   9.65093   1.000 14.08131 ? 125 ASN A OD1 1 
ATOM   866  N ND2 . ASN A 1 125 ? 4.59194   1.84406   9.48154   1.000 7.45463  ? 125 ASN A ND2 1 
ATOM   867  N N   . GLU A 1 126 ? 1.94019   -1.66934  12.46971  1.000 8.43941  ? 126 GLU A N   1 
ATOM   868  C CA  . GLU A 1 126 ? 1.89142   -2.59613  13.58827  1.000 8.40483  ? 126 GLU A CA  1 
ATOM   869  C C   . GLU A 1 126 ? 2.31485   -3.99483  13.15273  1.000 10.18177 ? 126 GLU A C   1 
ATOM   870  O O   . GLU A 1 126 ? 3.16601   -4.61942  13.78171  1.000 11.28836 ? 126 GLU A O   1 
ATOM   871  C CB  . GLU A 1 126 ? 0.49136   -2.63167  14.19512  1.000 9.58114  ? 126 GLU A CB  1 
ATOM   872  C CG  . GLU A 1 126 ? 0.39512   -3.60051  15.35130  1.000 16.14559 ? 126 GLU A CG  1 
ATOM   873  C CD  . GLU A 1 126 ? -0.95785  -3.57155  16.05565  1.000 23.37928 ? 126 GLU A CD  1 
ATOM   874  O OE1 . GLU A 1 126 ? -1.85885  -2.84867  15.58488  1.000 25.90302 ? 126 GLU A OE1 1 
ATOM   875  O OE2 . GLU A 1 126 ? -1.10646  -4.27080  17.08246  1.000 27.67663 ? 126 GLU A OE2 1 
ATOM   876  N N   . TYR A 1 127 ? 1.70923   -4.49274  12.07374  1.000 8.73162  ? 127 TYR A N   1 
ATOM   877  C CA  . TYR A 1 127 ? 1.97679   -5.86052  11.64964  1.000 10.64131 ? 127 TYR A CA  1 
ATOM   878  C C   . TYR A 1 127 ? 3.34208   -6.03530  10.98309  1.000 13.64499 ? 127 TYR A C   1 
ATOM   879  O O   . TYR A 1 127 ? 3.91566   -7.12302  11.04262  1.000 13.32748 ? 127 TYR A O   1 
ATOM   880  C CB  . TYR A 1 127 ? 0.83456   -6.40010  10.78126  1.000 10.38154 ? 127 TYR A CB  1 
ATOM   881  C CG  . TYR A 1 127 ? -0.32899  -6.84166  11.65409  1.000 12.71311 ? 127 TYR A CG  1 
ATOM   882  C CD1 . TYR A 1 127 ? -0.27032  -8.02766  12.37741  1.000 15.74715 ? 127 TYR A CD1 1 
ATOM   883  C CD2 . TYR A 1 127 ? -1.45553  -6.05345  11.79270  1.000 14.82029 ? 127 TYR A CD2 1 
ATOM   884  C CE1 . TYR A 1 127 ? -1.31353  -8.42179  13.21209  1.000 17.52763 ? 127 TYR A CE1 1 
ATOM   885  C CE2 . TYR A 1 127 ? -2.50253  -6.42981  12.63539  1.000 20.56359 ? 127 TYR A CE2 1 
ATOM   886  C CZ  . TYR A 1 127 ? -2.43250  -7.62145  13.33300  1.000 24.33551 ? 127 TYR A CZ  1 
ATOM   887  O OH  . TYR A 1 127 ? -3.46014  -7.98959  14.17366  1.000 27.53029 ? 127 TYR A OH  1 
ATOM   888  N N   . LEU A 1 128 ? 3.88844   -4.97023  10.38510  1.000 10.22985 ? 128 LEU A N   1 
ATOM   889  C CA  . LEU A 1 128 ? 5.23486   -5.05542  9.84474   1.000 9.24102  ? 128 LEU A CA  1 
ATOM   890  C C   . LEU A 1 128 ? 6.32707   -4.92211  10.90590  1.000 12.69411 ? 128 LEU A C   1 
ATOM   891  O O   . LEU A 1 128 ? 7.35062   -5.60336  10.82249  1.000 13.19248 ? 128 LEU A O   1 
ATOM   892  C CB  . LEU A 1 128 ? 5.44798   -3.97476  8.76565   1.000 9.25683  ? 128 LEU A CB  1 
ATOM   893  C CG  . LEU A 1 128 ? 4.57477   -4.06903  7.50407   1.000 11.08902 ? 128 LEU A CG  1 
ATOM   894  C CD1 . LEU A 1 128 ? 4.95592   -2.98054  6.51273   1.000 14.48787 ? 128 LEU A CD1 1 
ATOM   895  C CD2 . LEU A 1 128 ? 4.64180   -5.41159  6.85809   1.000 14.96372 ? 128 LEU A CD2 1 
ATOM   896  N N   . ASN A 1 129 ? 6.13204   -4.02627  11.88508  1.000 10.17813 ? 129 ASN A N   1 
ATOM   897  C CA  . ASN A 1 129 ? 7.20627   -3.64308  12.79917  1.000 12.06695 ? 129 ASN A CA  1 
ATOM   898  C C   . ASN A 1 129 ? 7.03707   -4.05242  14.26287  1.000 18.61730 ? 129 ASN A C   1 
ATOM   899  O O   . ASN A 1 129 ? 8.03062   -4.24619  14.96809  1.000 15.54111 ? 129 ASN A O   1 
ATOM   900  C CB  . ASN A 1 129 ? 7.43468   -2.12792  12.75060  1.000 10.71229 ? 129 ASN A CB  1 
ATOM   901  C CG  . ASN A 1 129 ? 7.88435   -1.63104  11.39328  1.000 14.18156 ? 129 ASN A CG  1 
ATOM   902  O OD1 . ASN A 1 129 ? 7.45237   -0.56694  10.87751  1.000 14.86100 ? 129 ASN A OD1 1 
ATOM   903  N ND2 . ASN A 1 129 ? 8.77423   -2.36483  10.78549  1.000 10.40577 ? 129 ASN A ND2 1 
ATOM   904  N N   . ASN A 1 130 ? 5.79486   -4.16937  14.74278  1.000 13.63358 ? 130 ASN A N   1 
ATOM   905  C CA  . ASN A 1 130 ? 5.58522   -4.53124  16.14029  1.000 18.98474 ? 130 ASN A CA  1 
ATOM   906  C C   . ASN A 1 130 ? 4.31723   -5.35221  16.34589  1.000 17.91203 ? 130 ASN A C   1 
ATOM   907  O O   . ASN A 1 130 ? 3.36582   -4.90027  16.97271  1.000 17.48824 ? 130 ASN A O   1 
ATOM   908  C CB  . ASN A 1 130 ? 5.56967   -3.27468  17.00386  1.000 18.02393 ? 130 ASN A CB  1 
ATOM   909  C CG  . ASN A 1 130 ? 5.72770   -3.55269  18.49191  1.000 30.96324 ? 130 ASN A CG  1 
ATOM   910  O OD1 . ASN A 1 130 ? 5.96714   -4.68841  18.93363  1.000 34.23455 ? 130 ASN A OD1 1 
ATOM   911  N ND2 . ASN A 1 130 ? 5.61369   -2.51004  19.29751  1.000 32.07310 ? 130 ASN A ND2 1 
ATOM   912  N N   . PRO A 1 131 ? 4.23238   -6.57819  15.79876  1.000 15.32507 ? 131 PRO A N   1 
ATOM   913  C CA  . PRO A 1 131 ? 2.97877   -7.31593  15.82338  1.000 16.43574 ? 131 PRO A CA  1 
ATOM   914  C C   . PRO A 1 131 ? 2.58094   -7.79632  17.22163  1.000 20.16751 ? 131 PRO A C   1 
ATOM   915  O O   . PRO A 1 131 ? 3.40360   -7.85832  18.13602  1.000 20.62452 ? 131 PRO A O   1 
ATOM   916  C CB  . PRO A 1 131 ? 3.25086   -8.46639  14.87032  1.000 18.69153 ? 131 PRO A CB  1 
ATOM   917  C CG  . PRO A 1 131 ? 4.71880   -8.63844  14.90469  1.000 19.60862 ? 131 PRO A CG  1 
ATOM   918  C CD  . PRO A 1 131 ? 5.29175   -7.28491  15.05938  1.000 18.12461 ? 131 PRO A CD  1 
ATOM   919  N N   . PRO A 1 132 ? 1.28304   -8.10571  17.42899  1.000 24.55727 ? 132 PRO A N   1 
ATOM   920  C CA  . PRO A 1 132 ? 0.84275   -8.79478  18.64473  1.000 26.91077 ? 132 PRO A CA  1 
ATOM   921  C C   . PRO A 1 132 ? 1.34685   -10.23177 18.69284  1.000 27.85641 ? 132 PRO A C   1 
ATOM   922  O O   . PRO A 1 132 ? 1.79866   -10.77590 17.66857  1.000 28.61883 ? 132 PRO A O   1 
ATOM   923  C CB  . PRO A 1 132 ? -0.68741  -8.73242  18.56749  1.000 24.45278 ? 132 PRO A CB  1 
ATOM   924  C CG  . PRO A 1 132 ? -1.00928  -8.48075  17.12973  1.000 24.08658 ? 132 PRO A CG  1 
ATOM   925  C CD  . PRO A 1 132 ? 0.19818   -7.86425  16.46612  1.000 22.10774 ? 132 PRO A CD  1 
ATOM   926  N N   . GLY B 2 1   ? -8.32854  14.58825  -18.38850 1.000 27.36340 ? 0   GLY B N   1 
ATOM   927  C CA  . GLY B 2 1   ? -9.15996  13.57556  -17.75306 1.000 23.71447 ? 0   GLY B CA  1 
ATOM   928  C C   . GLY B 2 1   ? -9.71785  14.06347  -16.42197 1.000 26.30533 ? 0   GLY B C   1 
ATOM   929  O O   . GLY B 2 1   ? -9.60602  15.23778  -16.08529 1.000 20.35801 ? 0   GLY B O   1 
ATOM   930  N N   . PRO B 2 2   ? -10.32672 13.17549  -15.60839 1.000 21.71481 ? 1   PRO B N   1 
ATOM   931  C CA  . PRO B 2 2   ? -10.97514 13.60506  -14.37274 1.000 21.10447 ? 1   PRO B CA  1 
ATOM   932  C C   . PRO B 2 2   ? -10.01753 13.80406  -13.19444 1.000 25.14757 ? 1   PRO B C   1 
ATOM   933  O O   . PRO B 2 2   ? -10.44791 14.19322  -12.11101 1.000 21.46269 ? 1   PRO B O   1 
ATOM   934  C CB  . PRO B 2 2   ? -11.95238 12.46200  -14.12194 1.000 20.91176 ? 1   PRO B CB  1 
ATOM   935  C CG  . PRO B 2 2   ? -11.26060 11.25935  -14.65729 1.000 23.41661 ? 1   PRO B CG  1 
ATOM   936  C CD  . PRO B 2 2   ? -10.44681 11.72571  -15.84313 1.000 24.71405 ? 1   PRO B CD  1 
ATOM   937  N N   . GLY B 2 3   ? -8.72524  13.52514  -13.40291 1.000 17.86948 ? 2   GLY B N   1 
ATOM   938  C CA  . GLY B 2 3   ? -7.75515  13.57664  -12.31921 1.000 18.56338 ? 2   GLY B CA  1 
ATOM   939  C C   . GLY B 2 3   ? -7.00772  12.26035  -12.15919 1.000 15.90583 ? 2   GLY B C   1 
ATOM   940  O O   . GLY B 2 3   ? -7.50824  11.21593  -12.56028 1.000 18.52237 ? 2   GLY B O   1 
ATOM   941  N N   . SER B 2 4   ? -5.81415  12.30594  -11.55613 1.000 14.07675 ? 3   SER B N   1 
ATOM   942  C CA  . SER B 2 4   ? -4.95216  11.13469  -11.55858 1.000 13.09551 ? 3   SER B CA  1 
ATOM   943  C C   . SER B 2 4   ? -5.52663  9.95998   -10.76943 1.000 15.43074 ? 3   SER B C   1 
ATOM   944  O O   . SER B 2 4   ? -5.20879  8.81208   -11.07087 1.000 16.49876 ? 3   SER B O   1 
ATOM   945  C CB  . SER B 2 4   ? -3.55726  11.46328  -11.03710 1.000 13.55544 ? 3   SER B CB  1 
ATOM   946  O OG  . SER B 2 4   ? -3.56096  11.82103  -9.66407  1.000 13.11743 ? 3   SER B OG  1 
ATOM   947  N N   . MET B 2 5   ? -6.33150  10.27206  -9.74953  1.000 11.60598 ? 4   MET B N   1 
ATOM   948  C CA  . MET B 2 5   ? -6.83043  9.27167   -8.81305  1.000 12.14825 ? 4   MET B CA  1 
ATOM   949  C C   . MET B 2 5   ? -8.35443  9.34070   -8.74924  1.000 20.70626 ? 4   MET B C   1 
ATOM   950  O O   . MET B 2 5   ? -8.97132  9.00629   -7.73641  1.000 16.87087 ? 4   MET B O   1 
ATOM   951  C CB  . MET B 2 5   ? -6.17668  9.52826   -7.44612  1.000 13.95071 ? 4   MET B CB  1 
ATOM   952  C CG  . MET B 2 5   ? -4.75183  9.10822   -7.43422  1.000 13.06586 ? 4   MET B CG  1 
ATOM   953  S SD  . MET B 2 5   ? -3.85555  9.55961   -5.95298  1.000 16.04074 ? 4   MET B SD  1 
ATOM   954  C CE  . MET B 2 5   ? -3.65206  11.30982  -6.23608  1.000 11.66134 ? 4   MET B CE  1 
ATOM   955  N N   . THR B 2 6   ? -8.95453  9.79956   -9.85202  1.000 20.65904 ? 5   THR B N   1 
ATOM   956  C CA  . THR B 2 6   ? -10.39703 9.95721   -9.96025  1.000 22.47949 ? 5   THR B CA  1 
ATOM   957  C C   . THR B 2 6   ? -10.81990 9.13851   -11.17573 1.000 25.15196 ? 5   THR B C   1 
ATOM   958  O O   . THR B 2 6   ? -10.09926 9.10927   -12.17286 1.000 23.60292 ? 5   THR B O   1 
ATOM   959  C CB  . THR B 2 6   ? -10.77967 11.44197  -10.06290 1.000 22.26026 ? 5   THR B CB  1 
ATOM   960  O OG1 . THR B 2 6   ? -10.20588 12.14357  -8.95187  1.000 22.97310 ? 5   THR B OG1 1 
ATOM   961  C CG2 . THR B 2 6   ? -12.29301 11.65789  -10.07900 1.000 23.60420 ? 5   THR B CG2 1 
ATOM   962  N N   . THR B 2 7   ? -11.99544 8.51237   -11.09164 1.000 28.77959 ? 6   THR B N   1 
ATOM   963  C CA  . THR B 2 7   ? -12.53155 7.73427   -12.23919 1.000 27.66840 ? 6   THR B CA  1 
ATOM   964  C C   . THR B 2 7   ? -13.47100 8.62254   -13.06457 1.000 33.66160 ? 6   THR B C   1 
ATOM   965  O O   . THR B 2 7   ? -14.27660 9.33132   -12.43633 1.000 37.95308 ? 6   THR B O   1 
ATOM   966  C CB  . THR B 2 7   ? -13.26168 6.47950   -11.75243 1.000 32.02205 ? 6   THR B CB  1 
ATOM   967  O OG1 . THR B 2 7   ? -14.31063 6.90679   -10.88602 1.000 38.86653 ? 6   THR B OG1 1 
ATOM   968  C CG2 . THR B 2 7   ? -12.34936 5.52000   -11.02307 1.000 39.68103 ? 6   THR B CG2 1 
HETATM 969  C C   . ACT C 3 .   ? 5.89580   3.64181   -7.50577  1.000 9.45343  ? 201 ACT A C   1 
HETATM 970  O O   . ACT C 3 .   ? 5.66072   3.46801   -8.68054  1.000 27.78037 ? 201 ACT A O   1 
HETATM 971  O OXT . ACT C 3 .   ? 5.06069   3.39564   -6.58996  1.000 16.84883 ? 201 ACT A OXT 1 
HETATM 972  C CH3 . ACT C 3 .   ? 7.24906   4.23224   -7.13962  1.000 21.33002 ? 201 ACT A CH3 1 
HETATM 973  C C1  . EDO D 4 .   ? 1.65271   -12.18002 13.00179  1.000 31.34136 ? 202 EDO A C1  1 
HETATM 974  O O1  . EDO D 4 .   ? 2.78418   -12.74125 13.63078  1.000 33.85050 ? 202 EDO A O1  1 
HETATM 975  C C2  . EDO D 4 .   ? 0.51807   -12.03318 13.93050  1.000 33.04725 ? 202 EDO A C2  1 
HETATM 976  O O2  . EDO D 4 .   ? 0.79936   -11.06774 14.91120  1.000 36.20524 ? 202 EDO A O2  1 
HETATM 977  O O   . HOH E 5 .   ? -12.75221 -9.33943  4.97681   1.000 34.10822 ? 301 HOH A O   1 
HETATM 978  O O   . HOH E 5 .   ? 3.80651   -1.16721  -6.35298  1.000 16.65759 ? 302 HOH A O   1 
HETATM 979  O O   . HOH E 5 .   ? -2.78190  -3.66705  18.94248  1.000 26.70174 ? 303 HOH A O   1 
HETATM 980  O O   . HOH E 5 .   ? 6.82068   -17.14357 2.15610   1.000 24.06380 ? 304 HOH A O   1 
HETATM 981  O O   . HOH E 5 .   ? 16.98073  -3.10176  12.93393  1.000 28.82563 ? 305 HOH A O   1 
HETATM 982  O O   . HOH E 5 .   ? 9.11668   -3.18514  8.35688   1.000 10.51913 ? 306 HOH A O   1 
HETATM 983  O O   . HOH E 5 .   ? -9.68011  3.70381   4.21622   1.000 20.67168 ? 307 HOH A O   1 
HETATM 984  O O   . HOH E 5 .   ? -7.26473  8.44089   -2.62657  1.000 15.89377 ? 308 HOH A O   1 
HETATM 985  O O   . HOH E 5 .   ? -2.37536  16.87964  -6.56250  1.000 19.92217 ? 309 HOH A O   1 
HETATM 986  O O   . HOH E 5 .   ? -8.92964  -3.44070  -11.24077 1.000 18.29991 ? 310 HOH A O   1 
HETATM 987  O O   . HOH E 5 .   ? -8.73121  5.91104   10.89140  1.000 18.78842 ? 311 HOH A O   1 
HETATM 988  O O   . HOH E 5 .   ? -9.27443  2.69255   1.41548   1.000 20.59929 ? 312 HOH A O   1 
HETATM 989  O O   . HOH E 5 .   ? 2.91604   1.39283   -6.13122  1.000 12.44788 ? 313 HOH A O   1 
HETATM 990  O O   . HOH E 5 .   ? -3.38991  8.42635   -13.01903 1.000 14.87754 ? 314 HOH A O   1 
HETATM 991  O O   . HOH E 5 .   ? -4.00591  14.47331  1.60653   1.000 29.52847 ? 315 HOH A O   1 
HETATM 992  O O   . HOH E 5 .   ? -11.91330 4.48075   5.23404   1.000 19.26193 ? 316 HOH A O   1 
HETATM 993  O O   . HOH E 5 .   ? 14.46566  -2.01553  3.98046   1.000 19.06617 ? 317 HOH A O   1 
HETATM 994  O O   . HOH E 5 .   ? 5.86779   -8.87491  11.73148  1.000 18.06378 ? 318 HOH A O   1 
HETATM 995  O O   . HOH E 5 .   ? 4.47533   12.69012  -10.60235 1.000 19.01898 ? 319 HOH A O   1 
HETATM 996  O O   . HOH E 5 .   ? 10.11083  -20.03570 3.09144   1.000 21.49736 ? 320 HOH A O   1 
HETATM 997  O O   . HOH E 5 .   ? -2.26919  12.35655  0.51278   1.000 20.85313 ? 321 HOH A O   1 
HETATM 998  O O   . HOH E 5 .   ? 4.99393   -11.52409 12.57012  1.000 20.17768 ? 322 HOH A O   1 
HETATM 999  O O   . HOH E 5 .   ? 11.97192  3.85238   -5.01019  1.000 34.49021 ? 323 HOH A O   1 
HETATM 1000 O O   . HOH E 5 .   ? 5.79509   10.81247  10.52237  1.000 29.60499 ? 324 HOH A O   1 
HETATM 1001 O O   . HOH E 5 .   ? 14.60645  -6.14216  13.16778  1.000 25.48795 ? 325 HOH A O   1 
HETATM 1002 O O   . HOH E 5 .   ? 7.60542   -8.31348  9.80443   1.000 13.74273 ? 326 HOH A O   1 
HETATM 1003 O O   . HOH E 5 .   ? 10.19403  10.93748  -16.62081 1.000 32.13188 ? 327 HOH A O   1 
HETATM 1004 O O   . HOH E 5 .   ? 7.03638   -13.04431 11.14231  1.000 13.85362 ? 328 HOH A O   1 
HETATM 1005 O O   . HOH E 5 .   ? -7.48979  10.61762  5.24817   1.000 26.64283 ? 329 HOH A O   1 
HETATM 1006 O O   . HOH E 5 .   ? -4.00100  0.84111   -8.91907  1.000 12.79441 ? 330 HOH A O   1 
HETATM 1007 O O   . HOH E 5 .   ? 12.84696  -0.05509  14.77650  1.000 25.43078 ? 331 HOH A O   1 
HETATM 1008 O O   . HOH E 5 .   ? 1.34767   10.03140  -16.76955 1.000 32.21856 ? 332 HOH A O   1 
HETATM 1009 O O   . HOH E 5 .   ? -5.50093  -5.88375  14.77709  1.000 27.37150 ? 333 HOH A O   1 
HETATM 1010 O O   . HOH E 5 .   ? 8.61511   -11.60659 7.34953   1.000 15.75077 ? 334 HOH A O   1 
HETATM 1011 O O   . HOH E 5 .   ? 7.72845   -10.50438 -5.54328  1.000 32.12565 ? 335 HOH A O   1 
HETATM 1012 O O   . HOH E 5 .   ? -4.19855  3.78129   -14.89839 1.000 24.33916 ? 336 HOH A O   1 
HETATM 1013 O O   . HOH E 5 .   ? -0.77114  -18.49766 3.48347   1.000 37.86713 ? 337 HOH A O   1 
HETATM 1014 O O   . HOH E 5 .   ? -7.55334  -4.50171  7.81886   1.000 19.79741 ? 338 HOH A O   1 
HETATM 1015 O O   . HOH E 5 .   ? 1.28598   -20.30913 3.08190   1.000 36.70220 ? 339 HOH A O   1 
HETATM 1016 O O   . HOH E 5 .   ? 6.60540   -7.85658  -5.73136  1.000 20.85627 ? 340 HOH A O   1 
HETATM 1017 O O   . HOH E 5 .   ? -4.70717  -13.66831 -2.63684  1.000 39.74317 ? 341 HOH A O   1 
HETATM 1018 O O   . HOH E 5 .   ? -8.43633  8.51619   8.89700   1.000 22.47767 ? 342 HOH A O   1 
HETATM 1019 O O   . HOH E 5 .   ? -10.24189 -0.42306  -12.19273 1.000 23.99635 ? 343 HOH A O   1 
HETATM 1020 O O   . HOH E 5 .   ? 6.34886   0.87110   -12.02438 1.000 33.66834 ? 344 HOH A O   1 
HETATM 1021 O O   . HOH E 5 .   ? -15.26909 10.44963  4.36076   1.000 27.72276 ? 345 HOH A O   1 
HETATM 1022 O O   . HOH E 5 .   ? -13.99649 -4.96869  -4.65131  1.000 30.84947 ? 346 HOH A O   1 
HETATM 1023 O O   . HOH E 5 .   ? 10.54642  0.97254   11.02323  1.000 20.09109 ? 347 HOH A O   1 
HETATM 1024 O O   . HOH E 5 .   ? 9.18047   -20.86944 10.74606  1.000 35.16772 ? 348 HOH A O   1 
HETATM 1025 O O   . HOH E 5 .   ? 10.76914  -2.49343  14.66983  1.000 31.57070 ? 349 HOH A O   1 
HETATM 1026 O O   . HOH E 5 .   ? -10.03006 10.24227  -2.57009  1.000 30.99929 ? 350 HOH A O   1 
HETATM 1027 O O   . HOH E 5 .   ? 10.39044  -0.45559  12.99489  1.000 23.91429 ? 351 HOH A O   1 
HETATM 1028 O O   . HOH E 5 .   ? 16.50964  -2.90243  5.55891   1.000 26.64817 ? 352 HOH A O   1 
HETATM 1029 O O   . HOH E 5 .   ? 3.54959   -12.02538 -7.75669  1.000 43.87034 ? 353 HOH A O   1 
HETATM 1030 O O   . HOH E 5 .   ? -12.45268 -1.60559  -13.00797 1.000 38.43741 ? 354 HOH A O   1 
HETATM 1031 O O   . HOH E 5 .   ? 1.81228   -14.91592 -0.87087  1.000 35.28124 ? 355 HOH A O   1 
HETATM 1032 O O   . HOH E 5 .   ? 2.08662   -18.80765 10.93505  1.000 34.81073 ? 356 HOH A O   1 
HETATM 1033 O O   . HOH E 5 .   ? -14.57211 3.30477   5.40352   1.000 30.16321 ? 357 HOH A O   1 
HETATM 1034 O O   . HOH E 5 .   ? -12.86375 11.46256  -1.54657  1.000 42.57349 ? 358 HOH A O   1 
HETATM 1035 O O   . HOH E 5 .   ? 13.48354  -5.71645  15.38849  1.000 27.91995 ? 359 HOH A O   1 
HETATM 1036 O O   . HOH F 5 .   ? -7.64830  12.68373  -8.30258  1.000 18.30740 ? 101 HOH B O   1 
HETATM 1037 O O   . HOH F 5 .   ? -8.82905  8.84086   -4.82765  1.000 30.10314 ? 102 HOH B O   1 
# 
